data_146D
# 
_entry.id   146D 
# 
_audit_conform.dict_name       mmcif_pdbx.dic 
_audit_conform.dict_version    5.392 
_audit_conform.dict_location   http://mmcif.pdb.org/dictionaries/ascii/mmcif_pdbx.dic 
# 
loop_
_database_2.database_id 
_database_2.database_code 
_database_2.pdbx_database_accession 
_database_2.pdbx_DOI 
PDB   146D         pdb_0000146d 10.2210/pdb146d/pdb 
WWPDB D_1000170106 ?            ?                   
# 
loop_
_pdbx_audit_revision_history.ordinal 
_pdbx_audit_revision_history.data_content_type 
_pdbx_audit_revision_history.major_revision 
_pdbx_audit_revision_history.minor_revision 
_pdbx_audit_revision_history.revision_date 
1 'Structure model' 1 0 1995-03-31 
2 'Structure model' 1 1 2008-03-24 
3 'Structure model' 1 2 2011-07-13 
4 'Structure model' 2 0 2020-07-29 
5 'Structure model' 2 1 2022-01-19 
6 'Structure model' 2 2 2024-05-22 
# 
loop_
_pdbx_audit_revision_details.ordinal 
_pdbx_audit_revision_details.revision_ordinal 
_pdbx_audit_revision_details.data_content_type 
_pdbx_audit_revision_details.provider 
_pdbx_audit_revision_details.type 
_pdbx_audit_revision_details.description 
_pdbx_audit_revision_details.details 
1 1 'Structure model' repository 'Initial release' ?                          ? 
2 4 'Structure model' repository Remediation       'Carbohydrate remediation' ? 
# 
loop_
_pdbx_audit_revision_group.ordinal 
_pdbx_audit_revision_group.revision_ordinal 
_pdbx_audit_revision_group.data_content_type 
_pdbx_audit_revision_group.group 
1  2 'Structure model' 'Version format compliance' 
2  3 'Structure model' 'Version format compliance' 
3  4 'Structure model' 'Atomic model'              
4  4 'Structure model' 'Data collection'           
5  4 'Structure model' 'Derived calculations'      
6  4 'Structure model' Other                       
7  4 'Structure model' 'Structure summary'         
8  5 'Structure model' 'Database references'       
9  5 'Structure model' 'Structure summary'         
10 6 'Structure model' 'Data collection'           
# 
loop_
_pdbx_audit_revision_category.ordinal 
_pdbx_audit_revision_category.revision_ordinal 
_pdbx_audit_revision_category.data_content_type 
_pdbx_audit_revision_category.category 
1  4 'Structure model' atom_site                     
2  4 'Structure model' chem_comp                     
3  4 'Structure model' entity                        
4  4 'Structure model' entity_name_com               
5  4 'Structure model' entity_name_sys               
6  4 'Structure model' pdbx_branch_scheme            
7  4 'Structure model' pdbx_chem_comp_identifier     
8  4 'Structure model' pdbx_database_status          
9  4 'Structure model' pdbx_entity_branch            
10 4 'Structure model' pdbx_entity_branch_descriptor 
11 4 'Structure model' pdbx_entity_branch_link       
12 4 'Structure model' pdbx_entity_branch_list       
13 4 'Structure model' pdbx_entity_nonpoly           
14 4 'Structure model' pdbx_nonpoly_scheme           
15 4 'Structure model' pdbx_struct_assembly          
16 4 'Structure model' pdbx_struct_conn_angle        
17 4 'Structure model' pdbx_struct_oper_list         
18 4 'Structure model' struct_asym                   
19 4 'Structure model' struct_conn                   
20 4 'Structure model' struct_site                   
21 4 'Structure model' struct_site_gen               
22 5 'Structure model' chem_comp                     
23 5 'Structure model' database_2                    
24 5 'Structure model' entity_name_com               
25 6 'Structure model' chem_comp_atom                
26 6 'Structure model' chem_comp_bond                
# 
loop_
_pdbx_audit_revision_item.ordinal 
_pdbx_audit_revision_item.revision_ordinal 
_pdbx_audit_revision_item.data_content_type 
_pdbx_audit_revision_item.item 
1  4 'Structure model' '_atom_site.B_iso_or_equiv'                   
2  4 'Structure model' '_atom_site.Cartn_x'                          
3  4 'Structure model' '_atom_site.Cartn_y'                          
4  4 'Structure model' '_atom_site.Cartn_z'                          
5  4 'Structure model' '_atom_site.auth_asym_id'                     
6  4 'Structure model' '_atom_site.auth_atom_id'                     
7  4 'Structure model' '_atom_site.auth_comp_id'                     
8  4 'Structure model' '_atom_site.auth_seq_id'                      
9  4 'Structure model' '_atom_site.label_asym_id'                    
10 4 'Structure model' '_atom_site.label_atom_id'                    
11 4 'Structure model' '_atom_site.label_comp_id'                    
12 4 'Structure model' '_atom_site.label_entity_id'                  
13 4 'Structure model' '_atom_site.type_symbol'                      
14 4 'Structure model' '_chem_comp.name'                             
15 4 'Structure model' '_chem_comp.type'                             
16 4 'Structure model' '_entity_name_com.entity_id'                  
17 4 'Structure model' '_entity_name_sys.entity_id'                  
18 4 'Structure model' '_entity_name_sys.name'                       
19 4 'Structure model' '_pdbx_database_status.process_site'          
20 4 'Structure model' '_pdbx_struct_conn_angle.ptnr1_auth_asym_id'  
21 4 'Structure model' '_pdbx_struct_conn_angle.ptnr1_auth_seq_id'   
22 4 'Structure model' '_pdbx_struct_conn_angle.ptnr1_label_asym_id' 
23 4 'Structure model' '_pdbx_struct_conn_angle.ptnr1_label_atom_id' 
24 4 'Structure model' '_pdbx_struct_conn_angle.ptnr3_auth_asym_id'  
25 4 'Structure model' '_pdbx_struct_conn_angle.ptnr3_auth_seq_id'   
26 4 'Structure model' '_pdbx_struct_conn_angle.ptnr3_label_asym_id' 
27 4 'Structure model' '_pdbx_struct_conn_angle.ptnr3_label_atom_id' 
28 4 'Structure model' '_pdbx_struct_conn_angle.value'               
29 4 'Structure model' '_struct_conn.conn_type_id'                   
30 4 'Structure model' '_struct_conn.id'                             
31 4 'Structure model' '_struct_conn.pdbx_dist_value'                
32 4 'Structure model' '_struct_conn.pdbx_leaving_atom_flag'         
33 4 'Structure model' '_struct_conn.pdbx_value_order'               
34 4 'Structure model' '_struct_conn.ptnr1_auth_asym_id'             
35 4 'Structure model' '_struct_conn.ptnr1_auth_comp_id'             
36 4 'Structure model' '_struct_conn.ptnr1_auth_seq_id'              
37 4 'Structure model' '_struct_conn.ptnr1_label_asym_id'            
38 4 'Structure model' '_struct_conn.ptnr1_label_atom_id'            
39 4 'Structure model' '_struct_conn.ptnr1_label_comp_id'            
40 4 'Structure model' '_struct_conn.ptnr2_auth_asym_id'             
41 4 'Structure model' '_struct_conn.ptnr2_auth_comp_id'             
42 4 'Structure model' '_struct_conn.ptnr2_auth_seq_id'              
43 4 'Structure model' '_struct_conn.ptnr2_label_asym_id'            
44 4 'Structure model' '_struct_conn.ptnr2_label_atom_id'            
45 4 'Structure model' '_struct_conn.ptnr2_label_comp_id'            
46 5 'Structure model' '_chem_comp.pdbx_synonyms'                    
47 5 'Structure model' '_database_2.pdbx_DOI'                        
48 5 'Structure model' '_database_2.pdbx_database_accession'         
49 5 'Structure model' '_entity_name_com.entity_id'                  
# 
_pdbx_database_status.status_code                     REL 
_pdbx_database_status.entry_id                        146D 
_pdbx_database_status.recvd_initial_deposition_date   1993-11-09 
_pdbx_database_status.deposit_site                    ? 
_pdbx_database_status.process_site                    BNL 
_pdbx_database_status.SG_entry                        . 
_pdbx_database_status.status_code_sf                  ? 
_pdbx_database_status.status_code_mr                  ? 
_pdbx_database_status.pdb_format_compatible           Y 
_pdbx_database_status.status_code_cs                  ? 
_pdbx_database_status.status_code_nmr_data            ? 
_pdbx_database_status.methods_development_category    ? 
# 
loop_
_audit_author.name 
_audit_author.pdbx_ordinal 
'Sastry, M.'  1 
'Patel, D.J.' 2 
# 
_citation.id                        primary 
_citation.title                     'Solution structure of the mithramycin dimer-DNA complex.' 
_citation.journal_abbrev            Biochemistry 
_citation.journal_volume            32 
_citation.page_first                6588 
_citation.page_last                 6604 
_citation.year                      1993 
_citation.journal_id_ASTM           BICHAW 
_citation.country                   US 
_citation.journal_id_ISSN           0006-2960 
_citation.journal_id_CSD            0033 
_citation.book_publisher            ? 
_citation.pdbx_database_id_PubMed   8329387 
_citation.pdbx_database_id_DOI      10.1021/bi00077a012 
# 
loop_
_citation_author.citation_id 
_citation_author.name 
_citation_author.ordinal 
_citation_author.identifier_ORCID 
primary 'Sastry, M.'  1 ? 
primary 'Patel, D.J.' 2 ? 
# 
loop_
_entity.id 
_entity.type 
_entity.src_method 
_entity.pdbx_description 
_entity.formula_weight 
_entity.pdbx_number_of_molecules 
_entity.pdbx_ec 
_entity.pdbx_mutation 
_entity.pdbx_fragment 
_entity.details 
1 polymer     syn 
;DNA (5'-D(*TP*CP*GP*CP*GP*A)-3')
;
1809.217 2 ? ? ? ? 
2 branched    man 'beta-D-Olivopyranose-(1-3)-beta-D-Olivopyranose' 278.299  2 ? ? ? ? 
3 branched    syn 
'2,6-dideoxy-3-C-methyl-beta-D-ribo-hexopyranose-(1-3)-2,6-dideoxy-beta-D-galactopyranose-(1-3)-beta-D-Olivopyranose' 422.468  2 ? 
? ? ? 
4 non-polymer syn 'MAGNESIUM ION' 24.305   1 ? ? ? ? 
5 non-polymer syn '1,2-HYDRO-1-OXY-3,4-HYDRO-3-(1-METHOXY-2-OXY-3,4-DIHYDROXYPENTYL)-8,9-DIHYROXY-7-METHYLANTHRACENE' 388.411  2 ? 
? ? ? 
# 
_entity_name_com.entity_id   4 
_entity_name_com.name        MAGNESIUM 
# 
loop_
_entity_name_sys.entity_id 
_entity_name_sys.name 
1 
;DNA (5'-D(*TP*CP*GP*CP*GP*A)-3')
;
3 '2,6-DIDEOXY-3 C-METHYL-D-RIBOPYRANOSIDE'                                                           
5 '1,2-HYDRO-1-OXY-3,4-HYDRO-3-(1-METHOXY-2-OXY-3,4-DIHYDROXYPENTYL)-8,9-DIHYROXY-7-METHYLANTHRACENE' 
# 
_entity_poly.entity_id                      1 
_entity_poly.type                           polydeoxyribonucleotide 
_entity_poly.nstd_linkage                   no 
_entity_poly.nstd_monomer                   no 
_entity_poly.pdbx_seq_one_letter_code       '(DT)(DC)(DG)(DC)(DG)(DA)' 
_entity_poly.pdbx_seq_one_letter_code_can   TCGCGA 
_entity_poly.pdbx_strand_id                 A,B 
_entity_poly.pdbx_target_identifier         ? 
# 
loop_
_pdbx_entity_nonpoly.entity_id 
_pdbx_entity_nonpoly.name 
_pdbx_entity_nonpoly.comp_id 
4 'MAGNESIUM ION'                                                                                     MG  
5 '1,2-HYDRO-1-OXY-3,4-HYDRO-3-(1-METHOXY-2-OXY-3,4-DIHYDROXYPENTYL)-8,9-DIHYROXY-7-METHYLANTHRACENE' CRH 
# 
loop_
_entity_poly_seq.entity_id 
_entity_poly_seq.num 
_entity_poly_seq.mon_id 
_entity_poly_seq.hetero 
1 1 DT n 
1 2 DC n 
1 3 DG n 
1 4 DC n 
1 5 DG n 
1 6 DA n 
# 
_pdbx_entity_src_syn.entity_id              1 
_pdbx_entity_src_syn.pdbx_src_id            1 
_pdbx_entity_src_syn.pdbx_alt_source_flag   sample 
_pdbx_entity_src_syn.pdbx_beg_seq_num       ? 
_pdbx_entity_src_syn.pdbx_end_seq_num       ? 
_pdbx_entity_src_syn.organism_scientific    ? 
_pdbx_entity_src_syn.organism_common_name   ? 
_pdbx_entity_src_syn.ncbi_taxonomy_id       ? 
_pdbx_entity_src_syn.details                'CHEMICALLY SYNTHESIZED' 
# 
loop_
_pdbx_entity_branch.entity_id 
_pdbx_entity_branch.type 
2 oligosaccharide 
3 oligosaccharide 
# 
loop_
_pdbx_entity_branch_descriptor.ordinal 
_pdbx_entity_branch_descriptor.entity_id 
_pdbx_entity_branch_descriptor.descriptor 
_pdbx_entity_branch_descriptor.type 
_pdbx_entity_branch_descriptor.program 
_pdbx_entity_branch_descriptor.program_version 
1 2 DOlib1-3DOlib1-ROH                                                                    'Glycam Condensed Sequence' GMML       
1.0   
2 2 'WURCS=2.0/1,2,1/[ad122m-1b_1-5]/1-1/a3-b1'                                           WURCS                       PDB2Glycan 
1.1.0 
3 2 '[][b-D-2,6-deoxy-Glcp]{[(3+1)][b-D-2,6-deoxy-Glcp]{}}'                               LINUCS                      PDB-CARE   ? 
4 3 'WURCS=2.0/3,3,2/[ad122m-1b_1-5][ad112m-1b_1-5][ad622m-1b_1-5_3*C]/1-2-3/a3-b1_b3-c1' WURCS                       PDB2Glycan 
1.1.0 
5 3 '[][b-D-2,6-deoxy-Glcp]{[(3+1)][b-D-2-deoxy-Fucp]{[(3+1)][b-D-2,6-deoxy-Allp]{}}}'    LINUCS                      PDB-CARE   ? 
# 
loop_
_pdbx_entity_branch_link.link_id 
_pdbx_entity_branch_link.entity_id 
_pdbx_entity_branch_link.entity_branch_list_num_1 
_pdbx_entity_branch_link.comp_id_1 
_pdbx_entity_branch_link.atom_id_1 
_pdbx_entity_branch_link.leaving_atom_id_1 
_pdbx_entity_branch_link.entity_branch_list_num_2 
_pdbx_entity_branch_link.comp_id_2 
_pdbx_entity_branch_link.atom_id_2 
_pdbx_entity_branch_link.leaving_atom_id_2 
_pdbx_entity_branch_link.value_order 
_pdbx_entity_branch_link.details 
1 2 2 DDA C1 O1 1 DDA O3 HO3 sing ? 
2 3 2 DDL C1 O1 1 DDA O3 HO3 sing ? 
3 3 3 MDA C1 O1 2 DDL O3 HO3 sing ? 
# 
loop_
_chem_comp.id 
_chem_comp.type 
_chem_comp.mon_nstd_flag 
_chem_comp.name 
_chem_comp.pdbx_synonyms 
_chem_comp.formula 
_chem_comp.formula_weight 
CRH non-polymer                  . 
'1,2-HYDRO-1-OXY-3,4-HYDRO-3-(1-METHOXY-2-OXY-3,4-DIHYDROXYPENTYL)-8,9-DIHYROXY-7-METHYLANTHRACENE' ? 'C21 H24 O7'      388.411 
DA  'DNA linking'                y "2'-DEOXYADENOSINE-5'-MONOPHOSPHATE" ? 'C10 H14 N5 O6 P' 331.222 
DC  'DNA linking'                y "2'-DEOXYCYTIDINE-5'-MONOPHOSPHATE" ? 'C9 H14 N3 O7 P'  307.197 
DDA 'D-saccharide, beta linking' . beta-D-Olivopyranose 
;beta-D-Olivose; 2,6-dideoxy-beta-D-arabino-hexopyranose; 2,6-dideoxy-beta-D-glucopyranose; 2,6-dideoxy-beta-D-mannopyranose; 2-deoxy-beta-D-quinovopyranose; 2-deoxy-beta-D-rhamnoopyranose; D-Olivose; Olivose; 2,6-DIDEOXY-BETA-D-GLUCOSE; 2,6-DIDEOXY-BETA-D-MANNOSE
;
'C6 H12 O4'       148.157 
DDL 'D-saccharide, beta linking' . 2,6-dideoxy-beta-D-galactopyranose 
;2,6-DIDEOXY-BETA-D-GALACTOSE; 2,6-DIDEOXY-BETA-D-TALOSE; 2,6-dideoxy-beta-D-lyxo-hexopyranose; 2-deoxy-beta-D-fucopyranose; 2,6-dideoxy-D-galactose; 2,6-dideoxy-galactose
;
'C6 H12 O4'       148.157 
DG  'DNA linking'                y "2'-DEOXYGUANOSINE-5'-MONOPHOSPHATE" ? 'C10 H14 N5 O7 P' 347.221 
DT  'DNA linking'                y "THYMIDINE-5'-MONOPHOSPHATE" ? 'C10 H15 N2 O8 P' 322.208 
MDA 'D-saccharide, beta linking' . 2,6-dideoxy-3-C-methyl-beta-D-ribo-hexopyranose 
;2,6-DIDEOXY-3 C-METHYL-D-RIBOPYRANOSIDE; 2,6-dideoxy-3-C-methyl-beta-D-ribo-hexose; 2,6-dideoxy-3-C-methyl-D-ribo-hexose; 2,6-dideoxy-3-C-methyl-ribo-hexose
;
'C7 H14 O4'       162.184 
MG  non-polymer                  . 'MAGNESIUM ION' ? 'Mg 2'            24.305  
# 
loop_
_pdbx_chem_comp_identifier.comp_id 
_pdbx_chem_comp_identifier.type 
_pdbx_chem_comp_identifier.program 
_pdbx_chem_comp_identifier.program_version 
_pdbx_chem_comp_identifier.identifier 
DDA 'CONDENSED IUPAC CARBOHYDRATE SYMBOL' GMML     1.0 DOlib              
DDA 'COMMON NAME'                         GMML     1.0 b-D-Olivopyranose  
DDA 'IUPAC CARBOHYDRATE SYMBOL'           PDB-CARE 1.0 b-D-2,6-deoxy-Glcp 
DDA 'SNFG CARBOHYDRATE SYMBOL'            GMML     1.0 Oli                
DDL 'IUPAC CARBOHYDRATE SYMBOL'           PDB-CARE 1.0 b-D-2-deoxy-Fucp   
# 
loop_
_pdbx_poly_seq_scheme.asym_id 
_pdbx_poly_seq_scheme.entity_id 
_pdbx_poly_seq_scheme.seq_id 
_pdbx_poly_seq_scheme.mon_id 
_pdbx_poly_seq_scheme.ndb_seq_num 
_pdbx_poly_seq_scheme.pdb_seq_num 
_pdbx_poly_seq_scheme.auth_seq_num 
_pdbx_poly_seq_scheme.pdb_mon_id 
_pdbx_poly_seq_scheme.auth_mon_id 
_pdbx_poly_seq_scheme.pdb_strand_id 
_pdbx_poly_seq_scheme.pdb_ins_code 
_pdbx_poly_seq_scheme.hetero 
A 1 1 DT 1 1  1  DT T A . n 
A 1 2 DC 2 2  2  DC C A . n 
A 1 3 DG 3 3  3  DG G A . n 
A 1 4 DC 4 4  4  DC C A . n 
A 1 5 DG 5 5  5  DG G A . n 
A 1 6 DA 6 6  6  DA A A . n 
B 1 1 DT 1 7  7  DT T B . n 
B 1 2 DC 2 8  8  DC C B . n 
B 1 3 DG 3 9  9  DG G B . n 
B 1 4 DC 4 10 10 DC C B . n 
B 1 5 DG 5 11 11 DG G B . n 
B 1 6 DA 6 12 12 DA A B . n 
# 
loop_
_pdbx_branch_scheme.asym_id 
_pdbx_branch_scheme.entity_id 
_pdbx_branch_scheme.mon_id 
_pdbx_branch_scheme.num 
_pdbx_branch_scheme.pdb_asym_id 
_pdbx_branch_scheme.pdb_mon_id 
_pdbx_branch_scheme.pdb_seq_num 
_pdbx_branch_scheme.auth_asym_id 
_pdbx_branch_scheme.auth_mon_id 
_pdbx_branch_scheme.auth_seq_num 
_pdbx_branch_scheme.hetero 
C 2 DDA 1 C DDA 1 ? DDA 8  n 
C 2 DDA 2 C DDA 2 ? DDA 7  n 
D 3 DDA 1 D DDA 1 ? DDA 10 n 
D 3 DDL 2 D DDL 2 ? DDL 11 n 
D 3 MDA 3 D MDA 3 ? MDA 12 n 
E 2 DDA 1 E DDA 1 ? DDA 2  n 
E 2 DDA 2 E DDA 2 ? DDA 1  n 
F 3 DDA 1 F DDA 1 ? DDA 4  n 
F 3 DDL 2 F DDL 2 ? DDL 5  n 
F 3 MDA 3 F MDA 3 ? MDA 6  n 
# 
loop_
_pdbx_nonpoly_scheme.asym_id 
_pdbx_nonpoly_scheme.entity_id 
_pdbx_nonpoly_scheme.mon_id 
_pdbx_nonpoly_scheme.ndb_seq_num 
_pdbx_nonpoly_scheme.pdb_seq_num 
_pdbx_nonpoly_scheme.auth_seq_num 
_pdbx_nonpoly_scheme.pdb_mon_id 
_pdbx_nonpoly_scheme.auth_mon_id 
_pdbx_nonpoly_scheme.pdb_strand_id 
_pdbx_nonpoly_scheme.pdb_ins_code 
G 4 MG  1 13 13 MG  MG  A . 
H 5 CRH 1 9  9  CRH CRH A . 
I 5 CRH 1 3  3  CRH CRH B . 
# 
loop_
_software.name 
_software.classification 
_software.version 
_software.citation_id 
_software.pdbx_ordinal 
X-PLOR 'model building' . ? 1 
X-PLOR refinement       . ? 2 
X-PLOR phasing          . ? 3 
# 
_cell.entry_id           146D 
_cell.length_a           1.000 
_cell.length_b           1.000 
_cell.length_c           1.000 
_cell.angle_alpha        90.00 
_cell.angle_beta         90.00 
_cell.angle_gamma        90.00 
_cell.Z_PDB              1 
_cell.pdbx_unique_axis   ? 
# 
_symmetry.entry_id                         146D 
_symmetry.space_group_name_H-M             'P 1' 
_symmetry.pdbx_full_space_group_name_H-M   ? 
_symmetry.cell_setting                     ? 
_symmetry.Int_Tables_number                1 
# 
_exptl.entry_id          146D 
_exptl.method            'SOLUTION NMR' 
_exptl.crystals_number   ? 
# 
_struct.entry_id                  146D 
_struct.title                     'SOLUTION STRUCTURE OF THE MITHRAMYCIN DIMER-DNA COMPLEX' 
_struct.pdbx_model_details        ? 
_struct.pdbx_CASP_flag            ? 
_struct.pdbx_model_type_details   ? 
# 
_struct_keywords.entry_id        146D 
_struct_keywords.pdbx_keywords   DNA 
_struct_keywords.text            'DNA, MITHRAMYCIN DIMER' 
# 
loop_
_struct_asym.id 
_struct_asym.pdbx_blank_PDB_chainid_flag 
_struct_asym.pdbx_modified 
_struct_asym.entity_id 
_struct_asym.details 
A N N 1 ? 
B N N 1 ? 
C N N 2 ? 
D N N 3 ? 
E N N 2 ? 
F N N 3 ? 
G N N 4 ? 
H N N 5 ? 
I N N 5 ? 
# 
_struct_ref.id                         1 
_struct_ref.entity_id                  1 
_struct_ref.db_name                    PDB 
_struct_ref.db_code                    146D 
_struct_ref.pdbx_db_accession          146D 
_struct_ref.pdbx_align_begin           ? 
_struct_ref.pdbx_seq_one_letter_code   ? 
_struct_ref.pdbx_db_isoform            ? 
# 
loop_
_struct_ref_seq.align_id 
_struct_ref_seq.ref_id 
_struct_ref_seq.pdbx_PDB_id_code 
_struct_ref_seq.pdbx_strand_id 
_struct_ref_seq.seq_align_beg 
_struct_ref_seq.pdbx_seq_align_beg_ins_code 
_struct_ref_seq.seq_align_end 
_struct_ref_seq.pdbx_seq_align_end_ins_code 
_struct_ref_seq.pdbx_db_accession 
_struct_ref_seq.db_align_beg 
_struct_ref_seq.pdbx_db_align_beg_ins_code 
_struct_ref_seq.db_align_end 
_struct_ref_seq.pdbx_db_align_end_ins_code 
_struct_ref_seq.pdbx_auth_seq_align_beg 
_struct_ref_seq.pdbx_auth_seq_align_end 
1 1 146D A 1 ? 6 ? 146D 1 ? 6  ? 1 6  
2 1 146D B 1 ? 6 ? 146D 7 ? 12 ? 7 12 
# 
_pdbx_struct_assembly.id                   1 
_pdbx_struct_assembly.details              author_defined_assembly 
_pdbx_struct_assembly.method_details       ? 
_pdbx_struct_assembly.oligomeric_details   dimeric 
_pdbx_struct_assembly.oligomeric_count     2 
# 
_pdbx_struct_assembly_gen.assembly_id       1 
_pdbx_struct_assembly_gen.oper_expression   1 
_pdbx_struct_assembly_gen.asym_id_list      A,B,C,D,E,F,G,H,I 
# 
_pdbx_struct_oper_list.id                   1 
_pdbx_struct_oper_list.type                 'identity operation' 
_pdbx_struct_oper_list.name                 1_555 
_pdbx_struct_oper_list.symmetry_operation   x,y,z 
_pdbx_struct_oper_list.matrix[1][1]         1.0000000000 
_pdbx_struct_oper_list.matrix[1][2]         0.0000000000 
_pdbx_struct_oper_list.matrix[1][3]         0.0000000000 
_pdbx_struct_oper_list.vector[1]            0.0000000000 
_pdbx_struct_oper_list.matrix[2][1]         0.0000000000 
_pdbx_struct_oper_list.matrix[2][2]         1.0000000000 
_pdbx_struct_oper_list.matrix[2][3]         0.0000000000 
_pdbx_struct_oper_list.vector[2]            0.0000000000 
_pdbx_struct_oper_list.matrix[3][1]         0.0000000000 
_pdbx_struct_oper_list.matrix[3][2]         0.0000000000 
_pdbx_struct_oper_list.matrix[3][3]         1.0000000000 
_pdbx_struct_oper_list.vector[3]            0.0000000000 
# 
loop_
_struct_conn.id 
_struct_conn.conn_type_id 
_struct_conn.pdbx_leaving_atom_flag 
_struct_conn.pdbx_PDB_id 
_struct_conn.ptnr1_label_asym_id 
_struct_conn.ptnr1_label_comp_id 
_struct_conn.ptnr1_label_seq_id 
_struct_conn.ptnr1_label_atom_id 
_struct_conn.pdbx_ptnr1_label_alt_id 
_struct_conn.pdbx_ptnr1_PDB_ins_code 
_struct_conn.pdbx_ptnr1_standard_comp_id 
_struct_conn.ptnr1_symmetry 
_struct_conn.ptnr2_label_asym_id 
_struct_conn.ptnr2_label_comp_id 
_struct_conn.ptnr2_label_seq_id 
_struct_conn.ptnr2_label_atom_id 
_struct_conn.pdbx_ptnr2_label_alt_id 
_struct_conn.pdbx_ptnr2_PDB_ins_code 
_struct_conn.ptnr1_auth_asym_id 
_struct_conn.ptnr1_auth_comp_id 
_struct_conn.ptnr1_auth_seq_id 
_struct_conn.ptnr2_auth_asym_id 
_struct_conn.ptnr2_auth_comp_id 
_struct_conn.ptnr2_auth_seq_id 
_struct_conn.ptnr2_symmetry 
_struct_conn.pdbx_ptnr3_label_atom_id 
_struct_conn.pdbx_ptnr3_label_seq_id 
_struct_conn.pdbx_ptnr3_label_comp_id 
_struct_conn.pdbx_ptnr3_label_asym_id 
_struct_conn.pdbx_ptnr3_label_alt_id 
_struct_conn.pdbx_ptnr3_PDB_ins_code 
_struct_conn.details 
_struct_conn.pdbx_dist_value 
_struct_conn.pdbx_value_order 
_struct_conn.pdbx_role 
covale1  covale one  ? H CRH . C6 ? ? ? 1_555 C DDA . O1 ? ? A CRH 9  C DDA 1  1_555 ? ? ? ? ? ? ?            1.393 ?    ? 
covale2  covale one  ? H CRH . C2 ? ? ? 1_555 D DDA . O1 ? ? A CRH 9  D DDA 1  1_555 ? ? ? ? ? ? ?            1.429 ?    ? 
covale3  covale one  ? I CRH . C6 ? ? ? 1_555 E DDA . O1 ? ? B CRH 3  E DDA 1  1_555 ? ? ? ? ? ? ?            1.392 ?    ? 
covale4  covale one  ? I CRH . C2 ? ? ? 1_555 F DDA . O1 ? ? B CRH 3  F DDA 1  1_555 ? ? ? ? ? ? ?            1.428 ?    ? 
covale5  covale both ? C DDA . O3 ? ? ? 1_555 C DDA . C1 ? ? C DDA 1  C DDA 2  1_555 ? ? ? ? ? ? ?            1.430 sing ? 
covale6  covale both ? D DDA . O3 ? ? ? 1_555 D DDL . C1 ? ? D DDA 1  D DDL 2  1_555 ? ? ? ? ? ? ?            1.432 sing ? 
covale7  covale both ? D DDL . O3 ? ? ? 1_555 D MDA . C1 ? ? D DDL 2  D MDA 3  1_555 ? ? ? ? ? ? ?            1.437 sing ? 
covale8  covale both ? E DDA . O3 ? ? ? 1_555 E DDA . C1 ? ? E DDA 1  E DDA 2  1_555 ? ? ? ? ? ? ?            1.431 sing ? 
covale9  covale both ? F DDA . O3 ? ? ? 1_555 F DDL . C1 ? ? F DDA 1  F DDL 2  1_555 ? ? ? ? ? ? ?            1.431 sing ? 
covale10 covale both ? F DDL . O3 ? ? ? 1_555 F MDA . C1 ? ? F DDL 2  F MDA 3  1_555 ? ? ? ? ? ? ?            1.436 sing ? 
metalc1  metalc ?    ? H CRH . O9 ? ? ? 1_555 G MG  . MG ? ? A CRH 9  A MG  13 1_555 ? ? ? ? ? ? ?            2.134 ?    ? 
metalc2  metalc ?    ? H CRH . O1 ? ? ? 1_555 G MG  . MG ? ? A CRH 9  A MG  13 1_555 ? ? ? ? ? ? ?            2.377 ?    ? 
metalc3  metalc ?    ? G MG  . MG ? ? ? 1_555 I CRH . O9 ? ? A MG  13 B CRH 3  1_555 ? ? ? ? ? ? ?            2.132 ?    ? 
metalc4  metalc ?    ? G MG  . MG ? ? ? 1_555 I CRH . O1 ? ? A MG  13 B CRH 3  1_555 ? ? ? ? ? ? ?            2.378 ?    ? 
hydrog1  hydrog ?    ? A DT  1 N3 ? ? ? 1_555 B DA  6 N1 ? ? A DT  1  B DA  12 1_555 ? ? ? ? ? ? WATSON-CRICK ?     ?    ? 
hydrog2  hydrog ?    ? A DT  1 O4 ? ? ? 1_555 B DA  6 N6 ? ? A DT  1  B DA  12 1_555 ? ? ? ? ? ? WATSON-CRICK ?     ?    ? 
hydrog3  hydrog ?    ? A DC  2 N3 ? ? ? 1_555 B DG  5 N1 ? ? A DC  2  B DG  11 1_555 ? ? ? ? ? ? WATSON-CRICK ?     ?    ? 
hydrog4  hydrog ?    ? A DC  2 N4 ? ? ? 1_555 B DG  5 O6 ? ? A DC  2  B DG  11 1_555 ? ? ? ? ? ? WATSON-CRICK ?     ?    ? 
hydrog5  hydrog ?    ? A DC  2 O2 ? ? ? 1_555 B DG  5 N2 ? ? A DC  2  B DG  11 1_555 ? ? ? ? ? ? WATSON-CRICK ?     ?    ? 
hydrog6  hydrog ?    ? A DG  3 N1 ? ? ? 1_555 B DC  4 N3 ? ? A DG  3  B DC  10 1_555 ? ? ? ? ? ? WATSON-CRICK ?     ?    ? 
hydrog7  hydrog ?    ? A DG  3 N2 ? ? ? 1_555 B DC  4 O2 ? ? A DG  3  B DC  10 1_555 ? ? ? ? ? ? WATSON-CRICK ?     ?    ? 
hydrog8  hydrog ?    ? A DG  3 O6 ? ? ? 1_555 B DC  4 N4 ? ? A DG  3  B DC  10 1_555 ? ? ? ? ? ? WATSON-CRICK ?     ?    ? 
hydrog9  hydrog ?    ? A DC  4 N3 ? ? ? 1_555 B DG  3 N1 ? ? A DC  4  B DG  9  1_555 ? ? ? ? ? ? WATSON-CRICK ?     ?    ? 
hydrog10 hydrog ?    ? A DC  4 N4 ? ? ? 1_555 B DG  3 O6 ? ? A DC  4  B DG  9  1_555 ? ? ? ? ? ? WATSON-CRICK ?     ?    ? 
hydrog11 hydrog ?    ? A DC  4 O2 ? ? ? 1_555 B DG  3 N2 ? ? A DC  4  B DG  9  1_555 ? ? ? ? ? ? WATSON-CRICK ?     ?    ? 
hydrog12 hydrog ?    ? A DG  5 N1 ? ? ? 1_555 B DC  2 N3 ? ? A DG  5  B DC  8  1_555 ? ? ? ? ? ? WATSON-CRICK ?     ?    ? 
hydrog13 hydrog ?    ? A DG  5 N2 ? ? ? 1_555 B DC  2 O2 ? ? A DG  5  B DC  8  1_555 ? ? ? ? ? ? WATSON-CRICK ?     ?    ? 
hydrog14 hydrog ?    ? A DG  5 O6 ? ? ? 1_555 B DC  2 N4 ? ? A DG  5  B DC  8  1_555 ? ? ? ? ? ? WATSON-CRICK ?     ?    ? 
hydrog15 hydrog ?    ? A DA  6 N1 ? ? ? 1_555 B DT  1 N3 ? ? A DA  6  B DT  7  1_555 ? ? ? ? ? ? WATSON-CRICK ?     ?    ? 
hydrog16 hydrog ?    ? A DA  6 N6 ? ? ? 1_555 B DT  1 O4 ? ? A DA  6  B DT  7  1_555 ? ? ? ? ? ? WATSON-CRICK ?     ?    ? 
# 
loop_
_struct_conn_type.id 
_struct_conn_type.criteria 
_struct_conn_type.reference 
covale ? ? 
metalc ? ? 
hydrog ? ? 
# 
loop_
_pdbx_struct_conn_angle.id 
_pdbx_struct_conn_angle.ptnr1_label_atom_id 
_pdbx_struct_conn_angle.ptnr1_label_alt_id 
_pdbx_struct_conn_angle.ptnr1_label_asym_id 
_pdbx_struct_conn_angle.ptnr1_label_comp_id 
_pdbx_struct_conn_angle.ptnr1_label_seq_id 
_pdbx_struct_conn_angle.ptnr1_auth_atom_id 
_pdbx_struct_conn_angle.ptnr1_auth_asym_id 
_pdbx_struct_conn_angle.ptnr1_auth_comp_id 
_pdbx_struct_conn_angle.ptnr1_auth_seq_id 
_pdbx_struct_conn_angle.ptnr1_PDB_ins_code 
_pdbx_struct_conn_angle.ptnr1_symmetry 
_pdbx_struct_conn_angle.ptnr2_label_atom_id 
_pdbx_struct_conn_angle.ptnr2_label_alt_id 
_pdbx_struct_conn_angle.ptnr2_label_asym_id 
_pdbx_struct_conn_angle.ptnr2_label_comp_id 
_pdbx_struct_conn_angle.ptnr2_label_seq_id 
_pdbx_struct_conn_angle.ptnr2_auth_atom_id 
_pdbx_struct_conn_angle.ptnr2_auth_asym_id 
_pdbx_struct_conn_angle.ptnr2_auth_comp_id 
_pdbx_struct_conn_angle.ptnr2_auth_seq_id 
_pdbx_struct_conn_angle.ptnr2_PDB_ins_code 
_pdbx_struct_conn_angle.ptnr2_symmetry 
_pdbx_struct_conn_angle.ptnr3_label_atom_id 
_pdbx_struct_conn_angle.ptnr3_label_alt_id 
_pdbx_struct_conn_angle.ptnr3_label_asym_id 
_pdbx_struct_conn_angle.ptnr3_label_comp_id 
_pdbx_struct_conn_angle.ptnr3_label_seq_id 
_pdbx_struct_conn_angle.ptnr3_auth_atom_id 
_pdbx_struct_conn_angle.ptnr3_auth_asym_id 
_pdbx_struct_conn_angle.ptnr3_auth_comp_id 
_pdbx_struct_conn_angle.ptnr3_auth_seq_id 
_pdbx_struct_conn_angle.ptnr3_PDB_ins_code 
_pdbx_struct_conn_angle.ptnr3_symmetry 
_pdbx_struct_conn_angle.value 
_pdbx_struct_conn_angle.value_esd 
1 O9 ? H CRH . ? A CRH 9 ? 1_555 MG ? G MG . ? A MG 13 ? 1_555 O1 ? H CRH . ? A CRH 9 ? 1_555 70.2  ? 
2 O9 ? H CRH . ? A CRH 9 ? 1_555 MG ? G MG . ? A MG 13 ? 1_555 O9 ? I CRH . ? B CRH 3 ? 1_555 179.8 ? 
3 O1 ? H CRH . ? A CRH 9 ? 1_555 MG ? G MG . ? A MG 13 ? 1_555 O9 ? I CRH . ? B CRH 3 ? 1_555 109.8 ? 
4 O9 ? H CRH . ? A CRH 9 ? 1_555 MG ? G MG . ? A MG 13 ? 1_555 O1 ? I CRH . ? B CRH 3 ? 1_555 110.0 ? 
5 O1 ? H CRH . ? A CRH 9 ? 1_555 MG ? G MG . ? A MG 13 ? 1_555 O1 ? I CRH . ? B CRH 3 ? 1_555 80.4  ? 
6 O9 ? I CRH . ? B CRH 3 ? 1_555 MG ? G MG . ? A MG 13 ? 1_555 O1 ? I CRH . ? B CRH 3 ? 1_555 70.3  ? 
# 
_pdbx_validate_rmsd_bond.id                        1 
_pdbx_validate_rmsd_bond.PDB_model_num             1 
_pdbx_validate_rmsd_bond.auth_atom_id_1            C5 
_pdbx_validate_rmsd_bond.auth_asym_id_1            A 
_pdbx_validate_rmsd_bond.auth_comp_id_1            DT 
_pdbx_validate_rmsd_bond.auth_seq_id_1             1 
_pdbx_validate_rmsd_bond.PDB_ins_code_1            ? 
_pdbx_validate_rmsd_bond.label_alt_id_1            ? 
_pdbx_validate_rmsd_bond.auth_atom_id_2            C7 
_pdbx_validate_rmsd_bond.auth_asym_id_2            A 
_pdbx_validate_rmsd_bond.auth_comp_id_2            DT 
_pdbx_validate_rmsd_bond.auth_seq_id_2             1 
_pdbx_validate_rmsd_bond.PDB_ins_code_2            ? 
_pdbx_validate_rmsd_bond.label_alt_id_2            ? 
_pdbx_validate_rmsd_bond.bond_value                1.533 
_pdbx_validate_rmsd_bond.bond_target_value         1.496 
_pdbx_validate_rmsd_bond.bond_deviation            0.037 
_pdbx_validate_rmsd_bond.bond_standard_deviation   0.006 
_pdbx_validate_rmsd_bond.linker_flag               N 
# 
loop_
_pdbx_validate_rmsd_angle.id 
_pdbx_validate_rmsd_angle.PDB_model_num 
_pdbx_validate_rmsd_angle.auth_atom_id_1 
_pdbx_validate_rmsd_angle.auth_asym_id_1 
_pdbx_validate_rmsd_angle.auth_comp_id_1 
_pdbx_validate_rmsd_angle.auth_seq_id_1 
_pdbx_validate_rmsd_angle.PDB_ins_code_1 
_pdbx_validate_rmsd_angle.label_alt_id_1 
_pdbx_validate_rmsd_angle.auth_atom_id_2 
_pdbx_validate_rmsd_angle.auth_asym_id_2 
_pdbx_validate_rmsd_angle.auth_comp_id_2 
_pdbx_validate_rmsd_angle.auth_seq_id_2 
_pdbx_validate_rmsd_angle.PDB_ins_code_2 
_pdbx_validate_rmsd_angle.label_alt_id_2 
_pdbx_validate_rmsd_angle.auth_atom_id_3 
_pdbx_validate_rmsd_angle.auth_asym_id_3 
_pdbx_validate_rmsd_angle.auth_comp_id_3 
_pdbx_validate_rmsd_angle.auth_seq_id_3 
_pdbx_validate_rmsd_angle.PDB_ins_code_3 
_pdbx_validate_rmsd_angle.label_alt_id_3 
_pdbx_validate_rmsd_angle.angle_value 
_pdbx_validate_rmsd_angle.angle_target_value 
_pdbx_validate_rmsd_angle.angle_deviation 
_pdbx_validate_rmsd_angle.angle_standard_deviation 
_pdbx_validate_rmsd_angle.linker_flag 
1  1 "O4'" A DT 1  ? ? "C1'" A DT 1  ? ? N1    A DT 1  ? ? 114.63 108.30 6.33  0.30 N 
2  1 "O4'" A DC 2  ? ? "C1'" A DC 2  ? ? N1    A DC 2  ? ? 115.81 108.30 7.51  0.30 N 
3  1 "O4'" A DG 3  ? ? "C1'" A DG 3  ? ? N9    A DG 3  ? ? 110.39 108.30 2.09  0.30 N 
4  1 N7    A DG 3  ? ? C8    A DG 3  ? ? N9    A DG 3  ? ? 116.40 113.10 3.30  0.50 N 
5  1 C8    A DG 3  ? ? N9    A DG 3  ? ? C4    A DG 3  ? ? 103.88 106.40 -2.52 0.40 N 
6  1 "C4'" A DC 4  ? ? "C3'" A DC 4  ? ? "C2'" A DC 4  ? ? 96.93  102.20 -5.27 0.70 N 
7  1 "O4'" A DC 4  ? ? "C1'" A DC 4  ? ? N1    A DC 4  ? ? 114.12 108.30 5.82  0.30 N 
8  1 N7    A DG 5  ? ? C8    A DG 5  ? ? N9    A DG 5  ? ? 116.23 113.10 3.13  0.50 N 
9  1 "O4'" A DA 6  ? ? "C1'" A DA 6  ? ? N9    A DA 6  ? ? 112.12 108.30 3.82  0.30 N 
10 1 "O4'" B DT 7  ? ? "C1'" B DT 7  ? ? N1    B DT 7  ? ? 114.56 108.30 6.26  0.30 N 
11 1 "O4'" B DC 8  ? ? "C1'" B DC 8  ? ? N1    B DC 8  ? ? 115.80 108.30 7.50  0.30 N 
12 1 "O4'" B DG 9  ? ? "C1'" B DG 9  ? ? N9    B DG 9  ? ? 110.42 108.30 2.12  0.30 N 
13 1 N7    B DG 9  ? ? C8    B DG 9  ? ? N9    B DG 9  ? ? 116.38 113.10 3.28  0.50 N 
14 1 C8    B DG 9  ? ? N9    B DG 9  ? ? C4    B DG 9  ? ? 103.90 106.40 -2.50 0.40 N 
15 1 "C4'" B DC 10 ? ? "C3'" B DC 10 ? ? "C2'" B DC 10 ? ? 96.95  102.20 -5.25 0.70 N 
16 1 "O4'" B DC 10 ? ? "C1'" B DC 10 ? ? N1    B DC 10 ? ? 114.13 108.30 5.83  0.30 N 
17 1 N7    B DG 11 ? ? C8    B DG 11 ? ? N9    B DG 11 ? ? 116.20 113.10 3.10  0.50 N 
18 1 "O4'" B DA 12 ? ? "C1'" B DA 12 ? ? N9    B DA 12 ? ? 112.08 108.30 3.78  0.30 N 
19 2 C6    A DT 1  ? ? C5    A DT 1  ? ? C7    A DT 1  ? ? 118.48 122.90 -4.42 0.60 N 
20 2 "C3'" A DT 1  ? ? "O3'" A DT 1  ? ? P     A DC 2  ? ? 128.87 119.70 9.17  1.20 Y 
21 2 "O4'" A DC 2  ? ? "C1'" A DC 2  ? ? N1    A DC 2  ? ? 116.75 108.30 8.45  0.30 N 
22 2 "O4'" A DG 3  ? ? "C1'" A DG 3  ? ? N9    A DG 3  ? ? 111.24 108.30 2.94  0.30 N 
23 2 N7    A DG 3  ? ? C8    A DG 3  ? ? N9    A DG 3  ? ? 116.27 113.10 3.17  0.50 N 
24 2 C8    A DG 3  ? ? N9    A DG 3  ? ? C4    A DG 3  ? ? 103.76 106.40 -2.64 0.40 N 
25 2 "C4'" A DC 4  ? ? "C3'" A DC 4  ? ? "C2'" A DC 4  ? ? 96.47  102.20 -5.73 0.70 N 
26 2 "O4'" A DC 4  ? ? "C1'" A DC 4  ? ? N1    A DC 4  ? ? 114.84 108.30 6.54  0.30 N 
27 2 N7    A DG 5  ? ? C8    A DG 5  ? ? N9    A DG 5  ? ? 116.21 113.10 3.11  0.50 N 
28 2 "C5'" A DA 6  ? ? "C4'" A DA 6  ? ? "O4'" A DA 6  ? ? 119.43 109.80 9.63  1.10 N 
29 2 "O4'" A DA 6  ? ? "C1'" A DA 6  ? ? N9    A DA 6  ? ? 113.40 108.30 5.10  0.30 N 
30 2 C6    B DT 7  ? ? C5    B DT 7  ? ? C7    B DT 7  ? ? 118.58 122.90 -4.32 0.60 N 
31 2 "C3'" B DT 7  ? ? "O3'" B DT 7  ? ? P     B DC 8  ? ? 128.80 119.70 9.10  1.20 Y 
32 2 "O4'" B DC 8  ? ? "C1'" B DC 8  ? ? N1    B DC 8  ? ? 116.81 108.30 8.51  0.30 N 
33 2 "O4'" B DG 9  ? ? "C1'" B DG 9  ? ? N9    B DG 9  ? ? 111.26 108.30 2.96  0.30 N 
34 2 N7    B DG 9  ? ? C8    B DG 9  ? ? N9    B DG 9  ? ? 116.36 113.10 3.26  0.50 N 
35 2 C8    B DG 9  ? ? N9    B DG 9  ? ? C4    B DG 9  ? ? 103.76 106.40 -2.64 0.40 N 
36 2 "C4'" B DC 10 ? ? "C3'" B DC 10 ? ? "C2'" B DC 10 ? ? 96.56  102.20 -5.64 0.70 N 
37 2 "O4'" B DC 10 ? ? "C1'" B DC 10 ? ? N1    B DC 10 ? ? 114.85 108.30 6.55  0.30 N 
38 2 N7    B DG 11 ? ? C8    B DG 11 ? ? N9    B DG 11 ? ? 116.15 113.10 3.05  0.50 N 
39 2 "C5'" B DA 12 ? ? "C4'" B DA 12 ? ? "O4'" B DA 12 ? ? 119.46 109.80 9.66  1.10 N 
40 2 "O4'" B DA 12 ? ? "C1'" B DA 12 ? ? N9    B DA 12 ? ? 113.28 108.30 4.98  0.30 N 
# 
loop_
_pdbx_validate_planes.id 
_pdbx_validate_planes.PDB_model_num 
_pdbx_validate_planes.auth_comp_id 
_pdbx_validate_planes.auth_asym_id 
_pdbx_validate_planes.auth_seq_id 
_pdbx_validate_planes.PDB_ins_code 
_pdbx_validate_planes.label_alt_id 
_pdbx_validate_planes.rmsd 
_pdbx_validate_planes.type 
1 1 DC A 4  ? ? 0.074 'SIDE CHAIN' 
2 1 DA A 6  ? ? 0.058 'SIDE CHAIN' 
3 1 DC B 10 ? ? 0.074 'SIDE CHAIN' 
4 1 DA B 12 ? ? 0.058 'SIDE CHAIN' 
# 
_pdbx_nmr_ensemble.entry_id                                      146D 
_pdbx_nmr_ensemble.conformers_calculated_total_number            2 
_pdbx_nmr_ensemble.conformers_submitted_total_number             2 
_pdbx_nmr_ensemble.conformer_selection_criteria                  'all calculated structures submitted' 
_pdbx_nmr_ensemble.average_constraints_per_residue               ? 
_pdbx_nmr_ensemble.average_constraint_violations_per_residue     ? 
_pdbx_nmr_ensemble.maximum_distance_constraint_violation         ? 
_pdbx_nmr_ensemble.average_distance_constraint_violation         ? 
_pdbx_nmr_ensemble.maximum_upper_distance_constraint_violation   ? 
_pdbx_nmr_ensemble.maximum_lower_distance_constraint_violation   ? 
_pdbx_nmr_ensemble.distance_constraint_violation_method          ? 
_pdbx_nmr_ensemble.maximum_torsion_angle_constraint_violation    ? 
_pdbx_nmr_ensemble.average_torsion_angle_constraint_violation    ? 
_pdbx_nmr_ensemble.torsion_angle_constraint_violation_method     ? 
# 
_pdbx_nmr_details.entry_id   146D 
_pdbx_nmr_details.text       
;THE HYDROXYL PROTONS IN THE RELAXATION MATRIX REFINED STRUCTURES ARE NOT WELL DETERMINED. THE HYDROPHILIC SIDE CHAIN, THE B SUGAR RESIDUE DDA 1 AND DDA 7, AND RESIDUES T 1 AND C 2 ARE UNDETERMINED.
;
# 
_pdbx_nmr_refine.entry_id           146D 
_pdbx_nmr_refine.method             'MOLECULAR DYNAMICS, MATRIX RELAXATION' 
_pdbx_nmr_refine.details            
;TWO STARTING MODELS WERE OBTAINED BY DOCKING THE MG2+ COORDINATED MITHRAMYCIN DIMER IN THE MINOR GROOVE OF A AND B FORM D(TCGCGA) DUPLEX. THESE MODELS WERE SUBSEQUENTLY REFINED BY DISTANCE RESTRAINED MOLECULAR DYNAMICS USING A SET OF INTER-PROTON DISTANCE RESTRAINTS DERIVED FROM THE NMR DATA. THE TWO DISTANCE-REFINED STRUCTURES WERE REFINED FURTHER USING RELAXATION-MATRIX BASED NOE INTENSITY-RESTRAINED MOLECULAR DYNAMICS. THE FINAL TWO STRUCTURES WERE OBTAINED BY TAKING THE AVERAGE COORDINATES OF THE LAST 1 PS OF THE DYNAMICS DURING RELAXATION MATRIX REFINEMENT AND MINIMIZED. THE R VALUE WAS USED TO REFINE THE STRUCTURE DURING RELAXATION MATRIX REFINEMENT. THE R FACTOR AND THE RMS DEVIATIONS FROM IDEAL GEOMETRY FOR THE TWO FINAL STRUCTURES ARE: MODEL 1 MODEL 2 R FACTOR 0.146 0.136 BOND (ANGSTROMS) 0.016 0.013 ANGLES (DEGREES) 3.410 3.369. THE STRUCTURE EXHIBITS APPROXIMATE TWO-FOLD SYMMETRY, PERPENDICULAR TO THE HELICAL AXIS AND PASSING THROUGH THE MAGNESIUM IN THE COMPLEX.  THE TRANSFORMATION PRESENTED ON *MTRIX 1* RECORDS BELOW WILL YIELD APPROXIMATE COORDINATES FOR CHAIN B OF MODEL 1 WHEN APPLIED TO CHAIN A OF MODEL 1.  THE TRANSFORMATION PRESENTED ON *MTRIX 2* RECORDS BELOW WILL YIELD APPROXIMATE COORDINATES FOR CHAIN B OF MODEL 2 WHEN APPLIED TO CHAIN A OF MODEL 2.
;
_pdbx_nmr_refine.software_ordinal   1 
# 
_pdbx_nmr_software.name             X-PLOR 
_pdbx_nmr_software.version          2.1 
_pdbx_nmr_software.classification   refinement 
_pdbx_nmr_software.authors          Brunger 
_pdbx_nmr_software.ordinal          1 
# 
loop_
_chem_comp_atom.comp_id 
_chem_comp_atom.atom_id 
_chem_comp_atom.type_symbol 
_chem_comp_atom.pdbx_aromatic_flag 
_chem_comp_atom.pdbx_stereo_config 
_chem_comp_atom.pdbx_ordinal 
CRH C1     C  N N 1   
CRH C2     C  N N 2   
CRH C3     C  N R 3   
CRH C4     C  N N 4   
CRH C5     C  Y N 5   
CRH C6     C  Y N 6   
CRH C7     C  Y N 7   
CRH C8     C  Y N 8   
CRH C9     C  Y N 9   
CRH C10    C  Y N 10  
CRH C11    C  Y N 11  
CRH C12    C  Y N 12  
CRH C13    C  Y N 13  
CRH C14    C  Y N 14  
CRH C15    C  N N 15  
CRH O1     O  N N 16  
CRH O8     O  N N 17  
CRH O9     O  N N 18  
CRH "C1'"  C  N S 19  
CRH "C2'"  C  N N 20  
CRH "C3'"  C  N S 21  
CRH "C4'"  C  N R 22  
CRH C1M    C  N N 23  
CRH C4M    C  N N 24  
CRH "O1'"  O  N N 25  
CRH "O2'"  O  N N 26  
CRH "O3'"  O  N N 27  
CRH "O4'"  O  N N 28  
CRH H21    H  N N 29  
CRH H22    H  N N 30  
CRH H3     H  N N 31  
CRH H41    H  N N 32  
CRH H42    H  N N 33  
CRH H5     H  N N 34  
CRH H6     H  N N 35  
CRH H10    H  N N 36  
CRH H151   H  N N 37  
CRH H152   H  N N 38  
CRH H153   H  N N 39  
CRH HO8    H  N N 40  
CRH HO9    H  N N 41  
CRH "H1'"  H  N N 42  
CRH "H3'"  H  N N 43  
CRH "H4'"  H  N N 44  
CRH "H1'1" H  N N 45  
CRH "H1'2" H  N N 46  
CRH "H1'3" H  N N 47  
CRH "H4'1" H  N N 48  
CRH "H4'2" H  N N 49  
CRH "H4'3" H  N N 50  
CRH HO3    H  N N 51  
CRH HO4    H  N N 52  
DA  OP3    O  N N 53  
DA  P      P  N N 54  
DA  OP1    O  N N 55  
DA  OP2    O  N N 56  
DA  "O5'"  O  N N 57  
DA  "C5'"  C  N N 58  
DA  "C4'"  C  N R 59  
DA  "O4'"  O  N N 60  
DA  "C3'"  C  N S 61  
DA  "O3'"  O  N N 62  
DA  "C2'"  C  N N 63  
DA  "C1'"  C  N R 64  
DA  N9     N  Y N 65  
DA  C8     C  Y N 66  
DA  N7     N  Y N 67  
DA  C5     C  Y N 68  
DA  C6     C  Y N 69  
DA  N6     N  N N 70  
DA  N1     N  Y N 71  
DA  C2     C  Y N 72  
DA  N3     N  Y N 73  
DA  C4     C  Y N 74  
DA  HOP3   H  N N 75  
DA  HOP2   H  N N 76  
DA  "H5'"  H  N N 77  
DA  "H5''" H  N N 78  
DA  "H4'"  H  N N 79  
DA  "H3'"  H  N N 80  
DA  "HO3'" H  N N 81  
DA  "H2'"  H  N N 82  
DA  "H2''" H  N N 83  
DA  "H1'"  H  N N 84  
DA  H8     H  N N 85  
DA  H61    H  N N 86  
DA  H62    H  N N 87  
DA  H2     H  N N 88  
DC  OP3    O  N N 89  
DC  P      P  N N 90  
DC  OP1    O  N N 91  
DC  OP2    O  N N 92  
DC  "O5'"  O  N N 93  
DC  "C5'"  C  N N 94  
DC  "C4'"  C  N R 95  
DC  "O4'"  O  N N 96  
DC  "C3'"  C  N S 97  
DC  "O3'"  O  N N 98  
DC  "C2'"  C  N N 99  
DC  "C1'"  C  N R 100 
DC  N1     N  N N 101 
DC  C2     C  N N 102 
DC  O2     O  N N 103 
DC  N3     N  N N 104 
DC  C4     C  N N 105 
DC  N4     N  N N 106 
DC  C5     C  N N 107 
DC  C6     C  N N 108 
DC  HOP3   H  N N 109 
DC  HOP2   H  N N 110 
DC  "H5'"  H  N N 111 
DC  "H5''" H  N N 112 
DC  "H4'"  H  N N 113 
DC  "H3'"  H  N N 114 
DC  "HO3'" H  N N 115 
DC  "H2'"  H  N N 116 
DC  "H2''" H  N N 117 
DC  "H1'"  H  N N 118 
DC  H41    H  N N 119 
DC  H42    H  N N 120 
DC  H5     H  N N 121 
DC  H6     H  N N 122 
DDA C1     C  N R 123 
DDA C2     C  N N 124 
DDA C3     C  N R 125 
DDA C4     C  N S 126 
DDA C5     C  N R 127 
DDA C6     C  N N 128 
DDA O5     O  N N 129 
DDA O1     O  N N 130 
DDA O3     O  N N 131 
DDA O4     O  N N 132 
DDA H1     H  N N 133 
DDA H21    H  N N 134 
DDA H22    H  N N 135 
DDA H3     H  N N 136 
DDA H4     H  N N 137 
DDA H5     H  N N 138 
DDA H61    H  N N 139 
DDA H62    H  N N 140 
DDA H63    H  N N 141 
DDA HO1    H  N N 142 
DDA HO3    H  N N 143 
DDA HO4    H  N N 144 
DDL C1     C  N R 145 
DDL C2     C  N N 146 
DDL C3     C  N R 147 
DDL C4     C  N R 148 
DDL C5     C  N R 149 
DDL C6     C  N N 150 
DDL O1     O  N N 151 
DDL O5     O  N N 152 
DDL O3     O  N N 153 
DDL O4     O  N N 154 
DDL H1     H  N N 155 
DDL H2     H  N N 156 
DDL H22    H  N N 157 
DDL H3     H  N N 158 
DDL H4     H  N N 159 
DDL H5     H  N N 160 
DDL H61    H  N N 161 
DDL H62    H  N N 162 
DDL H63    H  N N 163 
DDL HO1    H  N N 164 
DDL HO3    H  N N 165 
DDL HO4    H  N N 166 
DG  OP3    O  N N 167 
DG  P      P  N N 168 
DG  OP1    O  N N 169 
DG  OP2    O  N N 170 
DG  "O5'"  O  N N 171 
DG  "C5'"  C  N N 172 
DG  "C4'"  C  N R 173 
DG  "O4'"  O  N N 174 
DG  "C3'"  C  N S 175 
DG  "O3'"  O  N N 176 
DG  "C2'"  C  N N 177 
DG  "C1'"  C  N R 178 
DG  N9     N  Y N 179 
DG  C8     C  Y N 180 
DG  N7     N  Y N 181 
DG  C5     C  Y N 182 
DG  C6     C  N N 183 
DG  O6     O  N N 184 
DG  N1     N  N N 185 
DG  C2     C  N N 186 
DG  N2     N  N N 187 
DG  N3     N  N N 188 
DG  C4     C  Y N 189 
DG  HOP3   H  N N 190 
DG  HOP2   H  N N 191 
DG  "H5'"  H  N N 192 
DG  "H5''" H  N N 193 
DG  "H4'"  H  N N 194 
DG  "H3'"  H  N N 195 
DG  "HO3'" H  N N 196 
DG  "H2'"  H  N N 197 
DG  "H2''" H  N N 198 
DG  "H1'"  H  N N 199 
DG  H8     H  N N 200 
DG  H1     H  N N 201 
DG  H21    H  N N 202 
DG  H22    H  N N 203 
DT  OP3    O  N N 204 
DT  P      P  N N 205 
DT  OP1    O  N N 206 
DT  OP2    O  N N 207 
DT  "O5'"  O  N N 208 
DT  "C5'"  C  N N 209 
DT  "C4'"  C  N R 210 
DT  "O4'"  O  N N 211 
DT  "C3'"  C  N S 212 
DT  "O3'"  O  N N 213 
DT  "C2'"  C  N N 214 
DT  "C1'"  C  N R 215 
DT  N1     N  N N 216 
DT  C2     C  N N 217 
DT  O2     O  N N 218 
DT  N3     N  N N 219 
DT  C4     C  N N 220 
DT  O4     O  N N 221 
DT  C5     C  N N 222 
DT  C7     C  N N 223 
DT  C6     C  N N 224 
DT  HOP3   H  N N 225 
DT  HOP2   H  N N 226 
DT  "H5'"  H  N N 227 
DT  "H5''" H  N N 228 
DT  "H4'"  H  N N 229 
DT  "H3'"  H  N N 230 
DT  "HO3'" H  N N 231 
DT  "H2'"  H  N N 232 
DT  "H2''" H  N N 233 
DT  "H1'"  H  N N 234 
DT  H3     H  N N 235 
DT  H71    H  N N 236 
DT  H72    H  N N 237 
DT  H73    H  N N 238 
DT  H6     H  N N 239 
MDA C1     C  N R 240 
MDA C2     C  N N 241 
MDA C3     C  N S 242 
MDA C4     C  N R 243 
MDA C5     C  N R 244 
MDA C6     C  N N 245 
MDA "C3'"  C  N N 246 
MDA O1     O  N N 247 
MDA O5     O  N N 248 
MDA O3     O  N N 249 
MDA O4     O  N N 250 
MDA H1     H  N N 251 
MDA H2     H  N N 252 
MDA H22    H  N N 253 
MDA H4     H  N N 254 
MDA H5     H  N N 255 
MDA H61    H  N N 256 
MDA H62    H  N N 257 
MDA H63    H  N N 258 
MDA "H3'1" H  N N 259 
MDA "H3'2" H  N N 260 
MDA "H3'3" H  N N 261 
MDA HO1    H  N N 262 
MDA HO3    H  N N 263 
MDA HO4    H  N N 264 
MG  MG     MG N N 265 
# 
loop_
_chem_comp_bond.comp_id 
_chem_comp_bond.atom_id_1 
_chem_comp_bond.atom_id_2 
_chem_comp_bond.value_order 
_chem_comp_bond.pdbx_aromatic_flag 
_chem_comp_bond.pdbx_stereo_config 
_chem_comp_bond.pdbx_ordinal 
CRH C1    C2     sing N N 1   
CRH C1    C13    sing N N 2   
CRH C1    O1     doub N N 3   
CRH C2    C3     sing N N 4   
CRH C2    H21    sing N N 5   
CRH C2    H22    sing N N 6   
CRH C3    C4     sing N N 7   
CRH C3    "C1'"  sing N N 8   
CRH C3    H3     sing N N 9   
CRH C4    C14    sing N N 10  
CRH C4    H41    sing N N 11  
CRH C4    H42    sing N N 12  
CRH C5    C6     doub Y N 13  
CRH C5    C11    sing Y N 14  
CRH C5    H5     sing N N 15  
CRH C6    C7     sing Y N 16  
CRH C6    H6     sing N N 17  
CRH C7    C8     doub Y N 18  
CRH C7    C15    sing N N 19  
CRH C8    C12    sing Y N 20  
CRH C8    O8     sing N N 21  
CRH C9    C12    doub Y N 22  
CRH C9    C13    sing Y N 23  
CRH C9    O9     sing N N 24  
CRH C10   C11    doub Y N 25  
CRH C10   C14    sing Y N 26  
CRH C10   H10    sing N N 27  
CRH C11   C12    sing Y N 28  
CRH C13   C14    doub Y N 29  
CRH C15   H151   sing N N 30  
CRH C15   H152   sing N N 31  
CRH C15   H153   sing N N 32  
CRH O8    HO8    sing N N 33  
CRH O9    HO9    sing N N 34  
CRH "C1'" "C2'"  sing N N 35  
CRH "C1'" "O1'"  sing N N 36  
CRH "C1'" "H1'"  sing N N 37  
CRH "C2'" "C3'"  sing N N 38  
CRH "C2'" "O2'"  doub N N 39  
CRH "C3'" "C4'"  sing N N 40  
CRH "C3'" "O3'"  sing N N 41  
CRH "C3'" "H3'"  sing N N 42  
CRH "C4'" C4M    sing N N 43  
CRH "C4'" "O4'"  sing N N 44  
CRH "C4'" "H4'"  sing N N 45  
CRH C1M   "O1'"  sing N N 46  
CRH C1M   "H1'1" sing N N 47  
CRH C1M   "H1'2" sing N N 48  
CRH C1M   "H1'3" sing N N 49  
CRH C4M   "H4'1" sing N N 50  
CRH C4M   "H4'2" sing N N 51  
CRH C4M   "H4'3" sing N N 52  
CRH "O3'" HO3    sing N N 53  
CRH "O4'" HO4    sing N N 54  
DA  OP3   P      sing N N 55  
DA  OP3   HOP3   sing N N 56  
DA  P     OP1    doub N N 57  
DA  P     OP2    sing N N 58  
DA  P     "O5'"  sing N N 59  
DA  OP2   HOP2   sing N N 60  
DA  "O5'" "C5'"  sing N N 61  
DA  "C5'" "C4'"  sing N N 62  
DA  "C5'" "H5'"  sing N N 63  
DA  "C5'" "H5''" sing N N 64  
DA  "C4'" "O4'"  sing N N 65  
DA  "C4'" "C3'"  sing N N 66  
DA  "C4'" "H4'"  sing N N 67  
DA  "O4'" "C1'"  sing N N 68  
DA  "C3'" "O3'"  sing N N 69  
DA  "C3'" "C2'"  sing N N 70  
DA  "C3'" "H3'"  sing N N 71  
DA  "O3'" "HO3'" sing N N 72  
DA  "C2'" "C1'"  sing N N 73  
DA  "C2'" "H2'"  sing N N 74  
DA  "C2'" "H2''" sing N N 75  
DA  "C1'" N9     sing N N 76  
DA  "C1'" "H1'"  sing N N 77  
DA  N9    C8     sing Y N 78  
DA  N9    C4     sing Y N 79  
DA  C8    N7     doub Y N 80  
DA  C8    H8     sing N N 81  
DA  N7    C5     sing Y N 82  
DA  C5    C6     sing Y N 83  
DA  C5    C4     doub Y N 84  
DA  C6    N6     sing N N 85  
DA  C6    N1     doub Y N 86  
DA  N6    H61    sing N N 87  
DA  N6    H62    sing N N 88  
DA  N1    C2     sing Y N 89  
DA  C2    N3     doub Y N 90  
DA  C2    H2     sing N N 91  
DA  N3    C4     sing Y N 92  
DC  OP3   P      sing N N 93  
DC  OP3   HOP3   sing N N 94  
DC  P     OP1    doub N N 95  
DC  P     OP2    sing N N 96  
DC  P     "O5'"  sing N N 97  
DC  OP2   HOP2   sing N N 98  
DC  "O5'" "C5'"  sing N N 99  
DC  "C5'" "C4'"  sing N N 100 
DC  "C5'" "H5'"  sing N N 101 
DC  "C5'" "H5''" sing N N 102 
DC  "C4'" "O4'"  sing N N 103 
DC  "C4'" "C3'"  sing N N 104 
DC  "C4'" "H4'"  sing N N 105 
DC  "O4'" "C1'"  sing N N 106 
DC  "C3'" "O3'"  sing N N 107 
DC  "C3'" "C2'"  sing N N 108 
DC  "C3'" "H3'"  sing N N 109 
DC  "O3'" "HO3'" sing N N 110 
DC  "C2'" "C1'"  sing N N 111 
DC  "C2'" "H2'"  sing N N 112 
DC  "C2'" "H2''" sing N N 113 
DC  "C1'" N1     sing N N 114 
DC  "C1'" "H1'"  sing N N 115 
DC  N1    C2     sing N N 116 
DC  N1    C6     sing N N 117 
DC  C2    O2     doub N N 118 
DC  C2    N3     sing N N 119 
DC  N3    C4     doub N N 120 
DC  C4    N4     sing N N 121 
DC  C4    C5     sing N N 122 
DC  N4    H41    sing N N 123 
DC  N4    H42    sing N N 124 
DC  C5    C6     doub N N 125 
DC  C5    H5     sing N N 126 
DC  C6    H6     sing N N 127 
DDA C1    C2     sing N N 128 
DDA C1    O5     sing N N 129 
DDA C1    O1     sing N N 130 
DDA C1    H1     sing N N 131 
DDA C2    C3     sing N N 132 
DDA C2    H21    sing N N 133 
DDA C2    H22    sing N N 134 
DDA C3    C4     sing N N 135 
DDA C3    O3     sing N N 136 
DDA C3    H3     sing N N 137 
DDA C4    C5     sing N N 138 
DDA C4    O4     sing N N 139 
DDA C4    H4     sing N N 140 
DDA C5    C6     sing N N 141 
DDA C5    O5     sing N N 142 
DDA C5    H5     sing N N 143 
DDA C6    H61    sing N N 144 
DDA C6    H62    sing N N 145 
DDA C6    H63    sing N N 146 
DDA O1    HO1    sing N N 147 
DDA O3    HO3    sing N N 148 
DDA O4    HO4    sing N N 149 
DDL C1    C2     sing N N 150 
DDL C1    O1     sing N N 151 
DDL C1    O5     sing N N 152 
DDL C1    H1     sing N N 153 
DDL C2    C3     sing N N 154 
DDL C2    H2     sing N N 155 
DDL C2    H22    sing N N 156 
DDL C3    C4     sing N N 157 
DDL C3    O3     sing N N 158 
DDL C3    H3     sing N N 159 
DDL C4    C5     sing N N 160 
DDL C4    O4     sing N N 161 
DDL C4    H4     sing N N 162 
DDL C5    C6     sing N N 163 
DDL C5    O5     sing N N 164 
DDL C5    H5     sing N N 165 
DDL C6    H61    sing N N 166 
DDL C6    H62    sing N N 167 
DDL C6    H63    sing N N 168 
DDL O1    HO1    sing N N 169 
DDL O3    HO3    sing N N 170 
DDL O4    HO4    sing N N 171 
DG  OP3   P      sing N N 172 
DG  OP3   HOP3   sing N N 173 
DG  P     OP1    doub N N 174 
DG  P     OP2    sing N N 175 
DG  P     "O5'"  sing N N 176 
DG  OP2   HOP2   sing N N 177 
DG  "O5'" "C5'"  sing N N 178 
DG  "C5'" "C4'"  sing N N 179 
DG  "C5'" "H5'"  sing N N 180 
DG  "C5'" "H5''" sing N N 181 
DG  "C4'" "O4'"  sing N N 182 
DG  "C4'" "C3'"  sing N N 183 
DG  "C4'" "H4'"  sing N N 184 
DG  "O4'" "C1'"  sing N N 185 
DG  "C3'" "O3'"  sing N N 186 
DG  "C3'" "C2'"  sing N N 187 
DG  "C3'" "H3'"  sing N N 188 
DG  "O3'" "HO3'" sing N N 189 
DG  "C2'" "C1'"  sing N N 190 
DG  "C2'" "H2'"  sing N N 191 
DG  "C2'" "H2''" sing N N 192 
DG  "C1'" N9     sing N N 193 
DG  "C1'" "H1'"  sing N N 194 
DG  N9    C8     sing Y N 195 
DG  N9    C4     sing Y N 196 
DG  C8    N7     doub Y N 197 
DG  C8    H8     sing N N 198 
DG  N7    C5     sing Y N 199 
DG  C5    C6     sing N N 200 
DG  C5    C4     doub Y N 201 
DG  C6    O6     doub N N 202 
DG  C6    N1     sing N N 203 
DG  N1    C2     sing N N 204 
DG  N1    H1     sing N N 205 
DG  C2    N2     sing N N 206 
DG  C2    N3     doub N N 207 
DG  N2    H21    sing N N 208 
DG  N2    H22    sing N N 209 
DG  N3    C4     sing N N 210 
DT  OP3   P      sing N N 211 
DT  OP3   HOP3   sing N N 212 
DT  P     OP1    doub N N 213 
DT  P     OP2    sing N N 214 
DT  P     "O5'"  sing N N 215 
DT  OP2   HOP2   sing N N 216 
DT  "O5'" "C5'"  sing N N 217 
DT  "C5'" "C4'"  sing N N 218 
DT  "C5'" "H5'"  sing N N 219 
DT  "C5'" "H5''" sing N N 220 
DT  "C4'" "O4'"  sing N N 221 
DT  "C4'" "C3'"  sing N N 222 
DT  "C4'" "H4'"  sing N N 223 
DT  "O4'" "C1'"  sing N N 224 
DT  "C3'" "O3'"  sing N N 225 
DT  "C3'" "C2'"  sing N N 226 
DT  "C3'" "H3'"  sing N N 227 
DT  "O3'" "HO3'" sing N N 228 
DT  "C2'" "C1'"  sing N N 229 
DT  "C2'" "H2'"  sing N N 230 
DT  "C2'" "H2''" sing N N 231 
DT  "C1'" N1     sing N N 232 
DT  "C1'" "H1'"  sing N N 233 
DT  N1    C2     sing N N 234 
DT  N1    C6     sing N N 235 
DT  C2    O2     doub N N 236 
DT  C2    N3     sing N N 237 
DT  N3    C4     sing N N 238 
DT  N3    H3     sing N N 239 
DT  C4    O4     doub N N 240 
DT  C4    C5     sing N N 241 
DT  C5    C7     sing N N 242 
DT  C5    C6     doub N N 243 
DT  C7    H71    sing N N 244 
DT  C7    H72    sing N N 245 
DT  C7    H73    sing N N 246 
DT  C6    H6     sing N N 247 
MDA C1    C2     sing N N 248 
MDA C1    O1     sing N N 249 
MDA C1    O5     sing N N 250 
MDA C1    H1     sing N N 251 
MDA C2    C3     sing N N 252 
MDA C2    H2     sing N N 253 
MDA C2    H22    sing N N 254 
MDA C3    C4     sing N N 255 
MDA C3    "C3'"  sing N N 256 
MDA C3    O3     sing N N 257 
MDA C4    C5     sing N N 258 
MDA C4    O4     sing N N 259 
MDA C4    H4     sing N N 260 
MDA C5    C6     sing N N 261 
MDA C5    O5     sing N N 262 
MDA C5    H5     sing N N 263 
MDA C6    H61    sing N N 264 
MDA C6    H62    sing N N 265 
MDA C6    H63    sing N N 266 
MDA "C3'" "H3'1" sing N N 267 
MDA "C3'" "H3'2" sing N N 268 
MDA "C3'" "H3'3" sing N N 269 
MDA O1    HO1    sing N N 270 
MDA O3    HO3    sing N N 271 
MDA O4    HO4    sing N N 272 
# 
_ndb_struct_conf_na.entry_id   146D 
_ndb_struct_conf_na.feature    'double helix' 
# 
loop_
_ndb_struct_na_base_pair.model_number 
_ndb_struct_na_base_pair.i_label_asym_id 
_ndb_struct_na_base_pair.i_label_comp_id 
_ndb_struct_na_base_pair.i_label_seq_id 
_ndb_struct_na_base_pair.i_symmetry 
_ndb_struct_na_base_pair.j_label_asym_id 
_ndb_struct_na_base_pair.j_label_comp_id 
_ndb_struct_na_base_pair.j_label_seq_id 
_ndb_struct_na_base_pair.j_symmetry 
_ndb_struct_na_base_pair.shear 
_ndb_struct_na_base_pair.stretch 
_ndb_struct_na_base_pair.stagger 
_ndb_struct_na_base_pair.buckle 
_ndb_struct_na_base_pair.propeller 
_ndb_struct_na_base_pair.opening 
_ndb_struct_na_base_pair.pair_number 
_ndb_struct_na_base_pair.pair_name 
_ndb_struct_na_base_pair.i_auth_asym_id 
_ndb_struct_na_base_pair.i_auth_seq_id 
_ndb_struct_na_base_pair.i_PDB_ins_code 
_ndb_struct_na_base_pair.j_auth_asym_id 
_ndb_struct_na_base_pair.j_auth_seq_id 
_ndb_struct_na_base_pair.j_PDB_ins_code 
_ndb_struct_na_base_pair.hbond_type_28 
_ndb_struct_na_base_pair.hbond_type_12 
1 A DT 1 1_555 B DA 6 1_555 -0.393 0.099  0.275 -43.852 -5.404 3.385  1 A_DT1:DA12_B A 1 ? B 12 ? 20 1 
1 A DC 2 1_555 B DG 5 1_555 0.694  -0.188 0.558 -28.009 0.013  -2.266 2 A_DC2:DG11_B A 2 ? B 11 ? 19 1 
1 A DG 3 1_555 B DC 4 1_555 -0.423 -0.192 0.385 8.110   -4.309 -2.903 3 A_DG3:DC10_B A 3 ? B 10 ? 19 1 
1 A DC 4 1_555 B DG 3 1_555 0.452  -0.197 0.382 -8.246  -4.238 -2.901 4 A_DC4:DG9_B  A 4 ? B 9  ? 19 1 
1 A DG 5 1_555 B DC 2 1_555 -0.658 -0.207 0.555 27.809  0.106  -2.288 5 A_DG5:DC8_B  A 5 ? B 8  ? 19 1 
1 A DA 6 1_555 B DT 1 1_555 0.417  0.078  0.273 43.833  -5.265 3.443  6 A_DA6:DT7_B  A 6 ? B 7  ? 20 1 
# 
loop_
_ndb_struct_na_base_pair_step.model_number 
_ndb_struct_na_base_pair_step.i_label_asym_id_1 
_ndb_struct_na_base_pair_step.i_label_comp_id_1 
_ndb_struct_na_base_pair_step.i_label_seq_id_1 
_ndb_struct_na_base_pair_step.i_symmetry_1 
_ndb_struct_na_base_pair_step.j_label_asym_id_1 
_ndb_struct_na_base_pair_step.j_label_comp_id_1 
_ndb_struct_na_base_pair_step.j_label_seq_id_1 
_ndb_struct_na_base_pair_step.j_symmetry_1 
_ndb_struct_na_base_pair_step.i_label_asym_id_2 
_ndb_struct_na_base_pair_step.i_label_comp_id_2 
_ndb_struct_na_base_pair_step.i_label_seq_id_2 
_ndb_struct_na_base_pair_step.i_symmetry_2 
_ndb_struct_na_base_pair_step.j_label_asym_id_2 
_ndb_struct_na_base_pair_step.j_label_comp_id_2 
_ndb_struct_na_base_pair_step.j_label_seq_id_2 
_ndb_struct_na_base_pair_step.j_symmetry_2 
_ndb_struct_na_base_pair_step.shift 
_ndb_struct_na_base_pair_step.slide 
_ndb_struct_na_base_pair_step.rise 
_ndb_struct_na_base_pair_step.tilt 
_ndb_struct_na_base_pair_step.roll 
_ndb_struct_na_base_pair_step.twist 
_ndb_struct_na_base_pair_step.x_displacement 
_ndb_struct_na_base_pair_step.y_displacement 
_ndb_struct_na_base_pair_step.helical_rise 
_ndb_struct_na_base_pair_step.inclination 
_ndb_struct_na_base_pair_step.tip 
_ndb_struct_na_base_pair_step.helical_twist 
_ndb_struct_na_base_pair_step.step_number 
_ndb_struct_na_base_pair_step.step_name 
_ndb_struct_na_base_pair_step.i_auth_asym_id_1 
_ndb_struct_na_base_pair_step.i_auth_seq_id_1 
_ndb_struct_na_base_pair_step.i_PDB_ins_code_1 
_ndb_struct_na_base_pair_step.j_auth_asym_id_1 
_ndb_struct_na_base_pair_step.j_auth_seq_id_1 
_ndb_struct_na_base_pair_step.j_PDB_ins_code_1 
_ndb_struct_na_base_pair_step.i_auth_asym_id_2 
_ndb_struct_na_base_pair_step.i_auth_seq_id_2 
_ndb_struct_na_base_pair_step.i_PDB_ins_code_2 
_ndb_struct_na_base_pair_step.j_auth_asym_id_2 
_ndb_struct_na_base_pair_step.j_auth_seq_id_2 
_ndb_struct_na_base_pair_step.j_PDB_ins_code_2 
1 A DT 1 1_555 B DA 6 1_555 A DC 2 1_555 B DG 5 1_555 -0.722 -0.596 3.106 1.495  -4.166  30.598 -0.346 1.631  3.120 -7.843  -2.815 
30.909 1 AA_DT1DC2:DG11DA12_BB A 1 ? B 12 ? A 2 ? B 11 ? 
1 A DC 2 1_555 B DG 5 1_555 A DG 3 1_555 B DC 4 1_555 0.159  -0.631 2.224 4.743  7.197   24.927 -2.653 0.488  1.964 16.073  
-10.592 26.352 2 AA_DC2DG3:DC10DG11_BB A 2 ? B 11 ? A 3 ? B 10 ? 
1 A DG 3 1_555 B DC 4 1_555 A DC 4 1_555 B DG 3 1_555 -0.001 -0.968 3.953 0.008  -10.528 40.717 0.012  0.002  4.069 -14.834 -0.011 
42.000 3 AA_DG3DC4:DG9DC10_BB  A 3 ? B 10 ? A 4 ? B 9  ? 
1 A DC 4 1_555 B DG 3 1_555 A DG 5 1_555 B DC 2 1_555 -0.160 -0.628 2.228 -4.708 7.204   24.961 -2.646 -0.478 1.970 16.070  10.502 
26.381 4 AA_DC4DG5:DC8DG9_BB   A 4 ? B 9  ? A 5 ? B 8  ? 
1 A DG 5 1_555 B DC 2 1_555 A DA 6 1_555 B DT 1 1_555 0.722  -0.597 3.102 -1.534 -4.114  30.548 -0.357 -1.641 3.115 -7.757  2.892 
30.854 5 AA_DG5DA6:DT7DC8_BB   A 5 ? B 8  ? A 6 ? B 7  ? 
# 
loop_
_pdbx_entity_branch_list.entity_id 
_pdbx_entity_branch_list.comp_id 
_pdbx_entity_branch_list.num 
_pdbx_entity_branch_list.hetero 
2 DDA 1 n 
2 DDA 2 n 
3 DDA 1 n 
3 DDL 2 n 
3 MDA 3 n 
# 
_atom_sites.entry_id                    146D 
_atom_sites.fract_transf_matrix[1][1]   1.000000 
_atom_sites.fract_transf_matrix[1][2]   0.000000 
_atom_sites.fract_transf_matrix[1][3]   0.000000 
_atom_sites.fract_transf_matrix[2][1]   0.000000 
_atom_sites.fract_transf_matrix[2][2]   1.000000 
_atom_sites.fract_transf_matrix[2][3]   0.000000 
_atom_sites.fract_transf_matrix[3][1]   0.000000 
_atom_sites.fract_transf_matrix[3][2]   0.000000 
_atom_sites.fract_transf_matrix[3][3]   1.000000 
_atom_sites.fract_transf_vector[1]      0.00000 
_atom_sites.fract_transf_vector[2]      0.00000 
_atom_sites.fract_transf_vector[3]      0.00000 
# 
loop_
_atom_type.symbol 
C  
H  
MG 
N  
O  
P  
# 
loop_
_atom_site.group_PDB 
_atom_site.id 
_atom_site.type_symbol 
_atom_site.label_atom_id 
_atom_site.label_alt_id 
_atom_site.label_comp_id 
_atom_site.label_asym_id 
_atom_site.label_entity_id 
_atom_site.label_seq_id 
_atom_site.pdbx_PDB_ins_code 
_atom_site.Cartn_x 
_atom_site.Cartn_y 
_atom_site.Cartn_z 
_atom_site.occupancy 
_atom_site.B_iso_or_equiv 
_atom_site.pdbx_formal_charge 
_atom_site.auth_seq_id 
_atom_site.auth_comp_id 
_atom_site.auth_asym_id 
_atom_site.auth_atom_id 
_atom_site.pdbx_PDB_model_num 
ATOM   1    O  "O5'"  . DT  A 1 1 ? -12.878 7.912   4.584   1.00 0.30 ? 1  DT  A "O5'"  1 
ATOM   2    C  "C5'"  . DT  A 1 1 ? -13.169 9.067   3.793   1.00 0.23 ? 1  DT  A "C5'"  1 
ATOM   3    C  "C4'"  . DT  A 1 1 ? -11.993 9.475   2.901   1.00 0.19 ? 1  DT  A "C4'"  1 
ATOM   4    O  "O4'"  . DT  A 1 1 ? -10.817 9.727   3.695   1.00 0.24 ? 1  DT  A "O4'"  1 
ATOM   5    C  "C3'"  . DT  A 1 1 ? -11.592 8.351   1.935   1.00 0.16 ? 1  DT  A "C3'"  1 
ATOM   6    O  "O3'"  . DT  A 1 1 ? -12.380 8.309   0.740   1.00 0.21 ? 1  DT  A "O3'"  1 
ATOM   7    C  "C2'"  . DT  A 1 1 ? -10.134 8.711   1.662   1.00 0.25 ? 1  DT  A "C2'"  1 
ATOM   8    C  "C1'"  . DT  A 1 1 ? -9.669  9.112   3.073   1.00 0.30 ? 1  DT  A "C1'"  1 
ATOM   9    N  N1     . DT  A 1 1 ? -9.102  7.958   3.821   1.00 0.35 ? 1  DT  A N1     1 
ATOM   10   C  C2     . DT  A 1 1 ? -7.830  7.529   3.467   1.00 0.48 ? 1  DT  A C2     1 
ATOM   11   O  O2     . DT  A 1 1 ? -7.184  8.007   2.534   1.00 0.60 ? 1  DT  A O2     1 
ATOM   12   N  N3     . DT  A 1 1 ? -7.308  6.509   4.235   1.00 0.52 ? 1  DT  A N3     1 
ATOM   13   C  C4     . DT  A 1 1 ? -7.946  5.828   5.249   1.00 0.47 ? 1  DT  A C4     1 
ATOM   14   O  O4     . DT  A 1 1 ? -7.342  4.939   5.849   1.00 0.57 ? 1  DT  A O4     1 
ATOM   15   C  C5     . DT  A 1 1 ? -9.296  6.284   5.499   1.00 0.42 ? 1  DT  A C5     1 
ATOM   16   C  C7     . DT  A 1 1 ? -10.166 5.566   6.538   1.00 0.58 ? 1  DT  A C7     1 
ATOM   17   C  C6     . DT  A 1 1 ? -9.802  7.336   4.825   1.00 0.30 ? 1  DT  A C6     1 
ATOM   18   H  "H5'"  . DT  A 1 1 ? -13.414 9.895   4.460   1.00 0.28 ? 1  DT  A "H5'"  1 
ATOM   19   H  "H5''" . DT  A 1 1 ? -14.033 8.852   3.166   1.00 0.34 ? 1  DT  A "H5''" 1 
ATOM   20   H  "H4'"  . DT  A 1 1 ? -12.285 10.390  2.384   1.00 0.25 ? 1  DT  A "H4'"  1 
ATOM   21   H  "H3'"  . DT  A 1 1 ? -11.649 7.391   2.448   1.00 0.18 ? 1  DT  A "H3'"  1 
ATOM   22   H  "H2'"  . DT  A 1 1 ? -9.589  7.941   1.114   1.00 0.32 ? 1  DT  A "H2'"  1 
ATOM   23   H  "H2''" . DT  A 1 1 ? -10.039 9.584   1.015   1.00 0.30 ? 1  DT  A "H2''" 1 
ATOM   24   H  "H1'"  . DT  A 1 1 ? -8.933  9.915   3.039   1.00 0.37 ? 1  DT  A "H1'"  1 
ATOM   25   H  H3     . DT  A 1 1 ? -6.336  6.293   4.104   1.00 0.58 ? 1  DT  A H3     1 
ATOM   26   H  H71    . DT  A 1 1 ? -11.058 5.169   6.054   1.00 0.67 ? 1  DT  A H71    1 
ATOM   27   H  H72    . DT  A 1 1 ? -9.610  4.747   6.992   1.00 0.70 ? 1  DT  A H72    1 
ATOM   28   H  H73    . DT  A 1 1 ? -10.460 6.271   7.316   1.00 0.65 ? 1  DT  A H73    1 
ATOM   29   H  H6     . DT  A 1 1 ? -10.785 7.718   5.101   1.00 0.24 ? 1  DT  A H6     1 
ATOM   30   H  "HO5'" . DT  A 1 1 ? -13.659 7.727   5.112   1.00 0.50 ? 1  DT  A "HO5'" 1 
ATOM   31   P  P      . DC  A 1 2 ? -12.434 6.991   -0.196  1.00 0.21 ? 2  DC  A P      1 
ATOM   32   O  OP1    . DC  A 1 2 ? -13.513 7.176   -1.191  1.00 0.28 ? 2  DC  A OP1    1 
ATOM   33   O  OP2    . DC  A 1 2 ? -12.439 5.797   0.681   1.00 0.28 ? 2  DC  A OP2    1 
ATOM   34   O  "O5'"  . DC  A 1 2 ? -11.020 7.035   -0.965  1.00 0.22 ? 2  DC  A "O5'"  1 
ATOM   35   C  "C5'"  . DC  A 1 2 ? -10.632 8.144   -1.788  1.00 0.24 ? 2  DC  A "C5'"  1 
ATOM   36   C  "C4'"  . DC  A 1 2 ? -9.115  8.187   -1.982  1.00 0.23 ? 2  DC  A "C4'"  1 
ATOM   37   O  "O4'"  . DC  A 1 2 ? -8.422  8.216   -0.721  1.00 0.22 ? 2  DC  A "O4'"  1 
ATOM   38   C  "C3'"  . DC  A 1 2 ? -8.589  6.965   -2.689  1.00 0.23 ? 2  DC  A "C3'"  1 
ATOM   39   O  "O3'"  . DC  A 1 2 ? -8.808  7.007   -4.104  1.00 0.29 ? 2  DC  A "O3'"  1 
ATOM   40   C  "C2'"  . DC  A 1 2 ? -7.120  7.062   -2.297  1.00 0.21 ? 2  DC  A "C2'"  1 
ATOM   41   C  "C1'"  . DC  A 1 2 ? -7.245  7.387   -0.826  1.00 0.22 ? 2  DC  A "C1'"  1 
ATOM   42   N  N1     . DC  A 1 2 ? -7.234  6.170   0.025   1.00 0.20 ? 2  DC  A N1     1 
ATOM   43   C  C2     . DC  A 1 2 ? -6.023  5.529   0.268   1.00 0.24 ? 2  DC  A C2     1 
ATOM   44   O  O2     . DC  A 1 2 ? -4.976  5.896   -0.260  1.00 0.29 ? 2  DC  A O2     1 
ATOM   45   N  N3     . DC  A 1 2 ? -6.025  4.457   1.101   1.00 0.30 ? 2  DC  A N3     1 
ATOM   46   C  C4     . DC  A 1 2 ? -7.151  4.024   1.680   1.00 0.32 ? 2  DC  A C4     1 
ATOM   47   N  N4     . DC  A 1 2 ? -7.092  3.014   2.546   1.00 0.41 ? 2  DC  A N4     1 
ATOM   48   C  C5     . DC  A 1 2 ? -8.403  4.656   1.406   1.00 0.30 ? 2  DC  A C5     1 
ATOM   49   C  C6     . DC  A 1 2 ? -8.389  5.712   0.577   1.00 0.25 ? 2  DC  A C6     1 
ATOM   50   H  "H5'"  . DC  A 1 2 ? -10.965 9.075   -1.330  1.00 0.24 ? 2  DC  A "H5'"  1 
ATOM   51   H  "H5''" . DC  A 1 2 ? -11.111 8.040   -2.760  1.00 0.32 ? 2  DC  A "H5''" 1 
ATOM   52   H  "H4'"  . DC  A 1 2 ? -8.815  9.036   -2.596  1.00 0.26 ? 2  DC  A "H4'"  1 
ATOM   53   H  "H3'"  . DC  A 1 2 ? -9.082  6.108   -2.234  1.00 0.23 ? 2  DC  A "H3'"  1 
ATOM   54   H  "H2'"  . DC  A 1 2 ? -6.555  6.154   -2.513  1.00 0.22 ? 2  DC  A "H2'"  1 
ATOM   55   H  "H2''" . DC  A 1 2 ? -6.654  7.933   -2.756  1.00 0.25 ? 2  DC  A "H2''" 1 
ATOM   56   H  "H1'"  . DC  A 1 2 ? -6.418  8.042   -0.550  1.00 0.27 ? 2  DC  A "H1'"  1 
ATOM   57   H  H41    . DC  A 1 2 ? -6.187  2.656   2.817   1.00 0.49 ? 2  DC  A H41    1 
ATOM   58   H  H42    . DC  A 1 2 ? -7.934  2.651   2.968   1.00 0.51 ? 2  DC  A H42    1 
ATOM   59   H  H5     . DC  A 1 2 ? -9.357  4.335   1.823   1.00 0.42 ? 2  DC  A H5     1 
ATOM   60   H  H6     . DC  A 1 2 ? -9.334  6.205   0.353   1.00 0.27 ? 2  DC  A H6     1 
ATOM   61   P  P      . DG  A 1 3 ? -8.681  5.701   -5.045  1.00 0.29 ? 3  DG  A P      1 
ATOM   62   O  OP1    . DG  A 1 3 ? -9.263  6.025   -6.365  1.00 0.36 ? 3  DG  A OP1    1 
ATOM   63   O  OP2    . DG  A 1 3 ? -9.178  4.529   -4.290  1.00 0.36 ? 3  DG  A OP2    1 
ATOM   64   O  "O5'"  . DG  A 1 3 ? -7.090  5.540   -5.220  1.00 0.26 ? 3  DG  A "O5'"  1 
ATOM   65   C  "C5'"  . DG  A 1 3 ? -6.235  6.631   -5.581  1.00 0.21 ? 3  DG  A "C5'"  1 
ATOM   66   C  "C4'"  . DG  A 1 3 ? -4.763  6.240   -5.449  1.00 0.18 ? 3  DG  A "C4'"  1 
ATOM   67   O  "O4'"  . DG  A 1 3 ? -4.494  5.746   -4.120  1.00 0.21 ? 3  DG  A "O4'"  1 
ATOM   68   C  "C3'"  . DG  A 1 3 ? -4.349  5.125   -6.413  1.00 0.17 ? 3  DG  A "C3'"  1 
ATOM   69   O  "O3'"  . DG  A 1 3 ? -2.960  5.224   -6.750  1.00 0.16 ? 3  DG  A "O3'"  1 
ATOM   70   C  "C2'"  . DG  A 1 3 ? -4.669  3.920   -5.571  1.00 0.19 ? 3  DG  A "C2'"  1 
ATOM   71   C  "C1'"  . DG  A 1 3 ? -4.146  4.353   -4.210  1.00 0.17 ? 3  DG  A "C1'"  1 
ATOM   72   N  N9     . DG  A 1 3 ? -4.776  3.590   -3.103  1.00 0.18 ? 3  DG  A N9     1 
ATOM   73   C  C8     . DG  A 1 3 ? -6.100  3.337   -2.871  1.00 0.19 ? 3  DG  A C8     1 
ATOM   74   N  N7     . DG  A 1 3 ? -6.378  2.660   -1.803  1.00 0.20 ? 3  DG  A N7     1 
ATOM   75   C  C5     . DG  A 1 3 ? -5.116  2.404   -1.275  1.00 0.22 ? 3  DG  A C5     1 
ATOM   76   C  C6     . DG  A 1 3 ? -4.763  1.677   -0.113  1.00 0.21 ? 3  DG  A C6     1 
ATOM   77   O  O6     . DG  A 1 3 ? -5.499  1.116   0.692   1.00 0.22 ? 3  DG  A O6     1 
ATOM   78   N  N1     . DG  A 1 3 ? -3.397  1.655   0.088   1.00 0.21 ? 3  DG  A N1     1 
ATOM   79   C  C2     . DG  A 1 3 ? -2.470  2.267   -0.729  1.00 0.21 ? 3  DG  A C2     1 
ATOM   80   N  N2     . DG  A 1 3 ? -1.200  2.157   -0.355  1.00 0.24 ? 3  DG  A N2     1 
ATOM   81   N  N3     . DG  A 1 3 ? -2.794  2.960   -1.828  1.00 0.22 ? 3  DG  A N3     1 
ATOM   82   C  C4     . DG  A 1 3 ? -4.133  2.985   -2.042  1.00 0.21 ? 3  DG  A C4     1 
ATOM   83   H  "H5'"  . DG  A 1 3 ? -6.428  7.474   -4.918  1.00 0.24 ? 3  DG  A "H5'"  1 
ATOM   84   H  "H5''" . DG  A 1 3 ? -6.445  6.929   -6.607  1.00 0.28 ? 3  DG  A "H5''" 1 
ATOM   85   H  "H4'"  . DG  A 1 3 ? -4.123  7.109   -5.595  1.00 0.20 ? 3  DG  A "H4'"  1 
ATOM   86   H  "H3'"  . DG  A 1 3 ? -4.934  5.134   -7.332  1.00 0.20 ? 3  DG  A "H3'"  1 
ATOM   87   H  "H2'"  . DG  A 1 3 ? -5.754  3.822   -5.518  1.00 0.22 ? 3  DG  A "H2'"  1 
ATOM   88   H  "H2''" . DG  A 1 3 ? -4.265  2.981   -5.946  1.00 0.23 ? 3  DG  A "H2''" 1 
ATOM   89   H  "H1'"  . DG  A 1 3 ? -3.061  4.250   -4.222  1.00 0.19 ? 3  DG  A "H1'"  1 
ATOM   90   H  H8     . DG  A 1 3 ? -6.894  3.662   -3.543  1.00 0.19 ? 3  DG  A H8     1 
ATOM   91   H  H1     . DG  A 1 3 ? -3.100  1.159   0.921   1.00 0.25 ? 3  DG  A H1     1 
ATOM   92   H  H21    . DG  A 1 3 ? -0.967  1.631   0.470   1.00 0.29 ? 3  DG  A H21    1 
ATOM   93   H  H22    . DG  A 1 3 ? -0.475  2.607   -0.886  1.00 0.27 ? 3  DG  A H22    1 
ATOM   94   P  P      . DC  A 1 4 ? -2.271  4.265   -7.852  1.00 0.16 ? 4  DC  A P      1 
ATOM   95   O  OP1    . DC  A 1 4 ? -1.367  5.090   -8.684  1.00 0.24 ? 4  DC  A OP1    1 
ATOM   96   O  OP2    . DC  A 1 4 ? -3.317  3.441   -8.498  1.00 0.23 ? 4  DC  A OP2    1 
ATOM   97   O  "O5'"  . DC  A 1 4 ? -1.374  3.303   -6.928  1.00 0.20 ? 4  DC  A "O5'"  1 
ATOM   98   C  "C5'"  . DC  A 1 4 ? -0.151  3.766   -6.345  1.00 0.18 ? 4  DC  A "C5'"  1 
ATOM   99   C  "C4'"  . DC  A 1 4 ? 0.394   2.785   -5.320  1.00 0.18 ? 4  DC  A "C4'"  1 
ATOM   100  O  "O4'"  . DC  A 1 4 ? -0.504  2.601   -4.210  1.00 0.22 ? 4  DC  A "O4'"  1 
ATOM   101  C  "C3'"  . DC  A 1 4 ? 0.637   1.398   -5.897  1.00 0.19 ? 4  DC  A "C3'"  1 
ATOM   102  O  "O3'"  . DC  A 1 4 ? 1.832   1.405   -6.686  1.00 0.19 ? 4  DC  A "O3'"  1 
ATOM   103  C  "C2'"  . DC  A 1 4 ? 0.815   0.675   -4.569  1.00 0.20 ? 4  DC  A "C2'"  1 
ATOM   104  C  "C1'"  . DC  A 1 4 ? -0.317  1.265   -3.711  1.00 0.22 ? 4  DC  A "C1'"  1 
ATOM   105  N  N1     . DC  A 1 4 ? -1.583  0.483   -3.568  1.00 0.21 ? 4  DC  A N1     1 
ATOM   106  C  C2     . DC  A 1 4 ? -1.643  -0.451  -2.535  1.00 0.23 ? 4  DC  A C2     1 
ATOM   107  O  O2     . DC  A 1 4 ? -0.648  -0.750  -1.882  1.00 0.29 ? 4  DC  A O2     1 
ATOM   108  N  N3     . DC  A 1 4 ? -2.831  -1.049  -2.264  1.00 0.25 ? 4  DC  A N3     1 
ATOM   109  C  C4     . DC  A 1 4 ? -3.928  -0.761  -2.974  1.00 0.25 ? 4  DC  A C4     1 
ATOM   110  N  N4     . DC  A 1 4 ? -5.101  -1.285  -2.620  1.00 0.35 ? 4  DC  A N4     1 
ATOM   111  C  C5     . DC  A 1 4 ? -3.879  0.150   -4.071  1.00 0.23 ? 4  DC  A C5     1 
ATOM   112  C  C6     . DC  A 1 4 ? -2.695  0.750   -4.329  1.00 0.24 ? 4  DC  A C6     1 
ATOM   113  H  "H5'"  . DC  A 1 4 ? -0.312  4.727   -5.856  1.00 0.28 ? 4  DC  A "H5'"  1 
ATOM   114  H  "H5''" . DC  A 1 4 ? 0.590   3.888   -7.135  1.00 0.24 ? 4  DC  A "H5''" 1 
ATOM   115  H  "H4'"  . DC  A 1 4 ? 1.366   3.120   -4.958  1.00 0.18 ? 4  DC  A "H4'"  1 
ATOM   116  H  "H3'"  . DC  A 1 4 ? -0.210  1.026   -6.474  1.00 0.21 ? 4  DC  A "H3'"  1 
ATOM   117  H  "H2'"  . DC  A 1 4 ? 0.874   -0.413  -4.603  1.00 0.25 ? 4  DC  A "H2'"  1 
ATOM   118  H  "H2''" . DC  A 1 4 ? 1.757   1.105   -4.233  1.00 0.22 ? 4  DC  A "H2''" 1 
ATOM   119  H  "H1'"  . DC  A 1 4 ? 0.087   1.363   -2.703  1.00 0.25 ? 4  DC  A "H1'"  1 
ATOM   120  H  H41    . DC  A 1 4 ? -5.156  -1.885  -1.811  1.00 0.39 ? 4  DC  A H41    1 
ATOM   121  H  H42    . DC  A 1 4 ? -5.936  -1.057  -3.140  1.00 0.39 ? 4  DC  A H42    1 
ATOM   122  H  H5     . DC  A 1 4 ? -4.774  0.313   -4.671  1.00 0.25 ? 4  DC  A H5     1 
ATOM   123  H  H6     . DC  A 1 4 ? -2.655  1.479   -5.139  1.00 0.26 ? 4  DC  A H6     1 
ATOM   124  P  P      . DG  A 1 5 ? 2.342   0.125   -7.516  1.00 0.16 ? 5  DG  A P      1 
ATOM   125  O  OP1    . DG  A 1 5 ? 3.587   0.495   -8.224  1.00 0.21 ? 5  DG  A OP1    1 
ATOM   126  O  OP2    . DG  A 1 5 ? 1.198   -0.433  -8.273  1.00 0.21 ? 5  DG  A OP2    1 
ATOM   127  O  "O5'"  . DG  A 1 5 ? 2.715   -0.903  -6.340  1.00 0.19 ? 5  DG  A "O5'"  1 
ATOM   128  C  "C5'"  . DG  A 1 5 ? 3.633   -0.562  -5.294  1.00 0.19 ? 5  DG  A "C5'"  1 
ATOM   129  C  "C4'"  . DG  A 1 5 ? 3.806   -1.717  -4.324  1.00 0.19 ? 5  DG  A "C4'"  1 
ATOM   130  O  "O4'"  . DG  A 1 5 ? 2.605   -2.050  -3.606  1.00 0.19 ? 5  DG  A "O4'"  1 
ATOM   131  C  "C3'"  . DG  A 1 5 ? 4.255   -2.990  -5.029  1.00 0.19 ? 5  DG  A "C3'"  1 
ATOM   132  O  "O3'"  . DG  A 1 5 ? 5.169   -3.730  -4.215  1.00 0.26 ? 5  DG  A "O3'"  1 
ATOM   133  C  "C2'"  . DG  A 1 5 ? 2.900   -3.669  -5.277  1.00 0.22 ? 5  DG  A "C2'"  1 
ATOM   134  C  "C1'"  . DG  A 1 5 ? 2.210   -3.386  -3.964  1.00 0.22 ? 5  DG  A "C1'"  1 
ATOM   135  N  N9     . DG  A 1 5 ? 0.737   -3.429  -4.042  1.00 0.22 ? 5  DG  A N9     1 
ATOM   136  C  C8     . DG  A 1 5 ? -0.111  -2.846  -4.940  1.00 0.20 ? 5  DG  A C8     1 
ATOM   137  N  N7     . DG  A 1 5 ? -1.379  -2.955  -4.685  1.00 0.23 ? 5  DG  A N7     1 
ATOM   138  C  C5     . DG  A 1 5 ? -1.378  -3.676  -3.492  1.00 0.20 ? 5  DG  A C5     1 
ATOM   139  C  C6     . DG  A 1 5 ? -2.467  -4.127  -2.709  1.00 0.22 ? 5  DG  A C6     1 
ATOM   140  O  O6     . DG  A 1 5 ? -3.664  -3.920  -2.872  1.00 0.28 ? 5  DG  A O6     1 
ATOM   141  N  N1     . DG  A 1 5 ? -2.051  -4.890  -1.632  1.00 0.24 ? 5  DG  A N1     1 
ATOM   142  C  C2     . DG  A 1 5 ? -0.731  -5.166  -1.319  1.00 0.25 ? 5  DG  A C2     1 
ATOM   143  N  N2     . DG  A 1 5 ? -0.508  -5.902  -0.232  1.00 0.29 ? 5  DG  A N2     1 
ATOM   144  N  N3     . DG  A 1 5 ? 0.299   -4.727  -2.044  1.00 0.27 ? 5  DG  A N3     1 
ATOM   145  C  C4     . DG  A 1 5 ? -0.097  -4.001  -3.116  1.00 0.22 ? 5  DG  A C4     1 
ATOM   146  H  "H5'"  . DG  A 1 5 ? 3.238   0.284   -4.731  1.00 0.22 ? 5  DG  A "H5'"  1 
ATOM   147  H  "H5''" . DG  A 1 5 ? 4.612   -0.329  -5.712  1.00 0.22 ? 5  DG  A "H5''" 1 
ATOM   148  H  "H4'"  . DG  A 1 5 ? 4.560   -1.419  -3.595  1.00 0.21 ? 5  DG  A "H4'"  1 
ATOM   149  H  "H3'"  . DG  A 1 5 ? 4.817   -2.759  -5.933  1.00 0.24 ? 5  DG  A "H3'"  1 
ATOM   150  H  "H2'"  . DG  A 1 5 ? 2.284   -3.155  -6.014  1.00 0.25 ? 5  DG  A "H2'"  1 
ATOM   151  H  "H2''" . DG  A 1 5 ? 2.981   -4.750  -5.393  1.00 0.30 ? 5  DG  A "H2''" 1 
ATOM   152  H  "H1'"  . DG  A 1 5 ? 2.561   -4.156  -3.277  1.00 0.26 ? 5  DG  A "H1'"  1 
ATOM   153  H  H8     . DG  A 1 5 ? 0.257   -2.321  -5.820  1.00 0.22 ? 5  DG  A H8     1 
ATOM   154  H  H1     . DG  A 1 5 ? -2.812  -5.298  -1.100  1.00 0.28 ? 5  DG  A H1     1 
ATOM   155  H  H21    . DG  A 1 5 ? -1.293  -6.266  0.283   1.00 0.34 ? 5  DG  A H21    1 
ATOM   156  H  H22    . DG  A 1 5 ? 0.436   -6.096  0.069   1.00 0.40 ? 5  DG  A H22    1 
ATOM   157  P  P      . DA  A 1 6 ? 6.148   -4.837  -4.874  1.00 0.31 ? 6  DA  A P      1 
ATOM   158  O  OP1    . DA  A 1 6 ? 7.449   -4.839  -4.173  1.00 0.51 ? 6  DA  A OP1    1 
ATOM   159  O  OP2    . DA  A 1 6 ? 6.111   -4.693  -6.348  1.00 0.40 ? 6  DA  A OP2    1 
ATOM   160  O  "O5'"  . DA  A 1 6 ? 5.365   -6.174  -4.488  1.00 0.33 ? 6  DA  A "O5'"  1 
ATOM   161  C  "C5'"  . DA  A 1 6 ? 5.166   -6.641  -3.148  1.00 0.27 ? 6  DA  A "C5'"  1 
ATOM   162  C  "C4'"  . DA  A 1 6 ? 4.015   -7.634  -3.152  1.00 0.21 ? 6  DA  A "C4'"  1 
ATOM   163  O  "O4'"  . DA  A 1 6 ? 2.695   -7.074  -3.277  1.00 0.26 ? 6  DA  A "O4'"  1 
ATOM   164  C  "C3'"  . DA  A 1 6 ? 4.147   -8.708  -4.197  1.00 0.20 ? 6  DA  A "C3'"  1 
ATOM   165  O  "O3'"  . DA  A 1 6 ? 3.923   -9.952  -3.560  1.00 0.23 ? 6  DA  A "O3'"  1 
ATOM   166  C  "C2'"  . DA  A 1 6 ? 3.095   -8.292  -5.191  1.00 0.20 ? 6  DA  A "C2'"  1 
ATOM   167  C  "C1'"  . DA  A 1 6 ? 2.010   -7.893  -4.229  1.00 0.20 ? 6  DA  A "C1'"  1 
ATOM   168  N  N9     . DA  A 1 6 ? 0.865   -7.198  -4.835  1.00 0.22 ? 6  DA  A N9     1 
ATOM   169  C  C8     . DA  A 1 6 ? 0.771   -6.464  -5.978  1.00 0.25 ? 6  DA  A C8     1 
ATOM   170  N  N7     . DA  A 1 6 ? -0.414  -6.014  -6.273  1.00 0.30 ? 6  DA  A N7     1 
ATOM   171  C  C5     . DA  A 1 6 ? -1.189  -6.530  -5.234  1.00 0.26 ? 6  DA  A C5     1 
ATOM   172  C  C6     . DA  A 1 6 ? -2.559  -6.468  -4.940  1.00 0.27 ? 6  DA  A C6     1 
ATOM   173  N  N6     . DA  A 1 6 ? -3.476  -5.960  -5.765  1.00 0.39 ? 6  DA  A N6     1 
ATOM   174  N  N1     . DA  A 1 6 ? -2.959  -7.032  -3.793  1.00 0.26 ? 6  DA  A N1     1 
ATOM   175  C  C2     . DA  A 1 6 ? -2.095  -7.666  -3.013  1.00 0.25 ? 6  DA  A C2     1 
ATOM   176  N  N3     . DA  A 1 6 ? -0.797  -7.818  -3.201  1.00 0.24 ? 6  DA  A N3     1 
ATOM   177  C  C4     . DA  A 1 6 ? -0.405  -7.204  -4.335  1.00 0.23 ? 6  DA  A C4     1 
ATOM   178  H  "H5'"  . DA  A 1 6 ? 4.945   -5.835  -2.448  1.00 0.32 ? 6  DA  A "H5'"  1 
ATOM   179  H  "H5''" . DA  A 1 6 ? 6.045   -7.152  -2.753  1.00 0.28 ? 6  DA  A "H5''" 1 
ATOM   180  H  "H4'"  . DA  A 1 6 ? 4.082   -8.303  -2.295  1.00 0.20 ? 6  DA  A "H4'"  1 
ATOM   181  H  "H3'"  . DA  A 1 6 ? 5.179   -8.722  -4.547  1.00 0.24 ? 6  DA  A "H3'"  1 
ATOM   182  H  "HO3'" . DA  A 1 6 ? 4.586   -9.934  -2.866  1.00 0.33 ? 6  DA  A "HO3'" 1 
ATOM   183  H  "H2'"  . DA  A 1 6 ? 3.420   -7.383  -5.698  1.00 0.25 ? 6  DA  A "H2'"  1 
ATOM   184  H  "H2''" . DA  A 1 6 ? 2.735   -9.090  -5.840  1.00 0.28 ? 6  DA  A "H2''" 1 
ATOM   185  H  "H1'"  . DA  A 1 6 ? 1.666   -8.832  -3.795  1.00 0.23 ? 6  DA  A "H1'"  1 
ATOM   186  H  H8     . DA  A 1 6 ? 1.651   -6.287  -6.597  1.00 0.24 ? 6  DA  A H8     1 
ATOM   187  H  H61    . DA  A 1 6 ? -4.458  -6.104  -5.564  1.00 0.40 ? 6  DA  A H61    1 
ATOM   188  H  H62    . DA  A 1 6 ? -3.195  -5.517  -6.627  1.00 0.61 ? 6  DA  A H62    1 
ATOM   189  H  H2     . DA  A 1 6 ? -2.510  -8.118  -2.113  1.00 0.31 ? 6  DA  A H2     1 
ATOM   190  O  "O5'"  . DT  B 1 1 ? -10.302 -11.466 -3.368  1.00 0.36 ? 7  DT  B "O5'"  1 
ATOM   191  C  "C5'"  . DT  B 1 1 ? -10.152 -12.643 -2.568  1.00 0.31 ? 7  DT  B "C5'"  1 
ATOM   192  C  "C4'"  . DT  B 1 1 ? -8.824  -12.665 -1.804  1.00 0.24 ? 7  DT  B "C4'"  1 
ATOM   193  O  "O4'"  . DT  B 1 1 ? -7.713  -12.565 -2.718  1.00 0.29 ? 7  DT  B "O4'"  1 
ATOM   194  C  "C3'"  . DT  B 1 1 ? -8.683  -11.456 -0.868  1.00 0.18 ? 7  DT  B "C3'"  1 
ATOM   195  O  "O3'"  . DT  B 1 1 ? -9.322  -11.631 0.402   1.00 0.21 ? 7  DT  B "O3'"  1 
ATOM   196  C  "C2'"  . DT  B 1 1 ? -7.164  -11.357 -0.750  1.00 0.24 ? 7  DT  B "C2'"  1 
ATOM   197  C  "C1'"  . DT  B 1 1 ? -6.744  -11.625 -2.205  1.00 0.28 ? 7  DT  B "C1'"  1 
ATOM   198  N  N1     . DT  B 1 1 ? -6.629  -10.367 -2.990  1.00 0.30 ? 7  DT  B N1     1 
ATOM   199  C  C2     . DT  B 1 1 ? -5.514  -9.572  -2.763  1.00 0.41 ? 7  DT  B C2     1 
ATOM   200  O  O2     . DT  B 1 1 ? -4.664  -9.818  -1.906  1.00 0.55 ? 7  DT  B O2     1 
ATOM   201  N  N3     . DT  B 1 1 ? -5.403  -8.456  -3.563  1.00 0.43 ? 7  DT  B N3     1 
ATOM   202  C  C4     . DT  B 1 1 ? -6.314  -8.013  -4.497  1.00 0.41 ? 7  DT  B C4     1 
ATOM   203  O  O4     . DT  B 1 1 ? -6.069  -6.995  -5.143  1.00 0.51 ? 7  DT  B O4     1 
ATOM   204  C  C5     . DT  B 1 1 ? -7.483  -8.856  -4.616  1.00 0.38 ? 7  DT  B C5     1 
ATOM   205  C  C7     . DT  B 1 1 ? -8.626  -8.451  -5.552  1.00 0.55 ? 7  DT  B C7     1 
ATOM   206  C  C6     . DT  B 1 1 ? -7.581  -10.002 -3.909  1.00 0.30 ? 7  DT  B C6     1 
ATOM   207  H  "H5'"  . DT  B 1 1 ? -10.203 -13.517 -3.217  1.00 0.39 ? 7  DT  B "H5'"  1 
ATOM   208  H  "H5''" . DT  B 1 1 ? -10.974 -12.683 -1.853  1.00 0.38 ? 7  DT  B "H5''" 1 
ATOM   209  H  "H4'"  . DT  B 1 1 ? -8.774  -13.616 -1.274  1.00 0.33 ? 7  DT  B "H4'"  1 
ATOM   210  H  "H3'"  . DT  B 1 1 ? -9.076  -10.565 -1.359  1.00 0.22 ? 7  DT  B "H3'"  1 
ATOM   211  H  "H2'"  . DT  B 1 1 ? -6.822  -10.451 -0.249  1.00 0.29 ? 7  DT  B "H2'"  1 
ATOM   212  H  "H2''" . DT  B 1 1 ? -6.748  -12.150 -0.129  1.00 0.32 ? 7  DT  B "H2''" 1 
ATOM   213  H  "H1'"  . DT  B 1 1 ? -5.803  -12.171 -2.258  1.00 0.39 ? 7  DT  B "H1'"  1 
ATOM   214  H  H3     . DT  B 1 1 ? -4.533  -7.956  -3.528  1.00 0.50 ? 7  DT  B H3     1 
ATOM   215  H  H71    . DT  B 1 1 ? -9.543  -8.329  -4.974  1.00 0.66 ? 7  DT  B H71    1 
ATOM   216  H  H72    . DT  B 1 1 ? -8.390  -7.509  -6.048  1.00 0.70 ? 7  DT  B H72    1 
ATOM   217  H  H73    . DT  B 1 1 ? -8.775  -9.223  -6.306  1.00 0.65 ? 7  DT  B H73    1 
ATOM   218  H  H6     . DT  B 1 1 ? -8.426  -10.664 -4.090  1.00 0.32 ? 7  DT  B H6     1 
ATOM   219  H  "HO5'" . DT  B 1 1 ? -11.150 -11.532 -3.812  1.00 0.56 ? 7  DT  B "HO5'" 1 
ATOM   220  P  P      . DC  B 1 2 ? -9.674  -10.373 1.355   1.00 0.25 ? 8  DC  B P      1 
ATOM   221  O  OP1    . DC  B 1 2 ? -10.542 -10.854 2.453   1.00 0.30 ? 8  DC  B OP1    1 
ATOM   222  O  OP2    . DC  B 1 2 ? -10.125 -9.250  0.501   1.00 0.29 ? 8  DC  B OP2    1 
ATOM   223  O  "O5'"  . DC  B 1 2 ? -8.241  -9.979  1.978   1.00 0.26 ? 8  DC  B "O5'"  1 
ATOM   224  C  "C5'"  . DC  B 1 2 ? -7.458  -10.908 2.740   1.00 0.26 ? 8  DC  B "C5'"  1 
ATOM   225  C  "C4'"  . DC  B 1 2 ? -5.986  -10.492 2.780   1.00 0.25 ? 8  DC  B "C4'"  1 
ATOM   226  O  "O4'"  . DC  B 1 2 ? -5.446  -10.334 1.454   1.00 0.21 ? 8  DC  B "O4'"  1 
ATOM   227  C  "C3'"  . DC  B 1 2 ? -5.781  -9.157  3.447   1.00 0.24 ? 8  DC  B "C3'"  1 
ATOM   228  O  "O3'"  . DC  B 1 2 ? -5.833  -9.239  4.876   1.00 0.29 ? 8  DC  B "O3'"  1 
ATOM   229  C  "C2'"  . DC  B 1 2 ? -4.399  -8.818  2.907   1.00 0.20 ? 8  DC  B "C2'"  1 
ATOM   230  C  "C1'"  . DC  B 1 2 ? -4.568  -9.189  1.452   1.00 0.19 ? 8  DC  B "C1'"  1 
ATOM   231  N  N1     . DC  B 1 2 ? -5.008  -8.038  0.622   1.00 0.16 ? 8  DC  B N1     1 
ATOM   232  C  C2     . DC  B 1 2 ? -4.074  -7.069  0.264   1.00 0.22 ? 8  DC  B C2     1 
ATOM   233  O  O2     . DC  B 1 2 ? -2.919  -7.100  0.683   1.00 0.31 ? 8  DC  B O2     1 
ATOM   234  N  N3     . DC  B 1 2 ? -4.471  -6.058  -0.551  1.00 0.29 ? 8  DC  B N3     1 
ATOM   235  C  C4     . DC  B 1 2 ? -5.732  -5.993  -1.004  1.00 0.29 ? 8  DC  B C4     1 
ATOM   236  N  N4     . DC  B 1 2 ? -6.071  -5.027  -1.855  1.00 0.43 ? 8  DC  B N4     1 
ATOM   237  C  C5     . DC  B 1 2 ? -6.705  -6.967  -0.613  1.00 0.27 ? 8  DC  B C5     1 
ATOM   238  C  C6     . DC  B 1 2 ? -6.295  -7.955  0.195   1.00 0.20 ? 8  DC  B C6     1 
ATOM   239  H  "H5'"  . DC  B 1 2 ? -7.542  -11.904 2.305   1.00 0.27 ? 8  DC  B "H5'"  1 
ATOM   240  H  "H5''" . DC  B 1 2 ? -7.845  -10.935 3.758   1.00 0.38 ? 8  DC  B "H5''" 1 
ATOM   241  H  "H4'"  . DC  B 1 2 ? -5.386  -11.202 3.348   1.00 0.32 ? 8  DC  B "H4'"  1 
ATOM   242  H  "H3'"  . DC  B 1 2 ? -6.552  -8.494  3.055   1.00 0.26 ? 8  DC  B "H3'"  1 
ATOM   243  H  "H2'"  . DC  B 1 2 ? -4.112  -7.780  3.078   1.00 0.20 ? 8  DC  B "H2'"  1 
ATOM   244  H  "H2''" . DC  B 1 2 ? -3.648  -9.502  3.304   1.00 0.23 ? 8  DC  B "H2''" 1 
ATOM   245  H  "H1'"  . DC  B 1 2 ? -3.615  -9.570  1.083   1.00 0.22 ? 8  DC  B "H1'"  1 
ATOM   246  H  H41    . DC  B 1 2 ? -5.351  -4.418  -2.213  1.00 0.49 ? 8  DC  B H41    1 
ATOM   247  H  H42    . DC  B 1 2 ? -7.021  -4.941  -2.184  1.00 0.51 ? 8  DC  B H42    1 
ATOM   248  H  H5     . DC  B 1 2 ? -7.750  -6.952  -0.927  1.00 0.37 ? 8  DC  B H5     1 
ATOM   249  H  H6     . DC  B 1 2 ? -7.021  -8.706  0.507   1.00 0.24 ? 8  DC  B H6     1 
ATOM   250  P  P      . DG  B 1 3 ? -6.009  -7.940  5.818   1.00 0.30 ? 9  DG  B P      1 
ATOM   251  O  OP1    . DG  B 1 3 ? -6.330  -8.401  7.187   1.00 0.36 ? 9  DG  B OP1    1 
ATOM   252  O  OP2    . DG  B 1 3 ? -6.908  -6.983  5.134   1.00 0.37 ? 9  DG  B OP2    1 
ATOM   253  O  "O5'"  . DG  B 1 3 ? -4.531  -7.306  5.833   1.00 0.28 ? 9  DG  B "O5'"  1 
ATOM   254  C  "C5'"  . DG  B 1 3 ? -3.358  -8.086  6.089   1.00 0.21 ? 9  DG  B "C5'"  1 
ATOM   255  C  "C4'"  . DG  B 1 3 ? -2.091  -7.275  5.815   1.00 0.17 ? 9  DG  B "C4'"  1 
ATOM   256  O  "O4'"  . DG  B 1 3 ? -2.116  -6.746  4.473   1.00 0.21 ? 9  DG  B "O4'"  1 
ATOM   257  C  "C3'"  . DG  B 1 3 ? -1.934  -6.070  6.747   1.00 0.13 ? 9  DG  B "C3'"  1 
ATOM   258  O  "O3'"  . DG  B 1 3 ? -0.551  -5.745  6.941   1.00 0.15 ? 9  DG  B "O3'"  1 
ATOM   259  C  "C2'"  . DG  B 1 3 ? -2.683  -5.032  5.960   1.00 0.14 ? 9  DG  B "C2'"  1 
ATOM   260  C  "C1'"  . DG  B 1 3 ? -2.193  -5.311  4.547   1.00 0.16 ? 9  DG  B "C1'"  1 
ATOM   261  N  N9     . DG  B 1 3 ? -3.131  -4.789  3.521   1.00 0.18 ? 9  DG  B N9     1 
ATOM   262  C  C8     . DG  B 1 3 ? -4.487  -4.949  3.427   1.00 0.19 ? 9  DG  B C8     1 
ATOM   263  N  N7     . DG  B 1 3 ? -5.061  -4.403  2.403   1.00 0.25 ? 9  DG  B N7     1 
ATOM   264  C  C5     . DG  B 1 3 ? -3.994  -3.791  1.754   1.00 0.26 ? 9  DG  B C5     1 
ATOM   265  C  C6     . DG  B 1 3 ? -3.993  -3.011  0.571   1.00 0.28 ? 9  DG  B C6     1 
ATOM   266  O  O6     . DG  B 1 3 ? -4.940  -2.709  -0.147  1.00 0.30 ? 9  DG  B O6     1 
ATOM   267  N  N1     . DG  B 1 3 ? -2.724  -2.585  0.233   1.00 0.24 ? 9  DG  B N1     1 
ATOM   268  C  C2     . DG  B 1 3 ? -1.580  -2.878  0.945   1.00 0.22 ? 9  DG  B C2     1 
ATOM   269  N  N2     . DG  B 1 3 ? -0.444  -2.399  0.445   1.00 0.26 ? 9  DG  B N2     1 
ATOM   270  N  N3     . DG  B 1 3 ? -1.567  -3.618  2.061   1.00 0.25 ? 9  DG  B N3     1 
ATOM   271  C  C4     . DG  B 1 3 ? -2.808  -4.037  2.408   1.00 0.24 ? 9  DG  B C4     1 
ATOM   272  H  "H5'"  . DG  B 1 3 ? -3.354  -8.959  5.438   1.00 0.23 ? 9  DG  B "H5'"  1 
ATOM   273  H  "H5''" . DG  B 1 3 ? -3.363  -8.416  7.127   1.00 0.30 ? 9  DG  B "H5''" 1 
ATOM   274  H  "H4'"  . DG  B 1 3 ? -1.209  -7.911  5.880   1.00 0.21 ? 9  DG  B "H4'"  1 
ATOM   275  H  "H3'"  . DG  B 1 3 ? -2.393  -6.240  7.722   1.00 0.17 ? 9  DG  B "H3'"  1 
ATOM   276  H  "H2'"  . DG  B 1 3 ? -3.747  -5.262  6.019   1.00 0.19 ? 9  DG  B "H2'"  1 
ATOM   277  H  "H2''" . DG  B 1 3 ? -2.542  -4.008  6.306   1.00 0.17 ? 9  DG  B "H2''" 1 
ATOM   278  H  "H1'"  . DG  B 1 3 ? -1.193  -4.888  4.450   1.00 0.20 ? 9  DG  B "H1'"  1 
ATOM   279  H  H8     . DG  B 1 3 ? -5.076  -5.484  4.171   1.00 0.21 ? 9  DG  B H8     1 
ATOM   280  H  H1     . DG  B 1 3 ? -2.675  -2.036  -0.619  1.00 0.28 ? 9  DG  B H1     1 
ATOM   281  H  H21    . DG  B 1 3 ? -0.465  -1.841  -0.392  1.00 0.33 ? 9  DG  B H21    1 
ATOM   282  H  H22    . DG  B 1 3 ? 0.433   -2.604  0.893   1.00 0.30 ? 9  DG  B H22    1 
ATOM   283  P  P      . DC  B 1 4 ? -0.073  -4.606  7.981   1.00 0.19 ? 10 DC  B P      1 
ATOM   284  O  OP1    . DC  B 1 4 ? 1.116   -5.109  8.706   1.00 0.31 ? 10 DC  B OP1    1 
ATOM   285  O  OP2    . DC  B 1 4 ? -1.248  -4.121  8.742   1.00 0.26 ? 10 DC  B OP2    1 
ATOM   286  O  "O5'"  . DC  B 1 4 ? 0.397   -3.435  6.985   1.00 0.19 ? 10 DC  B "O5'"  1 
ATOM   287  C  "C5'"  . DC  B 1 4 ? 1.637   -3.521  6.275   1.00 0.17 ? 10 DC  B "C5'"  1 
ATOM   288  C  "C4'"  . DC  B 1 4 ? 1.757   -2.437  5.214   1.00 0.17 ? 10 DC  B "C4'"  1 
ATOM   289  O  "O4'"  . DC  B 1 4 ? 0.739   -2.551  4.204   1.00 0.18 ? 10 DC  B "O4'"  1 
ATOM   290  C  "C3'"  . DC  B 1 4 ? 1.631   -1.033  5.783   1.00 0.15 ? 10 DC  B "C3'"  1 
ATOM   291  O  "O3'"  . DC  B 1 4 ? 2.846   -0.669  6.447   1.00 0.17 ? 10 DC  B "O3'"  1 
ATOM   292  C  "C2'"  . DC  B 1 4 ? 1.449   -0.312  4.454   1.00 0.18 ? 10 DC  B "C2'"  1 
ATOM   293  C  "C1'"  . DC  B 1 4 ? 0.466   -1.227  3.707   1.00 0.19 ? 10 DC  B "C1'"  1 
ATOM   294  N  N1     . DC  B 1 4 ? -0.984  -0.863  3.703   1.00 0.20 ? 10 DC  B N1     1 
ATOM   295  C  C2     . DC  B 1 4 ? -1.424  -0.007  2.695   1.00 0.25 ? 10 DC  B C2     1 
ATOM   296  O  O2     . DC  B 1 4 ? -0.635  0.564   1.950   1.00 0.31 ? 10 DC  B O2     1 
ATOM   297  N  N3     . DC  B 1 4 ? -2.760  0.203   2.555   1.00 0.26 ? 10 DC  B N3     1 
ATOM   298  C  C4     . DC  B 1 4 ? -3.641  -0.386  3.369   1.00 0.26 ? 10 DC  B C4     1 
ATOM   299  N  N4     . DC  B 1 4 ? -4.947  -0.244  3.143   1.00 0.38 ? 10 DC  B N4     1 
ATOM   300  C  C5     . DC  B 1 4 ? -3.211  -1.224  4.442   1.00 0.23 ? 10 DC  B C5     1 
ATOM   301  C  C6     . DC  B 1 4 ? -1.882  -1.438  4.570   1.00 0.21 ? 10 DC  B C6     1 
ATOM   302  H  "H5'"  . DC  B 1 4 ? 1.722   -4.494  5.789   1.00 0.27 ? 10 DC  B "H5'"  1 
ATOM   303  H  "H5''" . DC  B 1 4 ? 2.457   -3.402  6.983   1.00 0.23 ? 10 DC  B "H5''" 1 
ATOM   304  H  "H4'"  . DC  B 1 4 ? 2.742   -2.474  4.749   1.00 0.17 ? 10 DC  B "H4'"  1 
ATOM   305  H  "H3'"  . DC  B 1 4 ? 0.774   -0.921  6.447   1.00 0.17 ? 10 DC  B "H3'"  1 
ATOM   306  H  "H2'"  . DC  B 1 4 ? 1.184   0.746   4.497   1.00 0.23 ? 10 DC  B "H2'"  1 
ATOM   307  H  "H2''" . DC  B 1 4 ? 2.439   -0.446  4.018   1.00 0.19 ? 10 DC  B "H2''" 1 
ATOM   308  H  "H1'"  . DC  B 1 4 ? 0.777   -1.217  2.661   1.00 0.23 ? 10 DC  B "H1'"  1 
ATOM   309  H  H41    . DC  B 1 4 ? -5.261  0.298   2.352   1.00 0.38 ? 10 DC  B H41    1 
ATOM   310  H  H42    . DC  B 1 4 ? -5.619  -0.702  3.741   1.00 0.46 ? 10 DC  B H42    1 
ATOM   311  H  H5     . DC  B 1 4 ? -3.951  -1.637  5.127   1.00 0.20 ? 10 DC  B H5     1 
ATOM   312  H  H6     . DC  B 1 4 ? -1.544  -2.108  5.361   1.00 0.21 ? 10 DC  B H6     1 
ATOM   313  P  P      . DG  B 1 5 ? 3.030   0.720   7.239   1.00 0.17 ? 11 DG  B P      1 
ATOM   314  O  OP1    . DG  B 1 5 ? 4.394   0.751   7.814   1.00 0.27 ? 11 DG  B OP1    1 
ATOM   315  O  OP2    . DG  B 1 5 ? 1.854   0.924   8.114   1.00 0.22 ? 11 DG  B OP2    1 
ATOM   316  O  "O5'"  . DG  B 1 5 ? 2.960   1.793   6.044   1.00 0.21 ? 11 DG  B "O5'"  1 
ATOM   317  C  "C5'"  . DG  B 1 5 ? 3.828   1.722   4.906   1.00 0.17 ? 11 DG  B "C5'"  1 
ATOM   318  C  "C4'"  . DG  B 1 5 ? 3.552   2.859   3.938   1.00 0.17 ? 11 DG  B "C4'"  1 
ATOM   319  O  "O4'"  . DG  B 1 5 ? 2.238   2.807   3.356   1.00 0.23 ? 11 DG  B "O4'"  1 
ATOM   320  C  "C3'"  . DG  B 1 5 ? 3.668   4.221   4.621   1.00 0.20 ? 11 DG  B "C3'"  1 
ATOM   321  O  "O3'"  . DG  B 1 5 ? 4.229   5.186   3.726   1.00 0.27 ? 11 DG  B "O3'"  1 
ATOM   322  C  "C2'"  . DG  B 1 5 ? 2.201   4.466   5.009   1.00 0.23 ? 11 DG  B "C2'"  1 
ATOM   323  C  "C1'"  . DG  B 1 5 ? 1.500   3.969   3.769   1.00 0.25 ? 11 DG  B "C1'"  1 
ATOM   324  N  N9     . DG  B 1 5 ? 0.096   3.571   3.997   1.00 0.23 ? 11 DG  B N9     1 
ATOM   325  C  C8     . DG  B 1 5 ? -0.444  2.776   4.967   1.00 0.24 ? 11 DG  B C8     1 
ATOM   326  N  N7     . DG  B 1 5 ? -1.705  2.496   4.843   1.00 0.23 ? 11 DG  B N7     1 
ATOM   327  C  C5     . DG  B 1 5 ? -2.042  3.166   3.667   1.00 0.22 ? 11 DG  B C5     1 
ATOM   328  C  C6     . DG  B 1 5 ? -3.288  3.257   3.005   1.00 0.21 ? 11 DG  B C6     1 
ATOM   329  O  O6     . DG  B 1 5 ? -4.348  2.706   3.282   1.00 0.26 ? 11 DG  B O6     1 
ATOM   330  N  N1     . DG  B 1 5 ? -3.225  4.092   1.903   1.00 0.22 ? 11 DG  B N1     1 
ATOM   331  C  C2     . DG  B 1 5 ? -2.090  4.743   1.461   1.00 0.24 ? 11 DG  B C2     1 
ATOM   332  N  N2     . DG  B 1 5 ? -2.212  5.495   0.368   1.00 0.28 ? 11 DG  B N2     1 
ATOM   333  N  N3     . DG  B 1 5 ? -0.908  4.644   2.071   1.00 0.27 ? 11 DG  B N3     1 
ATOM   334  C  C4     . DG  B 1 5 ? -0.960  3.852   3.168   1.00 0.24 ? 11 DG  B C4     1 
ATOM   335  H  "H5'"  . DG  B 1 5 ? 3.648   0.790   4.372   1.00 0.24 ? 11 DG  B "H5'"  1 
ATOM   336  H  "H5''" . DG  B 1 5 ? 4.869   1.795   5.221   1.00 0.23 ? 11 DG  B "H5''" 1 
ATOM   337  H  "H4'"  . DG  B 1 5 ? 4.266   2.769   3.119   1.00 0.24 ? 11 DG  B "H4'"  1 
ATOM   338  H  "H3'"  . DG  B 1 5 ? 4.348   4.204   5.473   1.00 0.22 ? 11 DG  B "H3'"  1 
ATOM   339  H  "H2'"  . DG  B 1 5 ? 1.843   3.804   5.798   1.00 0.23 ? 11 DG  B "H2'"  1 
ATOM   340  H  "H2''" . DG  B 1 5 ? 1.966   5.524   5.133   1.00 0.32 ? 11 DG  B "H2''" 1 
ATOM   341  H  "H1'"  . DG  B 1 5 ? 1.532   4.796   3.061   1.00 0.32 ? 11 DG  B "H1'"  1 
ATOM   342  H  H8     . DG  B 1 5 ? 0.150   2.399   5.800   1.00 0.24 ? 11 DG  B H8     1 
ATOM   343  H  H1     . DG  B 1 5 ? -4.116  4.242   1.454   1.00 0.24 ? 11 DG  B H1     1 
ATOM   344  H  H21    . DG  B 1 5 ? -3.121  5.599   -0.058  1.00 0.30 ? 11 DG  B H21    1 
ATOM   345  H  H22    . DG  B 1 5 ? -1.404  5.957   -0.026  1.00 0.41 ? 11 DG  B H22    1 
ATOM   346  P  P      . DA  B 1 6 ? 4.892   6.546   4.296   1.00 0.32 ? 12 DA  B P      1 
ATOM   347  O  OP1    . DA  B 1 6 ? 6.056   6.924   3.466   1.00 0.46 ? 12 DA  B OP1    1 
ATOM   348  O  OP2    . DA  B 1 6 ? 5.048   6.424   5.764   1.00 0.40 ? 12 DA  B OP2    1 
ATOM   349  O  "O5'"  . DA  B 1 6 ? 3.709   7.580   4.011   1.00 0.33 ? 12 DA  B "O5'"  1 
ATOM   350  C  "C5'"  . DA  B 1 6 ? 3.248   7.945   2.705   1.00 0.25 ? 12 DA  B "C5'"  1 
ATOM   351  C  "C4'"  . DA  B 1 6 ? 1.858   8.547   2.839   1.00 0.24 ? 12 DA  B "C4'"  1 
ATOM   352  O  "O4'"  . DA  B 1 6 ? 0.785   7.621   3.089   1.00 0.28 ? 12 DA  B "O4'"  1 
ATOM   353  C  "C3'"  . DA  B 1 6 ? 1.766   9.629   3.881   1.00 0.24 ? 12 DA  B "C3'"  1 
ATOM   354  O  "O3'"  . DA  B 1 6 ? 1.118   10.738  3.287   1.00 0.30 ? 12 DA  B "O3'"  1 
ATOM   355  C  "C2'"  . DA  B 1 6 ? 0.994   8.934   4.970   1.00 0.26 ? 12 DA  B "C2'"  1 
ATOM   356  C  "C1'"  . DA  B 1 6 ? -0.015  8.214   4.118   1.00 0.25 ? 12 DA  B "C1'"  1 
ATOM   357  N  N9     . DA  B 1 6 ? -0.833  7.218   4.826   1.00 0.27 ? 12 DA  B N9     1 
ATOM   358  C  C8     . DA  B 1 6 ? -0.585  6.510   5.963   1.00 0.31 ? 12 DA  B C8     1 
ATOM   359  N  N7     . DA  B 1 6 ? -1.547  5.730   6.370   1.00 0.36 ? 12 DA  B N7     1 
ATOM   360  C  C5     . DA  B 1 6 ? -2.541  5.974   5.421   1.00 0.30 ? 12 DA  B C5     1 
ATOM   361  C  C6     . DA  B 1 6 ? -3.853  5.501   5.267   1.00 0.32 ? 12 DA  B C6     1 
ATOM   362  N  N6     . DA  B 1 6 ? -4.488  4.756   6.173   1.00 0.40 ? 12 DA  B N6     1 
ATOM   363  N  N1     . DA  B 1 6 ? -4.517  5.902   4.175   1.00 0.29 ? 12 DA  B N1     1 
ATOM   364  C  C2     . DA  B 1 6 ? -3.966  6.749   3.321   1.00 0.28 ? 12 DA  B C2     1 
ATOM   365  N  N3     . DA  B 1 6 ? -2.759  7.284   3.377   1.00 0.28 ? 12 DA  B N3     1 
ATOM   366  C  C4     . DA  B 1 6 ? -2.090  6.837   4.457   1.00 0.27 ? 12 DA  B C4     1 
ATOM   367  H  "H5'"  . DA  B 1 6 ? 3.208   7.099   2.020   1.00 0.33 ? 12 DA  B "H5'"  1 
ATOM   368  H  "H5''" . DA  B 1 6 ? 3.889   8.688   2.230   1.00 0.27 ? 12 DA  B "H5''" 1 
ATOM   369  H  "H4'"  . DA  B 1 6 ? 1.637   9.191   1.987   1.00 0.26 ? 12 DA  B "H4'"  1 
ATOM   370  H  "H3'"  . DA  B 1 6 ? 2.777   9.958   4.123   1.00 0.27 ? 12 DA  B "H3'"  1 
ATOM   371  H  "HO3'" . DA  B 1 6 ? 1.684   10.910  2.530   1.00 0.33 ? 12 DA  B "HO3'" 1 
ATOM   372  H  "H2'"  . DA  B 1 6 ? 1.626   8.174   5.428   1.00 0.28 ? 12 DA  B "H2'"  1 
ATOM   373  H  "H2''" . DA  B 1 6 ? 0.479   9.601   5.663   1.00 0.33 ? 12 DA  B "H2''" 1 
ATOM   374  H  "H1'"  . DA  B 1 6 ? -0.665  9.001   3.737   1.00 0.26 ? 12 DA  B "H1'"  1 
ATOM   375  H  H8     . DA  B 1 6 ? 0.364   6.615   6.486   1.00 0.31 ? 12 DA  B H8     1 
ATOM   376  H  H61    . DA  B 1 6 ? -5.485  4.596   6.075   1.00 0.39 ? 12 DA  B H61    1 
ATOM   377  H  H62    . DA  B 1 6 ? -4.000  4.431   6.995   1.00 0.56 ? 12 DA  B H62    1 
ATOM   378  H  H2     . DA  B 1 6 ? -4.584  7.041   2.472   1.00 0.33 ? 12 DA  B H2     1 
HETATM 379  C  C1     . DDA C 2 . ? 1.902   7.718   -5.896  1.00 0.36 ? 1  DDA C C1     1 
HETATM 380  C  C2     . DDA C 2 . ? 0.711   8.294   -6.660  1.00 0.39 ? 1  DDA C C2     1 
HETATM 381  C  C3     . DDA C 2 . ? 1.103   8.695   -8.098  1.00 0.45 ? 1  DDA C C3     1 
HETATM 382  C  C4     . DDA C 2 . ? 2.321   9.614   -8.092  1.00 0.48 ? 1  DDA C C4     1 
HETATM 383  C  C5     . DDA C 2 . ? 3.420   8.862   -7.344  1.00 0.44 ? 1  DDA C C5     1 
HETATM 384  C  C6     . DDA C 2 . ? 4.787   9.607   -7.376  1.00 0.49 ? 1  DDA C C6     1 
HETATM 385  O  O5     . DDA C 2 . ? 2.996   8.640   -5.992  1.00 0.38 ? 1  DDA C O5     1 
HETATM 386  O  O1     . DDA C 2 . ? 1.503   7.455   -4.537  1.00 0.33 ? 1  DDA C O1     1 
HETATM 387  O  O3     . DDA C 2 . ? 0.019   9.350   -8.775  1.00 0.52 ? 1  DDA C O3     1 
HETATM 388  O  O4     . DDA C 2 . ? 2.725   9.881   -9.420  1.00 0.60 ? 1  DDA C O4     1 
HETATM 389  H  H1     . DDA C 2 . ? 2.245   6.787   -6.369  1.00 0.39 ? 1  DDA C H1     1 
HETATM 390  H  H21    . DDA C 2 . ? 0.288   9.137   -6.095  1.00 0.39 ? 1  DDA C H21    1 
HETATM 391  H  H22    . DDA C 2 . ? -0.121  7.577   -6.652  1.00 0.40 ? 1  DDA C H22    1 
HETATM 392  H  H3     . DDA C 2 . ? 1.392   7.801   -8.668  1.00 0.49 ? 1  DDA C H3     1 
HETATM 393  H  H4     . DDA C 2 . ? 2.086   10.563  -7.590  1.00 0.46 ? 1  DDA C H4     1 
HETATM 394  H  H5     . DDA C 2 . ? 3.452   7.862   -7.797  1.00 0.46 ? 1  DDA C H5     1 
HETATM 395  H  H61    . DDA C 2 . ? 5.575   9.055   -6.846  1.00 0.52 ? 1  DDA C H61    1 
HETATM 396  H  H62    . DDA C 2 . ? 5.131   9.781   -8.405  1.00 0.54 ? 1  DDA C H62    1 
HETATM 397  H  H63    . DDA C 2 . ? 4.696   10.592  -6.899  1.00 0.48 ? 1  DDA C H63    1 
HETATM 398  H  HO4    . DDA C 2 . ? 2.905   9.053   -9.870  1.00 0.69 ? 1  DDA C HO4    1 
HETATM 399  C  C1     . DDA C 2 . ? -1.156  8.563   -8.990  1.00 0.41 ? 2  DDA C C1     1 
HETATM 400  C  C2     . DDA C 2 . ? -2.312  9.115   -8.162  1.00 0.39 ? 2  DDA C C2     1 
HETATM 401  C  C3     . DDA C 2 . ? -3.527  8.234   -8.348  1.00 0.31 ? 2  DDA C C3     1 
HETATM 402  C  C4     . DDA C 2 . ? -3.875  8.071   -9.826  1.00 0.41 ? 2  DDA C C4     1 
HETATM 403  C  C5     . DDA C 2 . ? -2.634  7.651   -10.630 1.00 0.39 ? 2  DDA C C5     1 
HETATM 404  C  C6     . DDA C 2 . ? -2.874  7.598   -12.135 1.00 0.48 ? 2  DDA C C6     1 
HETATM 405  O  O5     . DDA C 2 . ? -1.548  8.541   -10.360 1.00 0.44 ? 2  DDA C O5     1 
HETATM 406  O  O3     . DDA C 2 . ? -4.624  8.770   -7.638  1.00 0.42 ? 2  DDA C O3     1 
HETATM 407  O  O4     . DDA C 2 . ? -4.866  7.070   -9.940  1.00 0.65 ? 2  DDA C O4     1 
HETATM 408  H  H1     . DDA C 2 . ? -0.941  7.522   -8.711  1.00 0.39 ? 2  DDA C H1     1 
HETATM 409  H  H21    . DDA C 2 . ? -2.537  10.140  -8.486  1.00 0.54 ? 2  DDA C H21    1 
HETATM 410  H  H22    . DDA C 2 . ? -2.054  9.101   -7.093  1.00 0.43 ? 2  DDA C H22    1 
HETATM 411  H  H3     . DDA C 2 . ? -3.262  7.254   -7.928  1.00 0.29 ? 2  DDA C H3     1 
HETATM 412  H  H4     . DDA C 2 . ? -4.254  9.025   -10.217 1.00 0.52 ? 2  DDA C H4     1 
HETATM 413  H  H5     . DDA C 2 . ? -2.325  6.646   -10.308 1.00 0.51 ? 2  DDA C H5     1 
HETATM 414  H  H61    . DDA C 2 . ? -1.954  7.261   -12.633 1.00 0.61 ? 2  DDA C H61    1 
HETATM 415  H  H62    . DDA C 2 . ? -3.682  6.889   -12.361 1.00 0.59 ? 2  DDA C H62    1 
HETATM 416  H  H63    . DDA C 2 . ? -3.142  8.593   -12.518 1.00 0.49 ? 2  DDA C H63    1 
HETATM 417  H  HO3    . DDA C 2 . ? -4.989  8.089   -7.072  1.00 0.50 ? 2  DDA C HO3    1 
HETATM 418  H  HO4    . DDA C 2 . ? -4.636  6.365   -9.332  1.00 0.77 ? 2  DDA C HO4    1 
HETATM 419  C  C1     . DDA D 3 . ? 6.998   -1.549  -1.570  1.00 0.23 ? 1  DDA D C1     1 
HETATM 420  C  C2     . DDA D 3 . ? 6.506   -2.983  -1.604  1.00 0.31 ? 1  DDA D C2     1 
HETATM 421  C  C3     . DDA D 3 . ? 6.870   -3.768  -0.373  1.00 0.27 ? 1  DDA D C3     1 
HETATM 422  C  C4     . DDA D 3 . ? 8.351   -3.584  0.009   1.00 0.28 ? 1  DDA D C4     1 
HETATM 423  C  C5     . DDA D 3 . ? 8.753   -2.098  0.027   1.00 0.27 ? 1  DDA D C5     1 
HETATM 424  C  C6     . DDA D 3 . ? 10.354  -1.784  0.277   1.00 0.35 ? 1  DDA D C6     1 
HETATM 425  O  O5     . DDA D 3 . ? 8.394   -1.507  -1.233  1.00 0.24 ? 1  DDA D O5     1 
HETATM 426  O  O1     . DDA D 3 . ? 6.749   -0.932  -2.849  1.00 0.27 ? 1  DDA D O1     1 
HETATM 427  O  O3     . DDA D 3 . ? 6.560   -5.144  -0.641  1.00 0.31 ? 1  DDA D O3     1 
HETATM 428  O  O4     . DDA D 3 . ? 8.607   -4.165  1.269   1.00 0.39 ? 1  DDA D O4     1 
HETATM 429  H  H1     . DDA D 3 . ? 6.432   -1.028  -0.787  1.00 0.25 ? 1  DDA D H1     1 
HETATM 430  H  H21    . DDA D 3 . ? 6.887   -3.478  -2.508  1.00 0.39 ? 1  DDA D H21    1 
HETATM 431  H  H22    . DDA D 3 . ? 5.407   -2.977  -1.583  1.00 0.40 ? 1  DDA D H22    1 
HETATM 432  H  H3     . DDA D 3 . ? 6.217   -3.366  0.413   1.00 0.28 ? 1  DDA D H3     1 
HETATM 433  H  H4     . DDA D 3 . ? 8.931   -4.119  -0.755  1.00 0.36 ? 1  DDA D H4     1 
HETATM 434  H  H5     . DDA D 3 . ? 7.996   -1.740  0.739   1.00 0.26 ? 1  DDA D H5     1 
HETATM 435  H  H61    . DDA D 3 . ? 10.644  -0.725  0.331   1.00 0.38 ? 1  DDA D H61    1 
HETATM 436  H  H62    . DDA D 3 . ? 10.836  -2.268  1.137   1.00 0.46 ? 1  DDA D H62    1 
HETATM 437  H  H63    . DDA D 3 . ? 10.976  -2.099  -0.574  1.00 0.42 ? 1  DDA D H63    1 
HETATM 438  H  HO4    . DDA D 3 . ? 8.074   -3.723  1.936   1.00 0.45 ? 1  DDA D HO4    1 
HETATM 439  C  C1     . DDL D 3 . ? 6.086   -5.965  0.431   1.00 0.23 ? 2  DDL D C1     1 
HETATM 440  C  C2     . DDL D 3 . ? 5.271   -7.109  -0.199  1.00 0.22 ? 2  DDL D C2     1 
HETATM 441  C  C3     . DDL D 3 . ? 4.800   -8.064  0.945   1.00 0.15 ? 2  DDL D C3     1 
HETATM 442  C  C4     . DDL D 3 . ? 6.040   -8.563  1.685   1.00 0.14 ? 2  DDL D C4     1 
HETATM 443  C  C5     . DDL D 3 . ? 6.859   -7.409  2.232   1.00 0.18 ? 2  DDL D C5     1 
HETATM 444  C  C6     . DDL D 3 . ? 8.172   -7.852  2.924   1.00 0.27 ? 2  DDL D C6     1 
HETATM 445  O  O5     . DDL D 3 . ? 7.186   -6.502  1.175   1.00 0.21 ? 2  DDL D O5     1 
HETATM 446  O  O3     . DDL D 3 . ? 4.072   -9.195  0.425   1.00 0.20 ? 2  DDL D O3     1 
HETATM 447  O  O4     . DDL D 3 . ? 6.837   -9.379  0.848   1.00 0.19 ? 2  DDL D O4     1 
HETATM 448  H  H1     . DDL D 3 . ? 5.461   -5.364  1.108   1.00 0.24 ? 2  DDL D H1     1 
HETATM 449  H  H2     . DDL D 3 . ? 5.963   -7.632  -0.871  1.00 0.24 ? 2  DDL D H2     1 
HETATM 450  H  H22    . DDL D 3 . ? 4.401   -6.651  -0.691  1.00 0.26 ? 2  DDL D H22    1 
HETATM 451  H  H3     . DDL D 3 . ? 4.163   -7.573  1.696   1.00 0.21 ? 2  DDL D H3     1 
HETATM 452  H  H4     . DDL D 3 . ? 5.701   -9.129  2.565   1.00 0.21 ? 2  DDL D H4     1 
HETATM 453  H  H5     . DDL D 3 . ? 6.193   -6.905  2.947   1.00 0.18 ? 2  DDL D H5     1 
HETATM 454  H  H61    . DDL D 3 . ? 8.717   -6.988  3.328   1.00 0.29 ? 2  DDL D H61    1 
HETATM 455  H  H62    . DDL D 3 . ? 7.990   -8.560  3.744   1.00 0.36 ? 2  DDL D H62    1 
HETATM 456  H  H63    . DDL D 3 . ? 8.832   -8.343  2.197   1.00 0.36 ? 2  DDL D H63    1 
HETATM 457  H  HO4    . DDL D 3 . ? 7.124   -8.867  0.088   1.00 0.29 ? 2  DDL D HO4    1 
HETATM 458  C  C1     . MDA D 3 . ? 2.643   -9.158  0.572   1.00 0.17 ? 3  MDA D C1     1 
HETATM 459  C  C2     . MDA D 3 . ? 2.002   -10.172 -0.383  1.00 0.18 ? 3  MDA D C2     1 
HETATM 460  C  C3     . MDA D 3 . ? 0.461   -10.204 -0.248  1.00 0.19 ? 3  MDA D C3     1 
HETATM 461  C  C4     . MDA D 3 . ? 0.138   -10.523 1.224   1.00 0.23 ? 3  MDA D C4     1 
HETATM 462  C  C5     . MDA D 3 . ? 0.811   -9.472  2.131   1.00 0.20 ? 3  MDA D C5     1 
HETATM 463  C  C6     . MDA D 3 . ? 0.525   -9.816  3.628   1.00 0.26 ? 3  MDA D C6     1 
HETATM 464  C  "C3'"  . MDA D 3 . ? -0.187  -11.261 -1.173  1.00 0.25 ? 3  MDA D "C3'"  1 
HETATM 465  O  O5     . MDA D 3 . ? 2.231   -9.467  1.912   1.00 0.19 ? 3  MDA D O5     1 
HETATM 466  O  O3     . MDA D 3 . ? -0.079  -8.927  -0.542  1.00 0.25 ? 3  MDA D O3     1 
HETATM 467  O  O4     . MDA D 3 . ? -1.262  -10.489 1.434   1.00 0.29 ? 3  MDA D O4     1 
HETATM 468  H  H1     . MDA D 3 . ? 2.317   -8.142  0.309   1.00 0.19 ? 3  MDA D H1     1 
HETATM 469  H  H2     . MDA D 3 . ? 2.394   -11.170 -0.147  1.00 0.19 ? 3  MDA D H2     1 
HETATM 470  H  H22    . MDA D 3 . ? 2.284   -9.869  -1.401  1.00 0.19 ? 3  MDA D H22    1 
HETATM 471  H  H4     . MDA D 3 . ? 0.492   -11.532 1.481   1.00 0.25 ? 3  MDA D H4     1 
HETATM 472  H  H5     . MDA D 3 . ? 0.455   -8.484  1.810   1.00 0.20 ? 3  MDA D H5     1 
HETATM 473  H  H61    . MDA D 3 . ? 0.999   -9.112  4.327   1.00 0.30 ? 3  MDA D H61    1 
HETATM 474  H  H62    . MDA D 3 . ? -0.549  -9.856  3.856   1.00 0.31 ? 3  MDA D H62    1 
HETATM 475  H  H63    . MDA D 3 . ? 0.929   -10.810 3.862   1.00 0.27 ? 3  MDA D H63    1 
HETATM 476  H  "H3'1" . MDA D 3 . ? -1.273  -11.290 -1.017  1.00 0.35 ? 3  MDA D "H3'1" 1 
HETATM 477  H  "H3'2" . MDA D 3 . ? -0.017  -11.039 -2.237  1.00 0.26 ? 3  MDA D "H3'2" 1 
HETATM 478  H  "H3'3" . MDA D 3 . ? 0.218   -12.259 -0.946  1.00 0.26 ? 3  MDA D "H3'3" 1 
HETATM 479  H  HO3    . MDA D 3 . ? -0.075  -8.724  -1.478  1.00 0.39 ? 3  MDA D HO3    1 
HETATM 480  H  HO4    . MDA D 3 . ? -1.690  -11.125 0.858   1.00 0.31 ? 3  MDA D HO4    1 
HETATM 481  C  C1     . DDA E 2 . ? 4.700   -6.722  5.547   1.00 0.29 ? 1  DDA E C1     1 
HETATM 482  C  C2     . DDA E 2 . ? 3.816   -7.613  6.417   1.00 0.32 ? 1  DDA E C2     1 
HETATM 483  C  C3     . DDA E 2 . ? 4.452   -7.856  7.802   1.00 0.42 ? 1  DDA E C3     1 
HETATM 484  C  C4     . DDA E 2 . ? 5.880   -8.371  7.661   1.00 0.45 ? 1  DDA E C4     1 
HETATM 485  C  C5     . DDA E 2 . ? 6.624   -7.337  6.817   1.00 0.39 ? 1  DDA E C5     1 
HETATM 486  C  C6     . DDA E 2 . ? 8.147   -7.641  6.703   1.00 0.44 ? 1  DDA E C6     1 
HETATM 487  O  O5     . DDA E 2 . ? 6.022   -7.275  5.518   1.00 0.31 ? 1  DDA E O5     1 
HETATM 488  O  O1     . DDA E 2 . ? 4.106   -6.608  4.239   1.00 0.24 ? 1  DDA E O1     1 
HETATM 489  O  O3     . DDA E 2 . ? 3.685   -8.795  8.574   1.00 0.48 ? 1  DDA E O3     1 
HETATM 490  O  O4     . DDA E 2 . ? 6.477   -8.486  8.938   1.00 0.56 ? 1  DDA E O4     1 
HETATM 491  H  H1     . DDA E 2 . ? 4.798   -5.723  5.996   1.00 0.34 ? 1  DDA E H1     1 
HETATM 492  H  H21    . DDA E 2 . ? 3.609   -8.552  5.885   1.00 0.31 ? 1  DDA E H21    1 
HETATM 493  H  H22    . DDA E 2 . ? 2.812   -7.176  6.504   1.00 0.36 ? 1  DDA E H22    1 
HETATM 494  H  H3     . DDA E 2 . ? 4.516   -6.909  8.355   1.00 0.48 ? 1  DDA E H3     1 
HETATM 495  H  H4     . DDA E 2 . ? 5.892   -9.355  7.170   1.00 0.43 ? 1  DDA E H4     1 
HETATM 496  H  H5     . DDA E 2 . ? 6.402   -6.364  7.276   1.00 0.43 ? 1  DDA E H5     1 
HETATM 497  H  H61    . DDA E 2 . ? 8.679   -6.886  6.106   1.00 0.46 ? 1  DDA E H61    1 
HETATM 498  H  H62    . DDA E 2 . ? 8.630   -7.688  7.691   1.00 0.49 ? 1  DDA E H62    1 
HETATM 499  H  H63    . DDA E 2 . ? 8.309   -8.616  6.223   1.00 0.43 ? 1  DDA E H63    1 
HETATM 500  H  HO4    . DDA E 2 . ? 6.446   -7.635  9.381   1.00 0.64 ? 1  DDA E HO4    1 
HETATM 501  C  C1     . DDA E 2 . ? 2.356   -8.391  8.916   1.00 0.40 ? 2  DDA E C1     1 
HETATM 502  C  C2     . DDA E 2 . ? 1.341   -9.275  8.200   1.00 0.39 ? 2  DDA E C2     1 
HETATM 503  C  C3     . DDA E 2 . ? -0.057  -8.793  8.520   1.00 0.36 ? 2  DDA E C3     1 
HETATM 504  C  C4     . DDA E 2 . ? -0.288  -8.718  10.028  1.00 0.48 ? 2  DDA E C4     1 
HETATM 505  C  C5     . DDA E 2 . ? 0.845   -7.936  10.710  1.00 0.45 ? 2  DDA E C5     1 
HETATM 506  C  C6     . DDA E 2 . ? 0.751   -7.934  12.232  1.00 0.58 ? 2  DDA E C6     1 
HETATM 507  O  O5     . DDA E 2 . ? 2.114   -8.465  10.318  1.00 0.44 ? 2  DDA E O5     1 
HETATM 508  O  O3     . DDA E 2 . ? -1.008  -9.642  7.915   1.00 0.48 ? 2  DDA E O3     1 
HETATM 509  O  O4     . DDA E 2 . ? -1.516  -8.058  10.253  1.00 0.73 ? 2  DDA E O4     1 
HETATM 510  H  H1     . DDA E 2 . ? 2.224   -7.337  8.633   1.00 0.39 ? 2  DDA E H1     1 
HETATM 511  H  H21    . DDA E 2 . ? 1.465   -10.314 8.529   1.00 0.54 ? 2  DDA E H21    1 
HETATM 512  H  H22    . DDA E 2 . ? 1.474   -9.201  7.111   1.00 0.44 ? 2  DDA E H22    1 
HETATM 513  H  H3     . DDA E 2 . ? -0.139  -7.785  8.090   1.00 0.37 ? 2  DDA E H3     1 
HETATM 514  H  H4     . DDA E 2 . ? -0.325  -9.736  10.440  1.00 0.56 ? 2  DDA E H4     1 
HETATM 515  H  H5     . DDA E 2 . ? 0.804   -6.890  10.375  1.00 0.60 ? 2  DDA E H5     1 
HETATM 516  H  H61    . DDA E 2 . ? 1.573   -7.328  12.641  1.00 0.70 ? 2  DDA E H61    1 
HETATM 517  H  H62    . DDA E 2 . ? -0.206  -7.495  12.549  1.00 0.72 ? 2  DDA E H62    1 
HETATM 518  H  H63    . DDA E 2 . ? 0.831   -8.959  12.624  1.00 0.55 ? 2  DDA E H63    1 
HETATM 519  H  HO3    . DDA E 2 . ? -1.614  -9.111  7.396   1.00 0.55 ? 2  DDA E HO3    1 
HETATM 520  H  HO4    . DDA E 2 . ? -1.569  -7.325  9.636   1.00 0.86 ? 2  DDA E HO4    1 
HETATM 521  C  C1     . DDA F 3 . ? 6.347   3.578   0.878   1.00 0.22 ? 1  DDA F C1     1 
HETATM 522  C  C2     . DDA F 3 . ? 5.454   4.801   0.982   1.00 0.26 ? 1  DDA F C2     1 
HETATM 523  C  C3     . DDA F 3 . ? 5.443   5.639   -0.266  1.00 0.23 ? 1  DDA F C3     1 
HETATM 524  C  C4     . DDA F 3 . ? 6.866   5.899   -0.798  1.00 0.29 ? 1  DDA F C4     1 
HETATM 525  C  C5     . DDA F 3 . ? 7.689   4.601   -0.878  1.00 0.27 ? 1  DDA F C5     1 
HETATM 526  C  C6     . DDA F 3 . ? 9.278   4.775   -1.291  1.00 0.37 ? 1  DDA F C6     1 
HETATM 527  O  O5     . DDA F 3 . ? 7.650   3.948   0.401   1.00 0.22 ? 1  DDA F O5     1 
HETATM 528  O  O1     . DDA F 3 . ? 6.420   2.934   2.165   1.00 0.22 ? 1  DDA F O1     1 
HETATM 529  O  O3     . DDA F 3 . ? 4.766   6.864   0.051   1.00 0.24 ? 1  DDA F O3     1 
HETATM 530  O  O4     . DDA F 3 . ? 6.811   6.511   -2.069  1.00 0.44 ? 1  DDA F O4     1 
HETATM 531  H  H1     . DDA F 3 . ? 5.884   2.901   0.147   1.00 0.25 ? 1  DDA F H1     1 
HETATM 532  H  H21    . DDA F 3 . ? 5.759   5.401   1.851   1.00 0.31 ? 1  DDA F H21    1 
HETATM 533  H  H22    . DDA F 3 . ? 4.410   4.465   1.071   1.00 0.34 ? 1  DDA F H22    1 
HETATM 534  H  H3     . DDA F 3 . ? 4.865   5.050   -0.990  1.00 0.29 ? 1  DDA F H3     1 
HETATM 535  H  H4     . DDA F 3 . ? 7.333   6.596   -0.087  1.00 0.35 ? 1  DDA F H4     1 
HETATM 536  H  H5     . DDA F 3 . ? 7.007   4.022   -1.515  1.00 0.30 ? 1  DDA F H5     1 
HETATM 537  H  H61    . DDA F 3 . ? 9.862   3.849   -1.392  1.00 0.42 ? 1  DDA F H61    1 
HETATM 538  H  H62    . DDA F 3 . ? 9.504   5.367   -2.190  1.00 0.42 ? 1  DDA F H62    1 
HETATM 539  H  H63    . DDA F 3 . ? 9.859   5.275   -0.505  1.00 0.40 ? 1  DDA F H63    1 
HETATM 540  H  HO4    . DDA F 3 . ? 6.370   5.921   -2.684  1.00 0.54 ? 1  DDA F HO4    1 
HETATM 541  C  C1     . DDL F 3 . ? 3.964   7.490   -0.956  1.00 0.18 ? 2  DDL F C1     1 
HETATM 542  C  C2     . DDL F 3 . ? 2.913   8.349   -0.231  1.00 0.20 ? 2  DDL F C2     1 
HETATM 543  C  C3     . DDL F 3 . ? 2.065   9.103   -1.308  1.00 0.21 ? 2  DDL F C3     1 
HETATM 544  C  C4     . DDL F 3 . ? 3.021   9.938   -2.160  1.00 0.21 ? 2  DDL F C4     1 
HETATM 545  C  C5     . DDL F 3 . ? 4.088   9.071   -2.803  1.00 0.20 ? 2  DDL F C5     1 
HETATM 546  C  C6     . DDL F 3 . ? 5.133   9.874   -3.615  1.00 0.31 ? 2  DDL F C6     1 
HETATM 547  O  O5     . DDL F 3 . ? 4.774   8.320   -1.797  1.00 0.18 ? 2  DDL F O5     1 
HETATM 548  O  O3     . DDL F 3 . ? 1.090   9.973   -0.701  1.00 0.26 ? 2  DDL F O3     1 
HETATM 549  O  O4     . DDL F 3 . ? 3.618   10.966  -1.392  1.00 0.25 ? 2  DDL F O4     1 
HETATM 550  H  H1     . DDL F 3 . ? 3.483   6.721   -1.576  1.00 0.20 ? 2  DDL F H1     1 
HETATM 551  H  H2     . DDL F 3 . ? 3.481   9.064   0.377   1.00 0.20 ? 2  DDL F H2     1 
HETATM 552  H  H22    . DDL F 3 . ? 2.272   7.663   0.340   1.00 0.24 ? 2  DDL F H22    1 
HETATM 553  H  H3     . DDL F 3 . ? 1.534   8.434   -1.998  1.00 0.26 ? 2  DDL F H3     1 
HETATM 554  H  H4     . DDL F 3 . ? 2.442   10.365  -2.991  1.00 0.30 ? 2  DDL F H4     1 
HETATM 555  H  H5     . DDL F 3 . ? 3.534   8.380   -3.455  1.00 0.22 ? 2  DDL F H5     1 
HETATM 556  H  H61    . DDL F 3 . ? 5.869   9.206   -4.085  1.00 0.32 ? 2  DDL F H61    1 
HETATM 557  H  H62    . DDL F 3 . ? 4.668   10.485  -4.402  1.00 0.41 ? 2  DDL F H62    1 
HETATM 558  H  H63    . DDL F 3 . ? 5.688   10.553  -2.950  1.00 0.37 ? 2  DDL F H63    1 
HETATM 559  H  HO4    . DDL F 3 . ? 4.119   10.575  -0.673  1.00 0.32 ? 2  DDL F HO4    1 
HETATM 560  C  C1     . MDA F 3 . ? -0.269  9.510   -0.704  1.00 0.23 ? 3  MDA F C1     1 
HETATM 561  C  C2     . MDA F 3 . ? -1.087  10.301  0.324   1.00 0.25 ? 3  MDA F C2     1 
HETATM 562  C  C3     . MDA F 3 . ? -2.572  9.870   0.344   1.00 0.24 ? 3  MDA F C3     1 
HETATM 563  C  C4     . MDA F 3 . ? -3.121  10.058  -1.084  1.00 0.21 ? 3  MDA F C4     1 
HETATM 564  C  C5     . MDA F 3 . ? -2.258  9.241   -2.067  1.00 0.23 ? 3  MDA F C5     1 
HETATM 565  C  C6     . MDA F 3 . ? -2.782  9.461   -3.524  1.00 0.28 ? 3  MDA F C6     1 
HETATM 566  C  "C3'"  . MDA F 3 . ? -3.408  10.701  1.345   1.00 0.25 ? 3  MDA F "C3'"  1 
HETATM 567  O  O5     . MDA F 3 . ? -0.887  9.661   -1.993  1.00 0.23 ? 3  MDA F O5     1 
HETATM 568  O  O3     . MDA F 3 . ? -2.675  8.495   0.671   1.00 0.30 ? 3  MDA F O3     1 
HETATM 569  O  O4     . MDA F 3 . ? -4.459  9.603   -1.153  1.00 0.22 ? 3  MDA F O4     1 
HETATM 570  H  H1     . MDA F 3 . ? -0.250  8.447   -0.425  1.00 0.23 ? 3  MDA F H1     1 
HETATM 571  H  H2     . MDA F 3 . ? -1.036  11.367  0.064   1.00 0.27 ? 3  MDA F H2     1 
HETATM 572  H  H22    . MDA F 3 . ? -0.627  10.112  1.304   1.00 0.29 ? 3  MDA F H22    1 
HETATM 573  H  H4     . MDA F 3 . ? -3.111  11.121  -1.358  1.00 0.23 ? 3  MDA F H4     1 
HETATM 574  H  H5     . MDA F 3 . ? -2.271  8.195   -1.729  1.00 0.25 ? 3  MDA F H5     1 
HETATM 575  H  H61    . MDA F 3 . ? -2.190  8.921   -4.277  1.00 0.32 ? 3  MDA F H61    1 
HETATM 576  H  H62    . MDA F 3 . ? -3.837  9.176   -3.642  1.00 0.34 ? 3  MDA F H62    1 
HETATM 577  H  H63    . MDA F 3 . ? -2.716  10.527  -3.782  1.00 0.32 ? 3  MDA F H63    1 
HETATM 578  H  "H3'1" . MDA F 3 . ? -4.465  10.403  1.298   1.00 0.29 ? 3  MDA F "H3'1" 1 
HETATM 579  H  "H3'2" . MDA F 3 . ? -3.077  10.555  2.383   1.00 0.32 ? 3  MDA F "H3'2" 1 
HETATM 580  H  "H3'3" . MDA F 3 . ? -3.344  11.770  1.094   1.00 0.27 ? 3  MDA F "H3'3" 1 
HETATM 581  H  HO3    . MDA F 3 . ? -2.517  8.318   1.598   1.00 0.44 ? 3  MDA F HO3    1 
HETATM 582  H  HO4    . MDA F 3 . ? -4.999  10.092  -0.527  1.00 0.31 ? 3  MDA F HO4    1 
HETATM 583  MG MG     . MG  G 4 . ? 2.898   0.439   -0.151  1.00 0.30 ? 13 MG  A MG     1 
HETATM 584  C  C1     . CRH H 5 . ? 5.319   0.961   -2.470  1.00 0.22 ? 9  CRH A C1     1 
HETATM 585  C  C2     . CRH H 5 . ? 6.714   0.496   -2.892  1.00 0.22 ? 9  CRH A C2     1 
HETATM 586  C  C3     . CRH H 5 . ? 7.106   1.149   -4.221  1.00 0.21 ? 9  CRH A C3     1 
HETATM 587  C  C4     . CRH H 5 . ? 6.889   2.653   -4.178  1.00 0.22 ? 9  CRH A C4     1 
HETATM 588  C  C5     . CRH H 5 . ? 3.246   5.825   -4.289  1.00 0.26 ? 9  CRH A C5     1 
HETATM 589  C  C6     . CRH H 5 . ? 2.003   6.298   -3.944  1.00 0.28 ? 9  CRH A C6     1 
HETATM 590  C  C7     . CRH H 5 . ? 1.216   5.536   -3.103  1.00 0.28 ? 9  CRH A C7     1 
HETATM 591  C  C8     . CRH H 5 . ? 1.692   4.321   -2.632  1.00 0.26 ? 9  CRH A C8     1 
HETATM 592  C  C9     . CRH H 5 . ? 3.465   2.596   -2.528  1.00 0.25 ? 9  CRH A C9     1 
HETATM 593  C  C10    . CRH H 5 . ? 4.961   4.189   -4.197  1.00 0.23 ? 9  CRH A C10    1 
HETATM 594  C  C11    . CRH H 5 . ? 3.718   4.617   -3.816  1.00 0.24 ? 9  CRH A C11    1 
HETATM 595  C  C12    . CRH H 5 . ? 2.955   3.829   -2.978  1.00 0.24 ? 9  CRH A C12    1 
HETATM 596  C  C13    . CRH H 5 . ? 4.747   2.160   -2.912  1.00 0.23 ? 9  CRH A C13    1 
HETATM 597  C  C14    . CRH H 5 . ? 5.470   2.990   -3.762  1.00 0.22 ? 9  CRH A C14    1 
HETATM 598  C  C15    . CRH H 5 . ? -0.219  5.988   -2.844  1.00 0.31 ? 9  CRH A C15    1 
HETATM 599  O  O1     . CRH H 5 . ? 4.684   0.242   -1.707  1.00 0.25 ? 9  CRH A O1     1 
HETATM 600  O  O8     . CRH H 5 . ? 0.868   3.588   -1.803  1.00 0.29 ? 9  CRH A O8     1 
HETATM 601  O  O9     . CRH H 5 . ? 2.601   1.802   -1.767  1.00 0.32 ? 9  CRH A O9     1 
HETATM 602  C  "C1'"  . CRH H 5 . ? 8.540   0.721   -4.574  1.00 0.25 ? 9  CRH A "C1'"  1 
HETATM 603  C  "C2'"  . CRH H 5 . ? 9.028   1.308   -5.903  1.00 0.31 ? 9  CRH A "C2'"  1 
HETATM 604  C  "C3'"  . CRH H 5 . ? 8.637   0.732   -7.266  1.00 0.36 ? 9  CRH A "C3'"  1 
HETATM 605  C  "C4'"  . CRH H 5 . ? 7.378   -0.168  -7.367  1.00 0.49 ? 9  CRH A "C4'"  1 
HETATM 606  C  C1M    . CRH H 5 . ? 10.686  0.200   -3.523  1.00 0.50 ? 9  CRH A C1M    1 
HETATM 607  C  C4M    . CRH H 5 . ? 7.136   -0.650  -8.816  1.00 0.66 ? 9  CRH A C4M    1 
HETATM 608  O  "O1'"  . CRH H 5 . ? 9.508   1.003   -3.560  1.00 0.33 ? 9  CRH A "O1'"  1 
HETATM 609  O  "O2'"  . CRH H 5 . ? 9.776   2.287   -5.887  1.00 0.47 ? 9  CRH A "O2'"  1 
HETATM 610  O  "O3'"  . CRH H 5 . ? 9.727   -0.020  -7.786  1.00 0.62 ? 9  CRH A "O3'"  1 
HETATM 611  O  "O4'"  . CRH H 5 . ? 7.607   -1.347  -6.603  1.00 0.66 ? 9  CRH A "O4'"  1 
HETATM 612  H  H21    . CRH H 5 . ? 7.430   0.796   -2.142  1.00 0.26 ? 9  CRH A H21    1 
HETATM 613  H  H3     . CRH H 5 . ? 6.437   0.758   -4.974  1.00 0.22 ? 9  CRH A H3     1 
HETATM 614  H  H41    . CRH H 5 . ? 7.113   3.084   -5.143  1.00 0.22 ? 9  CRH A H41    1 
HETATM 615  H  H42    . CRH H 5 . ? 7.562   3.208   -3.542  1.00 0.25 ? 9  CRH A H42    1 
HETATM 616  H  H5     . CRH H 5 . ? 3.843   6.429   -4.955  1.00 0.26 ? 9  CRH A H5     1 
HETATM 617  H  H10    . CRH H 5 . ? 5.556   4.822   -4.840  1.00 0.24 ? 9  CRH A H10    1 
HETATM 618  H  H151   . CRH H 5 . ? -0.231  7.067   -2.879  1.00 0.31 ? 9  CRH A H151   1 
HETATM 619  H  H152   . CRH H 5 . ? -0.853  5.568   -3.611  1.00 0.31 ? 9  CRH A H152   1 
HETATM 620  H  H153   . CRH H 5 . ? -0.525  5.653   -1.864  1.00 0.35 ? 9  CRH A H153   1 
HETATM 621  H  HO8    . CRH H 5 . ? -0.003  3.980   -1.723  1.00 0.30 ? 9  CRH A HO8    1 
HETATM 622  H  "H1'"  . CRH H 5 . ? 8.506   -0.355  -4.657  1.00 0.28 ? 9  CRH A "H1'"  1 
HETATM 623  H  "H3'"  . CRH H 5 . ? 8.426   1.590   -7.888  1.00 0.52 ? 9  CRH A "H3'"  1 
HETATM 624  H  "H4'"  . CRH H 5 . ? 6.527   0.387   -7.002  1.00 0.62 ? 9  CRH A "H4'"  1 
HETATM 625  H  "H1'1" . CRH H 5 . ? 11.460  0.762   -3.023  1.00 0.68 ? 9  CRH A "H1'1" 1 
HETATM 626  H  "H1'2" . CRH H 5 . ? 10.485  -0.715  -2.985  1.00 0.91 ? 9  CRH A "H1'2" 1 
HETATM 627  H  "H1'3" . CRH H 5 . ? 11.035  -0.011  -4.523  1.00 0.82 ? 9  CRH A "H1'3" 1 
HETATM 628  H  "H4'1" . CRH H 5 . ? 6.270   -1.290  -8.905  1.00 0.84 ? 9  CRH A "H4'1" 1 
HETATM 629  H  "H4'2" . CRH H 5 . ? 6.996   0.197   -9.470  1.00 0.73 ? 9  CRH A "H4'2" 1 
HETATM 630  H  "H4'3" . CRH H 5 . ? 7.998   -1.205  -9.157  1.00 0.71 ? 9  CRH A "H4'3" 1 
HETATM 631  H  HO3    . CRH H 5 . ? 9.853   -0.775  -7.206  1.00 0.71 ? 9  CRH A HO3    1 
HETATM 632  H  HO4    . CRH H 5 . ? 6.772   -1.812  -6.515  1.00 0.90 ? 9  CRH A HO4    1 
HETATM 633  C  C1     . CRH I 5 . ? 5.588   0.696   1.901   1.00 0.20 ? 3  CRH B C1     1 
HETATM 634  C  C2     . CRH I 5 . ? 6.815   1.562   2.189   1.00 0.19 ? 3  CRH B C2     1 
HETATM 635  C  C3     . CRH I 5 . ? 7.515   1.076   3.463   1.00 0.15 ? 3  CRH B C3     1 
HETATM 636  C  C4     . CRH I 5 . ? 7.753   -0.426  3.418   1.00 0.17 ? 3  CRH B C4     1 
HETATM 637  C  C5     . CRH I 5 . ? 5.252   -4.537  3.844   1.00 0.23 ? 3  CRH B C5     1 
HETATM 638  C  C6     . CRH I 5 . ? 4.178   -5.364  3.618   1.00 0.24 ? 3  CRH B C6     1 
HETATM 639  C  C7     . CRH I 5 . ? 3.120   -4.885  2.869   1.00 0.24 ? 3  CRH B C7     1 
HETATM 640  C  C8     . CRH I 5 . ? 3.164   -3.589  2.372   1.00 0.24 ? 3  CRH B C8     1 
HETATM 641  C  C9     . CRH I 5 . ? 4.321   -1.417  2.119   1.00 0.21 ? 3  CRH B C9     1 
HETATM 642  C  C10    . CRH I 5 . ? 6.382   -2.466  3.606   1.00 0.19 ? 3  CRH B C10    1 
HETATM 643  C  C11    . CRH I 5 . ? 5.293   -3.250  3.345   1.00 0.21 ? 3  CRH B C11    1 
HETATM 644  C  C12    . CRH I 5 . ? 4.248   -2.738  2.598   1.00 0.21 ? 3  CRH B C12    1 
HETATM 645  C  C13    . CRH I 5 . ? 5.447   -0.614  2.380   1.00 0.19 ? 3  CRH B C13    1 
HETATM 646  C  C14    . CRH I 5 . ? 6.465   -1.177  3.141   1.00 0.19 ? 3  CRH B C14    1 
HETATM 647  C  C15    . CRH I 5 . ? 1.866   -5.748  2.749   1.00 0.27 ? 3  CRH B C15    1 
HETATM 648  O  O1     . CRH I 5 . ? 4.696   1.181   1.216   1.00 0.24 ? 3  CRH B O1     1 
HETATM 649  O  O8     . CRH I 5 . ? 2.079   -3.148  1.641   1.00 0.26 ? 3  CRH B O8     1 
HETATM 650  O  O9     . CRH I 5 . ? 3.188   -0.927  1.460   1.00 0.25 ? 3  CRH B O9     1 
HETATM 651  C  "C1'"  . CRH I 5 . ? 8.784   1.916   3.677   1.00 0.20 ? 3  CRH B "C1'"  1 
HETATM 652  C  "C2'"  . CRH I 5 . ? 9.555   1.523   4.943   1.00 0.26 ? 3  CRH B "C2'"  1 
HETATM 653  C  "C3'"  . CRH I 5 . ? 9.149   1.974   6.346   1.00 0.34 ? 3  CRH B "C3'"  1 
HETATM 654  C  "C4'"  . CRH I 5 . ? 7.695   2.461   6.585   1.00 0.45 ? 3  CRH B "C4'"  1 
HETATM 655  C  C1M    . CRH I 5 . ? 10.562  3.037   2.427   1.00 0.42 ? 3  CRH B C1M    1 
HETATM 656  C  C4M    . CRH I 5 . ? 7.465   2.872   8.058   1.00 0.61 ? 3  CRH B C4M    1 
HETATM 657  O  "O1'"  . CRH I 5 . ? 9.687   1.922   2.568   1.00 0.28 ? 3  CRH B "O1'"  1 
HETATM 658  O  "O2'"  . CRH I 5 . ? 10.556  0.810   4.837   1.00 0.49 ? 3  CRH B "O2'"  1 
HETATM 659  O  "O3'"  . CRH I 5 . ? 10.010  3.025   6.767   1.00 0.59 ? 3  CRH B "O3'"  1 
HETATM 660  O  "O4'"  . CRH I 5 . ? 7.484   3.642   5.820   1.00 0.61 ? 3  CRH B "O4'"  1 
HETATM 661  H  H21    . CRH I 5 . ? 7.511   1.478   1.368   1.00 0.23 ? 3  CRH B H21    1 
HETATM 662  H  H3     . CRH I 5 . ? 6.838   1.261   4.283   1.00 0.17 ? 3  CRH B H3     1 
HETATM 663  H  H41    . CRH I 5 . ? 8.190   -0.757  4.349   1.00 0.21 ? 3  CRH B H41    1 
HETATM 664  H  H42    . CRH I 5 . ? 8.495   -0.764  2.709   1.00 0.23 ? 3  CRH B H42    1 
HETATM 665  H  H5     . CRH I 5 . ? 6.063   -4.928  4.441   1.00 0.23 ? 3  CRH B H5     1 
HETATM 666  H  H10    . CRH I 5 . ? 7.199   -2.884  4.177   1.00 0.21 ? 3  CRH B H10    1 
HETATM 667  H  H151   . CRH I 5 . ? 2.179   -6.782  2.768   1.00 0.30 ? 3  CRH B H151   1 
HETATM 668  H  H152   . CRH I 5 . ? 1.215   -5.524  3.581   1.00 0.31 ? 3  CRH B H152   1 
HETATM 669  H  H153   . CRH I 5 . ? 1.380   -5.533  1.809   1.00 0.35 ? 3  CRH B H153   1 
HETATM 670  H  HO8    . CRH I 5 . ? 1.363   -3.783  1.643   1.00 0.28 ? 3  CRH B HO8    1 
HETATM 671  H  "H1'"  . CRH I 5 . ? 8.438   2.934   3.781   1.00 0.22 ? 3  CRH B "H1'"  1 
HETATM 672  H  "H3'"  . CRH I 5 . ? 9.264   1.103   6.973   1.00 0.53 ? 3  CRH B "H3'"  1 
HETATM 673  H  "H4'"  . CRH I 5 . ? 7.015   1.672   6.298   1.00 0.60 ? 3  CRH B "H4'"  1 
HETATM 674  H  "H1'1" . CRH I 5 . ? 11.415  2.722   1.844   1.00 0.63 ? 3  CRH B "H1'1" 1 
HETATM 675  H  "H1'2" . CRH I 5 . ? 10.045  3.843   1.926   1.00 0.87 ? 3  CRH B "H1'2" 1 
HETATM 676  H  "H1'3" . CRH I 5 . ? 10.930  3.357   3.389   1.00 0.72 ? 3  CRH B "H1'3" 1 
HETATM 677  H  "H4'1" . CRH I 5 . ? 6.461   3.224   8.242   1.00 0.82 ? 3  CRH B "H4'1" 1 
HETATM 678  H  "H4'2" . CRH I 5 . ? 7.652   2.031   8.708   1.00 0.71 ? 3  CRH B "H4'2" 1 
HETATM 679  H  "H4'3" . CRH I 5 . ? 8.153   3.661   8.321   1.00 0.63 ? 3  CRH B "H4'3" 1 
HETATM 680  H  HO3    . CRH I 5 . ? 9.847   3.776   6.189   1.00 0.71 ? 3  CRH B HO3    1 
HETATM 681  H  HO4    . CRH I 5 . ? 6.545   3.836   5.824   1.00 0.86 ? 3  CRH B HO4    1 
ATOM   682  O  "O5'"  . DT  A 1 1 ? -13.309 7.718   3.910   1.00 1.22 ? 1  DT  A "O5'"  2 
ATOM   683  C  "C5'"  . DT  A 1 1 ? -13.120 9.071   3.486   1.00 1.31 ? 1  DT  A "C5'"  2 
ATOM   684  C  "C4'"  . DT  A 1 1 ? -11.966 9.212   2.488   1.00 1.08 ? 1  DT  A "C4'"  2 
ATOM   685  O  "O4'"  . DT  A 1 1 ? -10.723 8.783   3.066   1.00 0.90 ? 1  DT  A "O4'"  2 
ATOM   686  C  "C3'"  . DT  A 1 1 ? -12.142 8.439   1.178   1.00 0.97 ? 1  DT  A "C3'"  2 
ATOM   687  O  "O3'"  . DT  A 1 1 ? -12.032 9.265   0.004   1.00 1.07 ? 1  DT  A "O3'"  2 
ATOM   688  C  "C2'"  . DT  A 1 1 ? -11.151 7.310   1.305   1.00 0.73 ? 1  DT  A "C2'"  2 
ATOM   689  C  "C1'"  . DT  A 1 1 ? -10.046 7.926   2.139   1.00 0.65 ? 1  DT  A "C1'"  2 
ATOM   690  N  N1     . DT  A 1 1 ? -9.307  6.913   2.938   1.00 0.49 ? 1  DT  A N1     2 
ATOM   691  C  C2     . DT  A 1 1 ? -7.924  6.997   2.986   1.00 0.56 ? 1  DT  A C2     2 
ATOM   692  O  O2     . DT  A 1 1 ? -7.267  7.769   2.290   1.00 0.78 ? 1  DT  A O2     2 
ATOM   693  N  N3     . DT  A 1 1 ? -7.306  6.135   3.871   1.00 0.48 ? 1  DT  A N3     2 
ATOM   694  C  C4     . DT  A 1 1 ? -7.916  5.195   4.677   1.00 0.39 ? 1  DT  A C4     2 
ATOM   695  O  O4     . DT  A 1 1 ? -7.229  4.504   5.427   1.00 0.46 ? 1  DT  A O4     2 
ATOM   696  C  C5     . DT  A 1 1 ? -9.353  5.151   4.536   1.00 0.31 ? 1  DT  A C5     2 
ATOM   697  C  C7     . DT  A 1 1 ? -10.192 4.185   5.372   1.00 0.31 ? 1  DT  A C7     2 
ATOM   698  C  C6     . DT  A 1 1 ? -9.984  5.980   3.690   1.00 0.38 ? 1  DT  A C6     2 
ATOM   699  H  "H5'"  . DT  A 1 1 ? -12.894 9.677   4.363   1.00 1.43 ? 1  DT  A "H5'"  2 
ATOM   700  H  "H5''" . DT  A 1 1 ? -14.047 9.425   3.034   1.00 1.48 ? 1  DT  A "H5''" 2 
ATOM   701  H  "H4'"  . DT  A 1 1 ? -11.840 10.257  2.204   1.00 1.20 ? 1  DT  A "H4'"  2 
ATOM   702  H  "H3'"  . DT  A 1 1 ? -13.130 7.975   1.181   1.00 1.11 ? 1  DT  A "H3'"  2 
ATOM   703  H  "H2'"  . DT  A 1 1 ? -11.653 6.558   1.914   1.00 0.81 ? 1  DT  A "H2'"  2 
ATOM   704  H  "H2''" . DT  A 1 1 ? -10.708 6.987   0.363   1.00 0.67 ? 1  DT  A "H2''" 2 
ATOM   705  H  "H1'"  . DT  A 1 1 ? -9.393  8.478   1.463   1.00 0.66 ? 1  DT  A "H1'"  2 
ATOM   706  H  H3     . DT  A 1 1 ? -6.304  6.179   3.941   1.00 0.52 ? 1  DT  A H3     2 
ATOM   707  H  H71    . DT  A 1 1 ? -10.789 3.562   4.705   1.00 0.34 ? 1  DT  A H71    2 
ATOM   708  H  H72    . DT  A 1 1 ? -9.554  3.558   5.996   1.00 0.40 ? 1  DT  A H72    2 
ATOM   709  H  H73    . DT  A 1 1 ? -10.864 4.767   6.000   1.00 0.45 ? 1  DT  A H73    2 
ATOM   710  H  H6     . DT  A 1 1 ? -11.066 5.884   3.593   1.00 0.46 ? 1  DT  A H6     2 
ATOM   711  H  "HO5'" . DT  A 1 1 ? -13.651 7.232   3.157   1.00 1.31 ? 1  DT  A "HO5'" 2 
ATOM   712  P  P      . DC  A 1 2 ? -10.829 10.256  -0.431  1.00 1.07 ? 2  DC  A P      2 
ATOM   713  O  OP1    . DC  A 1 2 ? -10.009 10.587  0.756   1.00 1.26 ? 2  DC  A OP1    2 
ATOM   714  O  OP2    . DC  A 1 2 ? -11.408 11.345  -1.247  1.00 1.64 ? 2  DC  A OP2    2 
ATOM   715  O  "O5'"  . DC  A 1 2 ? -9.957  9.316   -1.394  1.00 0.67 ? 2  DC  A "O5'"  2 
ATOM   716  C  "C5'"  . DC  A 1 2 ? -8.868  9.818   -2.179  1.00 0.56 ? 2  DC  A "C5'"  2 
ATOM   717  C  "C4'"  . DC  A 1 2 ? -7.823  8.732   -2.400  1.00 0.47 ? 2  DC  A "C4'"  2 
ATOM   718  O  "O4'"  . DC  A 1 2 ? -7.331  8.247   -1.137  1.00 0.47 ? 2  DC  A "O4'"  2 
ATOM   719  C  "C3'"  . DC  A 1 2 ? -8.407  7.520   -3.067  1.00 0.50 ? 2  DC  A "C3'"  2 
ATOM   720  O  "O3'"  . DC  A 1 2 ? -8.567  7.689   -4.487  1.00 0.52 ? 2  DC  A "O3'"  2 
ATOM   721  C  "C2'"  . DC  A 1 2 ? -7.364  6.470   -2.695  1.00 0.53 ? 2  DC  A "C2'"  2 
ATOM   722  C  "C1'"  . DC  A 1 2 ? -6.806  6.931   -1.365  1.00 0.49 ? 2  DC  A "C1'"  2 
ATOM   723  N  N1     . DC  A 1 2 ? -6.982  5.946   -0.275  1.00 0.48 ? 2  DC  A N1     2 
ATOM   724  C  C2     . DC  A 1 2 ? -5.867  5.652   0.492   1.00 0.57 ? 2  DC  A C2     2 
ATOM   725  O  O2     . DC  A 1 2 ? -4.826  6.290   0.351   1.00 0.70 ? 2  DC  A O2     2 
ATOM   726  N  N3     . DC  A 1 2 ? -5.967  4.663   1.413   1.00 0.56 ? 2  DC  A N3     2 
ATOM   727  C  C4     . DC  A 1 2 ? -7.110  3.997   1.602   1.00 0.45 ? 2  DC  A C4     2 
ATOM   728  N  N4     . DC  A 1 2 ? -7.128  3.008   2.495   1.00 0.47 ? 2  DC  A N4     2 
ATOM   729  C  C5     . DC  A 1 2 ? -8.280  4.324   0.841   1.00 0.42 ? 2  DC  A C5     2 
ATOM   730  C  C6     . DC  A 1 2 ? -8.161  5.289   -0.084  1.00 0.45 ? 2  DC  A C6     2 
ATOM   731  H  "H5'"  . DC  A 1 2 ? -8.403  10.671  -1.684  1.00 0.64 ? 2  DC  A "H5'"  2 
ATOM   732  H  "H5''" . DC  A 1 2 ? -9.258  10.126  -3.149  1.00 0.60 ? 2  DC  A "H5''" 2 
ATOM   733  H  "H4'"  . DC  A 1 2 ? -7.030  9.052   -3.077  1.00 0.46 ? 2  DC  A "H4'"  2 
ATOM   734  H  "H3'"  . DC  A 1 2 ? -9.370  7.393   -2.574  1.00 0.55 ? 2  DC  A "H3'"  2 
ATOM   735  H  "H2'"  . DC  A 1 2 ? -7.808  5.473   -2.666  1.00 0.61 ? 2  DC  A "H2'"  2 
ATOM   736  H  "H2''" . DC  A 1 2 ? -6.541  6.506   -3.408  1.00 0.58 ? 2  DC  A "H2''" 2 
ATOM   737  H  "H1'"  . DC  A 1 2 ? -5.731  7.043   -1.514  1.00 0.56 ? 2  DC  A "H1'"  2 
ATOM   738  H  H41    . DC  A 1 2 ? -6.264  2.771   2.964   1.00 0.49 ? 2  DC  A H41    2 
ATOM   739  H  H42    . DC  A 1 2 ? -7.976  2.490   2.676   1.00 0.52 ? 2  DC  A H42    2 
ATOM   740  H  H5     . DC  A 1 2 ? -9.263  3.873   0.975   1.00 0.46 ? 2  DC  A H5     2 
ATOM   741  H  H6     . DC  A 1 2 ? -9.029  5.491   -0.712  1.00 0.53 ? 2  DC  A H6     2 
ATOM   742  P  P      . DG  A 1 3 ? -8.675  6.477   -5.561  1.00 0.57 ? 3  DG  A P      2 
ATOM   743  O  OP1    . DG  A 1 3 ? -9.090  7.047   -6.862  1.00 0.60 ? 3  DG  A OP1    2 
ATOM   744  O  OP2    . DG  A 1 3 ? -9.463  5.381   -4.953  1.00 0.77 ? 3  DG  A OP2    2 
ATOM   745  O  "O5'"  . DG  A 1 3 ? -7.141  5.981   -5.696  1.00 0.44 ? 3  DG  A "O5'"  2 
ATOM   746  C  "C5'"  . DG  A 1 3 ? -6.065  6.913   -5.880  1.00 0.31 ? 3  DG  A "C5'"  2 
ATOM   747  C  "C4'"  . DG  A 1 3 ? -4.694  6.299   -5.575  1.00 0.31 ? 3  DG  A "C4'"  2 
ATOM   748  O  "O4'"  . DG  A 1 3 ? -4.647  5.729   -4.247  1.00 0.40 ? 3  DG  A "O4'"  2 
ATOM   749  C  "C3'"  . DG  A 1 3 ? -4.270  5.191   -6.539  1.00 0.36 ? 3  DG  A "C3'"  2 
ATOM   750  O  "O3'"  . DG  A 1 3 ? -2.881  5.329   -6.861  1.00 0.37 ? 3  DG  A "O3'"  2 
ATOM   751  C  "C2'"  . DG  A 1 3 ? -4.608  3.955   -5.744  1.00 0.42 ? 3  DG  A "C2'"  2 
ATOM   752  C  "C1'"  . DG  A 1 3 ? -4.210  4.361   -4.338  1.00 0.39 ? 3  DG  A "C1'"  2 
ATOM   753  N  N9     . DG  A 1 3 ? -4.858  3.516   -3.296  1.00 0.39 ? 3  DG  A N9     2 
ATOM   754  C  C8     . DG  A 1 3 ? -6.168  3.128   -3.188  1.00 0.42 ? 3  DG  A C8     2 
ATOM   755  N  N7     . DG  A 1 3 ? -6.484  2.466   -2.119  1.00 0.40 ? 3  DG  A N7     2 
ATOM   756  C  C5     . DG  A 1 3 ? -5.266  2.361   -1.456  1.00 0.34 ? 3  DG  A C5     2 
ATOM   757  C  C6     . DG  A 1 3 ? -4.954  1.675   -0.254  1.00 0.31 ? 3  DG  A C6     2 
ATOM   758  O  O6     . DG  A 1 3 ? -5.713  1.097   0.517   1.00 0.33 ? 3  DG  A O6     2 
ATOM   759  N  N1     . DG  A 1 3 ? -3.605  1.723   0.034   1.00 0.29 ? 3  DG  A N1     2 
ATOM   760  C  C2     . DG  A 1 3 ? -2.660  2.371   -0.728  1.00 0.30 ? 3  DG  A C2     2 
ATOM   761  N  N2     . DG  A 1 3 ? -1.409  2.286   -0.285  1.00 0.33 ? 3  DG  A N2     2 
ATOM   762  N  N3     . DG  A 1 3 ? -2.944  3.037   -1.856  1.00 0.33 ? 3  DG  A N3     2 
ATOM   763  C  C4     . DG  A 1 3 ? -4.264  2.986   -2.165  1.00 0.34 ? 3  DG  A C4     2 
ATOM   764  H  "H5'"  . DG  A 1 3 ? -6.217  7.747   -5.196  1.00 0.32 ? 3  DG  A "H5'"  2 
ATOM   765  H  "H5''" . DG  A 1 3 ? -6.079  7.287   -6.903  1.00 0.28 ? 3  DG  A "H5''" 2 
ATOM   766  H  "H4'"  . DG  A 1 3 ? -3.926  7.069   -5.627  1.00 0.27 ? 3  DG  A "H4'"  2 
ATOM   767  H  "H3'"  . DG  A 1 3 ? -4.844  5.231   -7.464  1.00 0.36 ? 3  DG  A "H3'"  2 
ATOM   768  H  "H2'"  . DG  A 1 3 ? -5.691  3.831   -5.787  1.00 0.46 ? 3  DG  A "H2'"  2 
ATOM   769  H  "H2''" . DG  A 1 3 ? -4.135  3.029   -6.073  1.00 0.48 ? 3  DG  A "H2''" 2 
ATOM   770  H  "H1'"  . DG  A 1 3 ? -3.122  4.306   -4.283  1.00 0.38 ? 3  DG  A "H1'"  2 
ATOM   771  H  H8     . DG  A 1 3 ? -6.909  3.287   -3.971  1.00 0.46 ? 3  DG  A H8     2 
ATOM   772  H  H1     . DG  A 1 3 ? -3.318  1.231   0.875   1.00 0.32 ? 3  DG  A H1     2 
ATOM   773  H  H21    . DG  A 1 3 ? -1.216  1.767   0.557   1.00 0.36 ? 3  DG  A H21    2 
ATOM   774  H  H22    . DG  A 1 3 ? -0.662  2.740   -0.781  1.00 0.33 ? 3  DG  A H22    2 
ATOM   775  P  P      . DC  A 1 4 ? -2.154  4.337   -7.906  1.00 0.44 ? 4  DC  A P      2 
ATOM   776  O  OP1    . DC  A 1 4 ? -1.149  5.106   -8.671  1.00 0.53 ? 4  DC  A OP1    2 
ATOM   777  O  OP2    . DC  A 1 4 ? -3.180  3.544   -8.622  1.00 0.58 ? 4  DC  A OP2    2 
ATOM   778  O  "O5'"  . DC  A 1 4 ? -1.381  3.364   -6.892  1.00 0.38 ? 4  DC  A "O5'"  2 
ATOM   779  C  "C5'"  . DC  A 1 4 ? -0.177  3.799   -6.254  1.00 0.32 ? 4  DC  A "C5'"  2 
ATOM   780  C  "C4'"  . DC  A 1 4 ? 0.317   2.787   -5.241  1.00 0.26 ? 4  DC  A "C4'"  2 
ATOM   781  O  "O4'"  . DC  A 1 4 ? -0.576  2.605   -4.127  1.00 0.25 ? 4  DC  A "O4'"  2 
ATOM   782  C  "C3'"  . DC  A 1 4 ? 0.493   1.406   -5.850  1.00 0.26 ? 4  DC  A "C3'"  2 
ATOM   783  O  "O3'"  . DC  A 1 4 ? 1.618   1.377   -6.739  1.00 0.29 ? 4  DC  A "O3'"  2 
ATOM   784  C  "C2'"  . DC  A 1 4 ? 0.707   0.665   -4.538  1.00 0.30 ? 4  DC  A "C2'"  2 
ATOM   785  C  "C1'"  . DC  A 1 4 ? -0.381  1.265   -3.634  1.00 0.26 ? 4  DC  A "C1'"  2 
ATOM   786  N  N1     . DC  A 1 4 ? -1.635  0.475   -3.450  1.00 0.25 ? 4  DC  A N1     2 
ATOM   787  C  C2     . DC  A 1 4 ? -1.650  -0.482  -2.436  1.00 0.33 ? 4  DC  A C2     2 
ATOM   788  O  O2     . DC  A 1 4 ? -0.632  -0.762  -1.806  1.00 0.37 ? 4  DC  A O2     2 
ATOM   789  N  N3     . DC  A 1 4 ? -2.814  -1.124  -2.160  1.00 0.40 ? 4  DC  A N3     2 
ATOM   790  C  C4     . DC  A 1 4 ? -3.928  -0.859  -2.853  1.00 0.38 ? 4  DC  A C4     2 
ATOM   791  N  N4     . DC  A 1 4 ? -5.079  -1.426  -2.490  1.00 0.49 ? 4  DC  A N4     2 
ATOM   792  C  C5     . DC  A 1 4 ? -3.924  0.083   -3.928  1.00 0.30 ? 4  DC  A C5     2 
ATOM   793  C  C6     . DC  A 1 4 ? -2.768  0.732   -4.183  1.00 0.25 ? 4  DC  A C6     2 
ATOM   794  H  "H5'"  . DC  A 1 4 ? -0.334  4.752   -5.748  1.00 0.39 ? 4  DC  A "H5'"  2 
ATOM   795  H  "H5''" . DC  A 1 4 ? 0.590   3.920   -7.019  1.00 0.39 ? 4  DC  A "H5''" 2 
ATOM   796  H  "H4'"  . DC  A 1 4 ? 1.302   3.083   -4.879  1.00 0.28 ? 4  DC  A "H4'"  2 
ATOM   797  H  "H3'"  . DC  A 1 4 ? -0.405  1.068   -6.366  1.00 0.26 ? 4  DC  A "H3'"  2 
ATOM   798  H  "H2'"  . DC  A 1 4 ? 0.733   -0.424  -4.587  1.00 0.34 ? 4  DC  A "H2'"  2 
ATOM   799  H  "H2''" . DC  A 1 4 ? 1.670   1.065   -4.220  1.00 0.35 ? 4  DC  A "H2''" 2 
ATOM   800  H  "H1'"  . DC  A 1 4 ? 0.066   1.355   -2.644  1.00 0.30 ? 4  DC  A "H1'"  2 
ATOM   801  H  H41    . DC  A 1 4 ? -5.115  -2.042  -1.692  1.00 0.57 ? 4  DC  A H41    2 
ATOM   802  H  H42    . DC  A 1 4 ? -5.927  -1.207  -2.993  1.00 0.63 ? 4  DC  A H42    2 
ATOM   803  H  H5     . DC  A 1 4 ? -4.813  0.231   -4.537  1.00 0.36 ? 4  DC  A H5     2 
ATOM   804  H  H6     . DC  A 1 4 ? -2.782  1.503   -4.955  1.00 0.25 ? 4  DC  A H6     2 
ATOM   805  P  P      . DG  A 1 5 ? 1.976   0.068   -7.607  1.00 0.30 ? 5  DG  A P      2 
ATOM   806  O  OP1    . DG  A 1 5 ? 3.172   0.344   -8.437  1.00 0.36 ? 5  DG  A OP1    2 
ATOM   807  O  OP2    . DG  A 1 5 ? 0.737   -0.442  -8.234  1.00 0.36 ? 5  DG  A OP2    2 
ATOM   808  O  "O5'"  . DG  A 1 5 ? 2.411   -0.942  -6.441  1.00 0.33 ? 5  DG  A "O5'"  2 
ATOM   809  C  "C5'"  . DG  A 1 5 ? 3.441   -0.591  -5.509  1.00 0.32 ? 5  DG  A "C5'"  2 
ATOM   810  C  "C4'"  . DG  A 1 5 ? 3.741   -1.735  -4.559  1.00 0.29 ? 5  DG  A "C4'"  2 
ATOM   811  O  "O4'"  . DG  A 1 5 ? 2.604   -2.088  -3.757  1.00 0.28 ? 5  DG  A "O4'"  2 
ATOM   812  C  "C3'"  . DG  A 1 5 ? 4.156   -2.994  -5.306  1.00 0.34 ? 5  DG  A "C3'"  2 
ATOM   813  O  "O3'"  . DG  A 1 5 ? 5.047   -3.753  -4.486  1.00 0.43 ? 5  DG  A "O3'"  2 
ATOM   814  C  "C2'"  . DG  A 1 5 ? 2.790   -3.651  -5.504  1.00 0.33 ? 5  DG  A "C2'"  2 
ATOM   815  C  "C1'"  . DG  A 1 5 ? 2.166   -3.395  -4.154  1.00 0.29 ? 5  DG  A "C1'"  2 
ATOM   816  N  N9     . DG  A 1 5 ? 0.690   -3.394  -4.185  1.00 0.28 ? 5  DG  A N9     2 
ATOM   817  C  C8     . DG  A 1 5 ? -0.172  -2.799  -5.060  1.00 0.30 ? 5  DG  A C8     2 
ATOM   818  N  N7     . DG  A 1 5 ? -1.436  -2.916  -4.789  1.00 0.34 ? 5  DG  A N7     2 
ATOM   819  C  C5     . DG  A 1 5 ? -1.415  -3.672  -3.616  1.00 0.38 ? 5  DG  A C5     2 
ATOM   820  C  C6     . DG  A 1 5 ? -2.488  -4.166  -2.836  1.00 0.44 ? 5  DG  A C6     2 
ATOM   821  O  O6     . DG  A 1 5 ? -3.697  -4.024  -3.004  1.00 0.48 ? 5  DG  A O6     2 
ATOM   822  N  N1     . DG  A 1 5 ? -2.037  -4.921  -1.768  1.00 0.47 ? 5  DG  A N1     2 
ATOM   823  C  C2     . DG  A 1 5 ? -0.712  -5.156  -1.457  1.00 0.43 ? 5  DG  A C2     2 
ATOM   824  N  N2     . DG  A 1 5 ? -0.458  -5.914  -0.392  1.00 0.55 ? 5  DG  A N2     2 
ATOM   825  N  N3     . DG  A 1 5 ? 0.301   -4.679  -2.180  1.00 0.34 ? 5  DG  A N3     2 
ATOM   826  C  C4     . DG  A 1 5 ? -0.124  -3.961  -3.245  1.00 0.33 ? 5  DG  A C4     2 
ATOM   827  H  "H5'"  . DG  A 1 5 ? 3.131   0.278   -4.927  1.00 0.31 ? 5  DG  A "H5'"  2 
ATOM   828  H  "H5''" . DG  A 1 5 ? 4.352   -0.354  -6.058  1.00 0.41 ? 5  DG  A "H5''" 2 
ATOM   829  H  "H4'"  . DG  A 1 5 ? 4.535   -1.448  -3.870  1.00 0.35 ? 5  DG  A "H4'"  2 
ATOM   830  H  "H3'"  . DG  A 1 5 ? 4.687   -2.755  -6.228  1.00 0.35 ? 5  DG  A "H3'"  2 
ATOM   831  H  "H2'"  . DG  A 1 5 ? 2.152   -3.132  -6.220  1.00 0.33 ? 5  DG  A "H2'"  2 
ATOM   832  H  "H2''" . DG  A 1 5 ? 2.844   -4.728  -5.662  1.00 0.40 ? 5  DG  A "H2''" 2 
ATOM   833  H  "H1'"  . DG  A 1 5 ? 2.538   -4.192  -3.510  1.00 0.28 ? 5  DG  A "H1'"  2 
ATOM   834  H  H8     . DG  A 1 5 ? 0.187   -2.246  -5.928  1.00 0.34 ? 5  DG  A H8     2 
ATOM   835  H  H1     . DG  A 1 5 ? -2.781  -5.373  -1.254  1.00 0.51 ? 5  DG  A H1     2 
ATOM   836  H  H21    . DG  A 1 5 ? -1.225  -6.333  0.111   1.00 0.60 ? 5  DG  A H21    2 
ATOM   837  H  H22    . DG  A 1 5 ? 0.494   -6.070  -0.093  1.00 0.63 ? 5  DG  A H22    2 
ATOM   838  P  P      . DA  A 1 6 ? 6.195   -4.690  -5.127  1.00 0.42 ? 6  DA  A P      2 
ATOM   839  O  OP1    . DA  A 1 6 ? 7.510   -4.259  -4.604  1.00 0.66 ? 6  DA  A OP1    2 
ATOM   840  O  OP2    . DA  A 1 6 ? 5.981   -4.761  -6.590  1.00 0.63 ? 6  DA  A OP2    2 
ATOM   841  O  "O5'"  . DA  A 1 6 ? 5.851   -6.138  -4.523  1.00 0.35 ? 6  DA  A "O5'"  2 
ATOM   842  C  "C5'"  . DA  A 1 6 ? 5.371   -6.421  -3.199  1.00 0.26 ? 6  DA  A "C5'"  2 
ATOM   843  C  "C4'"  . DA  A 1 6 ? 4.115   -7.296  -3.291  1.00 0.28 ? 6  DA  A "C4'"  2 
ATOM   844  O  "O4'"  . DA  A 1 6 ? 2.840   -6.680  -3.546  1.00 0.31 ? 6  DA  A "O4'"  2 
ATOM   845  C  "C3'"  . DA  A 1 6 ? 4.240   -8.460  -4.236  1.00 0.30 ? 6  DA  A "C3'"  2 
ATOM   846  O  "O3'"  . DA  A 1 6 ? 4.123   -9.621  -3.443  1.00 0.30 ? 6  DA  A "O3'"  2 
ATOM   847  C  "C2'"  . DA  A 1 6 ? 3.119   -8.215  -5.215  1.00 0.34 ? 6  DA  A "C2'"  2 
ATOM   848  C  "C1'"  . DA  A 1 6 ? 2.090   -7.660  -4.279  1.00 0.30 ? 6  DA  A "C1'"  2 
ATOM   849  N  N9     . DA  A 1 6 ? 0.895   -7.110  -4.935  1.00 0.34 ? 6  DA  A N9     2 
ATOM   850  C  C8     . DA  A 1 6 ? 0.759   -6.475  -6.130  1.00 0.35 ? 6  DA  A C8     2 
ATOM   851  N  N7     . DA  A 1 6 ? -0.445  -6.093  -6.443  1.00 0.40 ? 6  DA  A N7     2 
ATOM   852  C  C5     . DA  A 1 6 ? -1.189  -6.551  -5.352  1.00 0.38 ? 6  DA  A C5     2 
ATOM   853  C  C6     . DA  A 1 6 ? -2.557  -6.521  -5.050  1.00 0.43 ? 6  DA  A C6     2 
ATOM   854  N  N6     . DA  A 1 6 ? -3.488  -5.980  -5.836  1.00 0.46 ? 6  DA  A N6     2 
ATOM   855  N  N1     . DA  A 1 6 ? -2.933  -7.085  -3.893  1.00 0.47 ? 6  DA  A N1     2 
ATOM   856  C  C2     . DA  A 1 6 ? -2.044  -7.648  -3.091  1.00 0.50 ? 6  DA  A C2     2 
ATOM   857  N  N3     . DA  A 1 6 ? -0.741  -7.739  -3.271  1.00 0.46 ? 6  DA  A N3     2 
ATOM   858  C  C4     . DA  A 1 6 ? -0.376  -7.159  -4.433  1.00 0.39 ? 6  DA  A C4     2 
ATOM   859  H  "H5'"  . DA  A 1 6 ? 5.163   -5.508  -2.641  1.00 0.27 ? 6  DA  A "H5'"  2 
ATOM   860  H  "H5''" . DA  A 1 6 ? 6.110   -6.976  -2.623  1.00 0.27 ? 6  DA  A "H5''" 2 
ATOM   861  H  "H4'"  . DA  A 1 6 ? 4.053   -7.945  -2.418  1.00 0.29 ? 6  DA  A "H4'"  2 
ATOM   862  H  "H3'"  . DA  A 1 6 ? 5.256   -8.482  -4.630  1.00 0.36 ? 6  DA  A "H3'"  2 
ATOM   863  H  "HO3'" . DA  A 1 6 ? 4.821   -9.460  -2.804  1.00 0.31 ? 6  DA  A "HO3'" 2 
ATOM   864  H  "H2'"  . DA  A 1 6 ? 3.380   -7.395  -5.885  1.00 0.40 ? 6  DA  A "H2'"  2 
ATOM   865  H  "H2''" . DA  A 1 6 ? 2.711   -9.103  -5.695  1.00 0.39 ? 6  DA  A "H2''" 2 
ATOM   866  H  "H1'"  . DA  A 1 6 ? 1.780   -8.523  -3.689  1.00 0.30 ? 6  DA  A "H1'"  2 
ATOM   867  H  H8     . DA  A 1 6 ? 1.624   -6.357  -6.783  1.00 0.38 ? 6  DA  A H8     2 
ATOM   868  H  H61    . DA  A 1 6 ? -4.459  -6.039  -5.558  1.00 0.47 ? 6  DA  A H61    2 
ATOM   869  H  H62    . DA  A 1 6 ? -3.229  -5.537  -6.706  1.00 0.56 ? 6  DA  A H62    2 
ATOM   870  H  H2     . DA  A 1 6 ? -2.434  -8.086  -2.173  1.00 0.57 ? 6  DA  A H2     2 
ATOM   871  O  "O5'"  . DT  B 1 1 ? -10.723 -11.396 -2.662  1.00 1.22 ? 7  DT  B "O5'"  2 
ATOM   872  C  "C5'"  . DT  B 1 1 ? -10.097 -12.623 -2.280  1.00 1.30 ? 7  DT  B "C5'"  2 
ATOM   873  C  "C4'"  . DT  B 1 1 ? -8.858  -12.400 -1.406  1.00 1.09 ? 7  DT  B "C4'"  2 
ATOM   874  O  "O4'"  . DT  B 1 1 ? -7.864  -11.630 -2.101  1.00 0.93 ? 7  DT  B "O4'"  2 
ATOM   875  C  "C3'"  . DT  B 1 1 ? -9.123  -11.694 -0.074  1.00 0.98 ? 7  DT  B "C3'"  2 
ATOM   876  O  "O3'"  . DT  B 1 1 ? -8.655  -12.433 1.071   1.00 1.06 ? 7  DT  B "O3'"  2 
ATOM   877  C  "C2'"  . DT  B 1 1 ? -8.531  -10.324 -0.283  1.00 0.74 ? 7  DT  B "C2'"  2 
ATOM   878  C  "C1'"  . DT  B 1 1 ? -7.382  -10.596 -1.234  1.00 0.69 ? 7  DT  B "C1'"  2 
ATOM   879  N  N1     . DT  B 1 1 ? -7.064  -9.421  -2.089  1.00 0.55 ? 7  DT  B N1     2 
ATOM   880  C  C2     . DT  B 1 1 ? -5.732  -9.089  -2.278  1.00 0.60 ? 7  DT  B C2     2 
ATOM   881  O  O2     . DT  B 1 1 ? -4.807  -9.619  -1.664  1.00 0.79 ? 7  DT  B O2     2 
ATOM   882  N  N3     . DT  B 1 1 ? -5.495  -8.096  -3.206  1.00 0.52 ? 7  DT  B N3     2 
ATOM   883  C  C4     . DT  B 1 1 ? -6.433  -7.394  -3.931  1.00 0.42 ? 7  DT  B C4     2 
ATOM   884  O  O4     . DT  B 1 1 ? -6.064  -6.541  -4.738  1.00 0.47 ? 7  DT  B O4     2 
ATOM   885  C  C5     . DT  B 1 1 ? -7.796  -7.779  -3.646  1.00 0.39 ? 7  DT  B C5     2 
ATOM   886  C  C7     . DT  B 1 1 ? -8.964  -7.118  -4.378  1.00 0.39 ? 7  DT  B C7     2 
ATOM   887  C  C6     . DT  B 1 1 ? -8.062  -8.745  -2.753  1.00 0.44 ? 7  DT  B C6     2 
ATOM   888  H  "H5'"  . DT  B 1 1 ? -9.791  -13.149 -3.184  1.00 1.43 ? 7  DT  B "H5'"  2 
ATOM   889  H  "H5''" . DT  B 1 1 ? -10.826 -13.230 -1.743  1.00 1.48 ? 7  DT  B "H5''" 2 
ATOM   890  H  "H4'"  . DT  B 1 1 ? -8.400  -13.356 -1.153  1.00 1.24 ? 7  DT  B "H4'"  2 
ATOM   891  H  "H3'"  . DT  B 1 1 ? -10.198 -11.544 0.030   1.00 1.12 ? 7  DT  B "H3'"  2 
ATOM   892  H  "H2'"  . DT  B 1 1 ? -9.292  -9.765  -0.826  1.00 0.82 ? 7  DT  B "H2'"  2 
ATOM   893  H  "H2''" . DT  B 1 1 ? -8.110  -9.869  0.614   1.00 0.69 ? 7  DT  B "H2''" 2 
ATOM   894  H  "H1'"  . DT  B 1 1 ? -6.529  -10.919 -0.637  1.00 0.70 ? 7  DT  B "H1'"  2 
ATOM   895  H  H3     . DT  B 1 1 ? -4.538  -7.841  -3.379  1.00 0.55 ? 7  DT  B H3     2 
ATOM   896  H  H71    . DT  B 1 1 ? -9.649  -6.692  -3.644  1.00 0.38 ? 7  DT  B H71    2 
ATOM   897  H  H72    . DT  B 1 1 ? -8.610  -6.341  -5.053  1.00 0.44 ? 7  DT  B H72    2 
ATOM   898  H  H73    . DT  B 1 1 ? -9.493  -7.884  -4.945  1.00 0.53 ? 7  DT  B H73    2 
ATOM   899  H  H6     . DT  B 1 1 ? -9.107  -8.974  -2.546  1.00 0.51 ? 7  DT  B H6     2 
ATOM   900  H  "HO5'" . DT  B 1 1 ? -11.117 -11.022 -1.869  1.00 1.25 ? 7  DT  B "HO5'" 2 
ATOM   901  P  P      . DC  B 1 2 ? -7.173  -13.013 1.366   1.00 1.07 ? 8  DC  B P      2 
ATOM   902  O  OP1    . DC  B 1 2 ? -6.417  -13.104 0.098   1.00 1.28 ? 8  DC  B OP1    2 
ATOM   903  O  OP2    . DC  B 1 2 ? -7.316  -14.212 2.221   1.00 1.67 ? 8  DC  B OP2    2 
ATOM   904  O  "O5'"  . DC  B 1 2 ? -6.528  -11.840 2.250   1.00 0.67 ? 8  DC  B "O5'"  2 
ATOM   905  C  "C5'"  . DC  B 1 2 ? -5.264  -11.983 2.913   1.00 0.55 ? 8  DC  B "C5'"  2 
ATOM   906  C  "C4'"  . DC  B 1 2 ? -4.572  -10.632 3.042   1.00 0.46 ? 8  DC  B "C4'"  2 
ATOM   907  O  "O4'"  . DC  B 1 2 ? -4.378  -10.043 1.743   1.00 0.51 ? 8  DC  B "O4'"  2 
ATOM   908  C  "C3'"  . DC  B 1 2 ? -5.420  -9.640  3.784   1.00 0.50 ? 8  DC  B "C3'"  2 
ATOM   909  O  "O3'"  . DC  B 1 2 ? -5.379  -9.825  5.211   1.00 0.53 ? 8  DC  B "O3'"  2 
ATOM   910  C  "C2'"  . DC  B 1 2 ? -4.781  -8.332  3.324   1.00 0.53 ? 8  DC  B "C2'"  2 
ATOM   911  C  "C1'"  . DC  B 1 2 ? -4.249  -8.627  1.937   1.00 0.52 ? 8  DC  B "C1'"  2 
ATOM   912  N  N1     . DC  B 1 2 ? -4.819  -7.755  0.887   1.00 0.51 ? 8  DC  B N1     2 
ATOM   913  C  C2     . DC  B 1 2 ? -3.926  -7.153  0.015   1.00 0.59 ? 8  DC  B C2     2 
ATOM   914  O  O2     . DC  B 1 2 ? -2.734  -7.454  0.040   1.00 0.72 ? 8  DC  B O2     2 
ATOM   915  N  N3     . DC  B 1 2 ? -4.403  -6.252  -0.876  1.00 0.56 ? 8  DC  B N3     2 
ATOM   916  C  C4     . DC  B 1 2 ? -5.710  -5.963  -0.937  1.00 0.46 ? 8  DC  B C4     2 
ATOM   917  N  N4     . DC  B 1 2 ? -6.115  -5.039  -1.807  1.00 0.48 ? 8  DC  B N4     2 
ATOM   918  C  C5     . DC  B 1 2 ? -6.647  -6.611  -0.066  1.00 0.43 ? 8  DC  B C5     2 
ATOM   919  C  C6     . DC  B 1 2 ? -6.154  -7.482  0.826   1.00 0.46 ? 8  DC  B C6     2 
ATOM   920  H  "H5'"  . DC  B 1 2 ? -4.619  -12.667 2.360   1.00 0.64 ? 8  DC  B "H5'"  2 
ATOM   921  H  "H5''" . DC  B 1 2 ? -5.445  -12.379 3.912   1.00 0.61 ? 8  DC  B "H5''" 2 
ATOM   922  H  "H4'"  . DC  B 1 2 ? -3.657  -10.691 3.630   1.00 0.47 ? 8  DC  B "H4'"  2 
ATOM   923  H  "H3'"  . DC  B 1 2 ? -6.423  -9.813  3.393   1.00 0.55 ? 8  DC  B "H3'"  2 
ATOM   924  H  "H2'"  . DC  B 1 2 ? -5.502  -7.515  3.356   1.00 0.57 ? 8  DC  B "H2'"  2 
ATOM   925  H  "H2''" . DC  B 1 2 ? -3.917  -8.111  3.951   1.00 0.63 ? 8  DC  B "H2''" 2 
ATOM   926  H  "H1'"  . DC  B 1 2 ? -3.181  -8.412  1.976   1.00 0.64 ? 8  DC  B "H1'"  2 
ATOM   927  H  H41    . DC  B 1 2 ? -5.414  -4.561  -2.359  1.00 0.51 ? 8  DC  B H41    2 
ATOM   928  H  H42    . DC  B 1 2 ? -7.092  -4.801  -1.893  1.00 0.54 ? 8  DC  B H42    2 
ATOM   929  H  H5     . DC  B 1 2 ? -7.728  -6.475  -0.094  1.00 0.46 ? 8  DC  B H5     2 
ATOM   930  H  H6     . DC  B 1 2 ? -6.853  -7.924  1.536   1.00 0.53 ? 8  DC  B H6     2 
ATOM   931  P  P      . DG  B 1 3 ? -5.732  -8.683  6.308   1.00 0.59 ? 9  DG  B P      2 
ATOM   932  O  OP1    . DG  B 1 3 ? -5.826  -9.331  7.636   1.00 0.59 ? 9  DG  B OP1    2 
ATOM   933  O  OP2    . DG  B 1 3 ? -6.869  -7.881  5.801   1.00 0.82 ? 9  DG  B OP2    2 
ATOM   934  O  "O5'"  . DG  B 1 3 ? -4.411  -7.750  6.296   1.00 0.46 ? 9  DG  B "O5'"  2 
ATOM   935  C  "C5'"  . DG  B 1 3 ? -3.094  -8.317  6.355   1.00 0.35 ? 9  DG  B "C5'"  2 
ATOM   936  C  "C4'"  . DG  B 1 3 ? -2.005  -7.328  5.923   1.00 0.32 ? 9  DG  B "C4'"  2 
ATOM   937  O  "O4'"  . DG  B 1 3 ? -2.264  -6.791  4.604   1.00 0.39 ? 9  DG  B "O4'"  2 
ATOM   938  C  "C3'"  . DG  B 1 3 ? -1.835  -6.130  6.855   1.00 0.36 ? 9  DG  B "C3'"  2 
ATOM   939  O  "O3'"  . DG  B 1 3 ? -0.443  -5.843  7.033   1.00 0.38 ? 9  DG  B "O3'"  2 
ATOM   940  C  "C2'"  . DG  B 1 3 ? -2.605  -5.064  6.117   1.00 0.41 ? 9  DG  B "C2'"  2 
ATOM   941  C  "C1'"  . DG  B 1 3 ? -2.248  -5.354  4.672   1.00 0.36 ? 9  DG  B "C1'"  2 
ATOM   942  N  N9     . DG  B 1 3 ? -3.221  -4.757  3.714   1.00 0.36 ? 9  DG  B N9     2 
ATOM   943  C  C8     . DG  B 1 3 ? -4.590  -4.779  3.745   1.00 0.40 ? 9  DG  B C8     2 
ATOM   944  N  N7     . DG  B 1 3 ? -5.197  -4.257  2.725   1.00 0.40 ? 9  DG  B N7     2 
ATOM   945  C  C5     . DG  B 1 3 ? -4.138  -3.806  1.944   1.00 0.33 ? 9  DG  B C5     2 
ATOM   946  C  C6     . DG  B 1 3 ? -4.170  -3.076  0.726   1.00 0.32 ? 9  DG  B C6     2 
ATOM   947  O  O6     . DG  B 1 3 ? -5.139  -2.763  0.046   1.00 0.37 ? 9  DG  B O6     2 
ATOM   948  N  N1     . DG  B 1 3 ? -2.903  -2.724  0.302   1.00 0.29 ? 9  DG  B N1     2 
ATOM   949  C  C2     . DG  B 1 3 ? -1.736  -3.049  0.956   1.00 0.29 ? 9  DG  B C2     2 
ATOM   950  N  N2     . DG  B 1 3 ? -0.620  -2.604  0.389   1.00 0.32 ? 9  DG  B N2     2 
ATOM   951  N  N3     . DG  B 1 3 ? -1.692  -3.753  2.094   1.00 0.32 ? 9  DG  B N3     2 
ATOM   952  C  C4     . DG  B 1 3 ? -2.929  -4.092  2.537   1.00 0.33 ? 9  DG  B C4     2 
ATOM   953  H  "H5'"  . DG  B 1 3 ? -3.060  -9.172  5.678   1.00 0.37 ? 9  DG  B "H5'"  2 
ATOM   954  H  "H5''" . DG  B 1 3 ? -2.892  -8.665  7.368   1.00 0.35 ? 9  DG  B "H5''" 2 
ATOM   955  H  "H4'"  . DG  B 1 3 ? -1.041  -7.834  5.886   1.00 0.30 ? 9  DG  B "H4'"  2 
ATOM   956  H  "H3'"  . DG  B 1 3 ? -2.275  -6.325  7.833   1.00 0.38 ? 9  DG  B "H3'"  2 
ATOM   957  H  "H2'"  . DG  B 1 3 ? -3.665  -5.267  6.272   1.00 0.45 ? 9  DG  B "H2'"  2 
ATOM   958  H  "H2''" . DG  B 1 3 ? -2.399  -4.034  6.411   1.00 0.46 ? 9  DG  B "H2''" 2 
ATOM   959  H  "H1'"  . DG  B 1 3 ? -1.238  -4.978  4.508   1.00 0.35 ? 9  DG  B "H1'"  2 
ATOM   960  H  H8     . DG  B 1 3 ? -5.168  -5.140  4.596   1.00 0.44 ? 9  DG  B H8     2 
ATOM   961  H  H1     . DG  B 1 3 ? -2.863  -2.183  -0.555  1.00 0.32 ? 9  DG  B H1     2 
ATOM   962  H  H21    . DG  B 1 3 ? -0.675  -2.063  -0.460  1.00 0.38 ? 9  DG  B H21    2 
ATOM   963  H  H22    . DG  B 1 3 ? 0.276   -2.805  0.799   1.00 0.31 ? 9  DG  B H22    2 
ATOM   964  P  P      . DC  B 1 4 ? 0.057   -4.662  8.014   1.00 0.44 ? 10 DC  B P      2 
ATOM   965  O  OP1    . DC  B 1 4 ? 1.317   -5.085  8.661   1.00 0.53 ? 10 DC  B OP1    2 
ATOM   966  O  OP2    . DC  B 1 4 ? -1.080  -4.199  8.841   1.00 0.60 ? 10 DC  B OP2    2 
ATOM   967  O  "O5'"  . DC  B 1 4 ? 0.398   -3.520  6.940   1.00 0.40 ? 10 DC  B "O5'"  2 
ATOM   968  C  "C5'"  . DC  B 1 4 ? 1.606   -3.587  6.178   1.00 0.36 ? 10 DC  B "C5'"  2 
ATOM   969  C  "C4'"  . DC  B 1 4 ? 1.671   -2.490  5.135   1.00 0.29 ? 10 DC  B "C4'"  2 
ATOM   970  O  "O4'"  . DC  B 1 4 ? 0.658   -2.601  4.121   1.00 0.29 ? 10 DC  B "O4'"  2 
ATOM   971  C  "C3'"  . DC  B 1 4 ? 1.488   -1.110  5.744   1.00 0.26 ? 10 DC  B "C3'"  2 
ATOM   972  O  "O3'"  . DC  B 1 4 ? 2.638   -0.733  6.516   1.00 0.31 ? 10 DC  B "O3'"  2 
ATOM   973  C  "C2'"  . DC  B 1 4 ? 1.339   -0.359  4.430   1.00 0.29 ? 10 DC  B "C2'"  2 
ATOM   974  C  "C1'"  . DC  B 1 4 ? 0.394   -1.270  3.632   1.00 0.29 ? 10 DC  B "C1'"  2 
ATOM   975  N  N1     . DC  B 1 4 ? -1.051  -0.892  3.590   1.00 0.27 ? 10 DC  B N1     2 
ATOM   976  C  C2     . DC  B 1 4 ? -1.453  0.002   2.596   1.00 0.31 ? 10 DC  B C2     2 
ATOM   977  O  O2     . DC  B 1 4 ? -0.635  0.562   1.871   1.00 0.38 ? 10 DC  B O2     2 
ATOM   978  N  N3     . DC  B 1 4 ? -2.778  0.263   2.450   1.00 0.38 ? 10 DC  B N3     2 
ATOM   979  C  C4     . DC  B 1 4 ? -3.685  -0.310  3.247   1.00 0.36 ? 10 DC  B C4     2 
ATOM   980  N  N4     . DC  B 1 4 ? -4.984  -0.118  3.011   1.00 0.49 ? 10 DC  B N4     2 
ATOM   981  C  C5     . DC  B 1 4 ? -3.292  -1.192  4.301   1.00 0.30 ? 10 DC  B C5     2 
ATOM   982  C  C6     . DC  B 1 4 ? -1.976  -1.465  4.427   1.00 0.27 ? 10 DC  B C6     2 
ATOM   983  H  "H5'"  . DC  B 1 4 ? 1.690   -4.552  5.676   1.00 0.43 ? 10 DC  B "H5'"  2 
ATOM   984  H  "H5''" . DC  B 1 4 ? 2.447   -3.463  6.859   1.00 0.43 ? 10 DC  B "H5''" 2 
ATOM   985  H  "H4'"  . DC  B 1 4 ? 2.658   -2.485  4.672   1.00 0.31 ? 10 DC  B "H4'"  2 
ATOM   986  H  "H3'"  . DC  B 1 4 ? 0.588   -1.046  6.355   1.00 0.26 ? 10 DC  B "H3'"  2 
ATOM   987  H  "H2'"  . DC  B 1 4 ? 1.045   0.688   4.492   1.00 0.33 ? 10 DC  B "H2'"  2 
ATOM   988  H  "H2''" . DC  B 1 4 ? 2.340   -0.458  4.010   1.00 0.37 ? 10 DC  B "H2''" 2 
ATOM   989  H  "H1'"  . DC  B 1 4 ? 0.744   -1.239  2.600   1.00 0.30 ? 10 DC  B "H1'"  2 
ATOM   990  H  H41    . DC  B 1 4 ? -5.282  0.446   2.232   1.00 0.57 ? 10 DC  B H41    2 
ATOM   991  H  H42    . DC  B 1 4 ? -5.673  -0.571  3.594   1.00 0.60 ? 10 DC  B H42    2 
ATOM   992  H  H5     . DC  B 1 4 ? -4.032  -1.590  4.996   1.00 0.36 ? 10 DC  B H5     2 
ATOM   993  H  H6     . DC  B 1 4 ? -1.681  -2.191  5.186   1.00 0.28 ? 10 DC  B H6     2 
ATOM   994  P  P      . DG  B 1 5 ? 2.678   0.636   7.363   1.00 0.32 ? 11 DG  B P      2 
ATOM   995  O  OP1    . DG  B 1 5 ? 3.979   0.741   8.063   1.00 0.40 ? 11 DG  B OP1    2 
ATOM   996  O  OP2    . DG  B 1 5 ? 1.413   0.764   8.121   1.00 0.36 ? 11 DG  B OP2    2 
ATOM   997  O  "O5'"  . DG  B 1 5 ? 2.671   1.711   6.174   1.00 0.34 ? 11 DG  B "O5'"  2 
ATOM   998  C  "C5'"  . DG  B 1 5 ? 3.660   1.668   5.137   1.00 0.34 ? 11 DG  B "C5'"  2 
ATOM   999  C  "C4'"  . DG  B 1 5 ? 3.510   2.834   4.176   1.00 0.32 ? 11 DG  B "C4'"  2 
ATOM   1000 O  "O4'"  . DG  B 1 5 ? 2.242   2.819   3.505   1.00 0.31 ? 11 DG  B "O4'"  2 
ATOM   1001 C  "C3'"  . DG  B 1 5 ? 3.603   4.171   4.907   1.00 0.36 ? 11 DG  B "C3'"  2 
ATOM   1002 O  "O3'"  . DG  B 1 5 ? 4.137   5.149   4.008   1.00 0.45 ? 11 DG  B "O3'"  2 
ATOM   1003 C  "C2'"  . DG  B 1 5 ? 2.129   4.395   5.246   1.00 0.36 ? 11 DG  B "C2'"  2 
ATOM   1004 C  "C1'"  . DG  B 1 5 ? 1.476   3.944   3.962   1.00 0.31 ? 11 DG  B "C1'"  2 
ATOM   1005 N  N9     . DG  B 1 5 ? 0.079   3.504   4.144   1.00 0.30 ? 11 DG  B N9     2 
ATOM   1006 C  C8     . DG  B 1 5 ? -0.474  2.692   5.092   1.00 0.34 ? 11 DG  B C8     2 
ATOM   1007 N  N7     . DG  B 1 5 ? -1.737  2.425   4.950   1.00 0.36 ? 11 DG  B N7     2 
ATOM   1008 C  C5     . DG  B 1 5 ? -2.060  3.134   3.795   1.00 0.38 ? 11 DG  B C5     2 
ATOM   1009 C  C6     . DG  B 1 5 ? -3.305  3.273   3.135   1.00 0.44 ? 11 DG  B C6     2 
ATOM   1010 O  O6     . DG  B 1 5 ? -4.394  2.782   3.421   1.00 0.49 ? 11 DG  B O6     2 
ATOM   1011 N  N1     . DG  B 1 5 ? -3.207  4.111   2.038   1.00 0.47 ? 11 DG  B N1     2 
ATOM   1012 C  C2     . DG  B 1 5 ? -2.052  4.727   1.599   1.00 0.42 ? 11 DG  B C2     2 
ATOM   1013 N  N2     . DG  B 1 5 ? -2.147  5.509   0.524   1.00 0.53 ? 11 DG  B N2     2 
ATOM   1014 N  N3     . DG  B 1 5 ? -0.876  4.584   2.208   1.00 0.35 ? 11 DG  B N3     2 
ATOM   1015 C  C4     . DG  B 1 5 ? -0.957  3.789   3.299   1.00 0.33 ? 11 DG  B C4     2 
ATOM   1016 H  "H5'"  . DG  B 1 5 ? 3.564   0.739   4.575   1.00 0.34 ? 11 DG  B "H5'"  2 
ATOM   1017 H  "H5''" . DG  B 1 5 ? 4.651   1.720   5.587   1.00 0.42 ? 11 DG  B "H5''" 2 
ATOM   1018 H  "H4'"  . DG  B 1 5 ? 4.265   2.772   3.392   1.00 0.36 ? 11 DG  B "H4'"  2 
ATOM   1019 H  "H3'"  . DG  B 1 5 ? 4.261   4.135   5.775   1.00 0.39 ? 11 DG  B "H3'"  2 
ATOM   1020 H  "H2'"  . DG  B 1 5 ? 1.749   3.720   6.014   1.00 0.38 ? 11 DG  B "H2'"  2 
ATOM   1021 H  "H2''" . DG  B 1 5 ? 1.875   5.441   5.415   1.00 0.40 ? 11 DG  B "H2''" 2 
ATOM   1022 H  "H1'"  . DG  B 1 5 ? 1.528   4.805   3.296   1.00 0.32 ? 11 DG  B "H1'"  2 
ATOM   1023 H  H8     . DG  B 1 5 ? 0.120   2.284   5.910   1.00 0.38 ? 11 DG  B H8     2 
ATOM   1024 H  H1     . DG  B 1 5 ? -4.095  4.312   1.607   1.00 0.51 ? 11 DG  B H1     2 
ATOM   1025 H  H21    . DG  B 1 5 ? -3.052  5.674   0.112   1.00 0.63 ? 11 DG  B H21    2 
ATOM   1026 H  H22    . DG  B 1 5 ? -1.320  5.937   0.132   1.00 0.56 ? 11 DG  B H22    2 
ATOM   1027 P  P      . DA  B 1 6 ? 5.012   6.395   4.542   1.00 0.43 ? 12 DA  B P      2 
ATOM   1028 O  OP1    . DA  B 1 6 ? 6.336   6.367   3.882   1.00 0.61 ? 12 DA  B OP1    2 
ATOM   1029 O  OP2    . DA  B 1 6 ? 4.937   6.421   6.021   1.00 0.66 ? 12 DA  B OP2    2 
ATOM   1030 O  "O5'"  . DA  B 1 6 ? 4.193   7.666   3.999   1.00 0.38 ? 12 DA  B "O5'"  2 
ATOM   1031 C  "C5'"  . DA  B 1 6 ? 3.519   7.772   2.734   1.00 0.26 ? 12 DA  B "C5'"  2 
ATOM   1032 C  "C4'"  . DA  B 1 6 ? 2.076   8.235   2.968   1.00 0.25 ? 12 DA  B "C4'"  2 
ATOM   1033 O  "O4'"  . DA  B 1 6 ? 1.075   7.271   3.341   1.00 0.28 ? 12 DA  B "O4'"  2 
ATOM   1034 C  "C3'"  . DA  B 1 6 ? 1.946   9.399   3.911   1.00 0.27 ? 12 DA  B "C3'"  2 
ATOM   1035 O  "O3'"  . DA  B 1 6 ? 1.407   10.459  3.153   1.00 0.30 ? 12 DA  B "O3'"  2 
ATOM   1036 C  "C2'"  . DA  B 1 6 ? 1.053   8.846   4.996   1.00 0.31 ? 12 DA  B "C2'"  2 
ATOM   1037 C  "C1'"  . DA  B 1 6 ? 0.146   7.996   4.161   1.00 0.27 ? 12 DA  B "C1'"  2 
ATOM   1038 N  N9     . DA  B 1 6 ? -0.758  7.124   4.926   1.00 0.30 ? 12 DA  B N9     2 
ATOM   1039 C  C8     . DA  B 1 6 ? -0.576  6.497   6.118   1.00 0.36 ? 12 DA  B C8     2 
ATOM   1040 N  N7     . DA  B 1 6 ? -1.574  5.777   6.545   1.00 0.40 ? 12 DA  B N7     2 
ATOM   1041 C  C5     . DA  B 1 6 ? -2.527  5.976   5.544   1.00 0.37 ? 12 DA  B C5     2 
ATOM   1042 C  C6     . DA  B 1 6 ? -3.848  5.537   5.380   1.00 0.40 ? 12 DA  B C6     2 
ATOM   1043 N  N6     . DA  B 1 6 ? -4.491  4.755   6.248   1.00 0.47 ? 12 DA  B N6     2 
ATOM   1044 N  N1     . DA  B 1 6 ? -4.492  5.944   4.277   1.00 0.47 ? 12 DA  B N1     2 
ATOM   1045 C  C2     . DA  B 1 6 ? -3.896  6.734   3.398   1.00 0.48 ? 12 DA  B C2     2 
ATOM   1046 N  N3     . DA  B 1 6 ? -2.668  7.211   3.446   1.00 0.44 ? 12 DA  B N3     2 
ATOM   1047 C  C4     . DA  B 1 6 ? -2.031  6.785   4.557   1.00 0.37 ? 12 DA  B C4     2 
ATOM   1048 H  "H5'"  . DA  B 1 6 ? 3.537   6.830   2.186   1.00 0.29 ? 12 DA  B "H5'"  2 
ATOM   1049 H  "H5''" . DA  B 1 6 ? 3.999   8.513   2.095   1.00 0.30 ? 12 DA  B "H5''" 2 
ATOM   1050 H  "H4'"  . DA  B 1 6 ? 1.735   8.824   2.116   1.00 0.28 ? 12 DA  B "H4'"  2 
ATOM   1051 H  "H3'"  . DA  B 1 6 ? 2.943   9.728   4.202   1.00 0.35 ? 12 DA  B "H3'"  2 
ATOM   1052 H  "HO3'" . DA  B 1 6 ? 2.053   10.502  2.443   1.00 0.33 ? 12 DA  B "HO3'" 2 
ATOM   1053 H  "H2'"  . DA  B 1 6 ? 1.614   8.151   5.623   1.00 0.37 ? 12 DA  B "H2'"  2 
ATOM   1054 H  "H2''" . DA  B 1 6 ? 0.451   9.581   5.528   1.00 0.35 ? 12 DA  B "H2''" 2 
ATOM   1055 H  "H1'"  . DA  B 1 6 ? -0.464  8.719   3.618   1.00 0.26 ? 12 DA  B "H1'"  2 
ATOM   1056 H  H8     . DA  B 1 6 ? 0.346   6.652   6.679   1.00 0.41 ? 12 DA  B H8     2 
ATOM   1057 H  H61    . DA  B 1 6 ? -5.459  4.517   6.070   1.00 0.42 ? 12 DA  B H61    2 
ATOM   1058 H  H62    . DA  B 1 6 ? -4.026  4.423   7.080   1.00 0.55 ? 12 DA  B H62    2 
ATOM   1059 H  H2     . DA  B 1 6 ? -4.489  7.023   2.530   1.00 0.56 ? 12 DA  B H2     2 
HETATM 1060 C  C1     . DDA C 2 . ? 1.858   7.709   -5.762  1.00 0.36 ? 1  DDA C C1     2 
HETATM 1061 C  C2     . DDA C 2 . ? 0.649   8.281   -6.493  1.00 0.39 ? 1  DDA C C2     2 
HETATM 1062 C  C3     . DDA C 2 . ? 1.005   8.654   -7.940  1.00 0.49 ? 1  DDA C C3     2 
HETATM 1063 C  C4     . DDA C 2 . ? 2.223   9.566   -7.964  1.00 0.55 ? 1  DDA C C4     2 
HETATM 1064 C  C5     . DDA C 2 . ? 3.339   8.799   -7.265  1.00 0.49 ? 1  DDA C C5     2 
HETATM 1065 C  C6     . DDA C 2 . ? 4.712   9.511   -7.360  1.00 0.56 ? 1  DDA C C6     2 
HETATM 1066 O  O5     . DDA C 2 . ? 2.961   8.607   -5.900  1.00 0.40 ? 1  DDA C O5     2 
HETATM 1067 O  O1     . DDA C 2 . ? 1.506   7.464   -4.391  1.00 0.33 ? 1  DDA C O1     2 
HETATM 1068 O  O3     . DDA C 2 . ? -0.088  9.320   -8.586  1.00 0.54 ? 1  DDA C O3     2 
HETATM 1069 O  O4     . DDA C 2 . ? 2.580   9.868   -9.298  1.00 0.64 ? 1  DDA C O4     2 
HETATM 1070 H  H1     . DDA C 2 . ? 2.177   6.772   -6.239  1.00 0.37 ? 1  DDA C H1     2 
HETATM 1071 H  H21    . DDA C 2 . ? 0.289   9.164   -5.945  1.00 0.39 ? 1  DDA C H21    2 
HETATM 1072 H  H22    . DDA C 2 . ? -0.166  7.543   -6.471  1.00 0.38 ? 1  DDA C H22    2 
HETATM 1073 H  H3     . DDA C 2 . ? 1.271   7.750   -8.508  1.00 0.51 ? 1  DDA C H3     2 
HETATM 1074 H  H4     . DDA C 2 . ? 2.007   10.495  -7.416  1.00 0.56 ? 1  DDA C H4     2 
HETATM 1075 H  H5     . DDA C 2 . ? 3.342   7.790   -7.704  1.00 0.47 ? 1  DDA C H5     2 
HETATM 1076 H  H61    . DDA C 2 . ? 5.020   9.647   -8.405  1.00 0.61 ? 1  DDA C H61    2 
HETATM 1077 H  H62    . DDA C 2 . ? 5.499   8.947   -6.840  1.00 0.57 ? 1  DDA C H62    2 
HETATM 1078 H  H63    . DDA C 2 . ? 4.644   10.508  -6.904  1.00 0.56 ? 1  DDA C H63    2 
HETATM 1079 H  HO4    . DDA C 2 . ? 3.332   10.468  -9.301  1.00 0.78 ? 1  DDA C HO4    2 
HETATM 1080 C  C1     . DDA C 2 . ? -1.235  8.520   -8.896  1.00 0.51 ? 2  DDA C C1     2 
HETATM 1081 C  C2     . DDA C 2 . ? -2.499  9.235   -8.431  1.00 0.48 ? 2  DDA C C2     2 
HETATM 1082 C  C3     . DDA C 2 . ? -3.738  8.451   -8.824  1.00 0.52 ? 2  DDA C C3     2 
HETATM 1083 C  C4     . DDA C 2 . ? -3.729  8.167   -10.324 1.00 0.61 ? 2  DDA C C4     2 
HETATM 1084 C  C5     . DDA C 2 . ? -2.417  7.474   -10.709 1.00 0.68 ? 2  DDA C C5     2 
HETATM 1085 C  C6     . DDA C 2 . ? -2.295  7.190   -12.199 1.00 0.86 ? 2  DDA C C6     2 
HETATM 1086 O  O5     . DDA C 2 . ? -1.312  8.283   -10.301 1.00 0.64 ? 2  DDA C O5     2 
HETATM 1087 O  O3     . DDA C 2 . ? -4.896  9.179   -8.470  1.00 0.56 ? 2  DDA C O3     2 
HETATM 1088 O  O4     . DDA C 2 . ? -4.830  7.348   -10.660 1.00 0.67 ? 2  DDA C O4     2 
HETATM 1089 H  H1     . DDA C 2 . ? -1.149  7.543   -8.401  1.00 0.51 ? 2  DDA C H1     2 
HETATM 1090 H  H21    . DDA C 2 . ? -2.533  10.238  -8.876  1.00 0.58 ? 2  DDA C H21    2 
HETATM 1091 H  H22    . DDA C 2 . ? -2.502  9.305   -7.332  1.00 0.49 ? 2  DDA C H22    2 
HETATM 1092 H  H3     . DDA C 2 . ? -3.711  7.508   -8.261  1.00 0.55 ? 2  DDA C H3     2 
HETATM 1093 H  H4     . DDA C 2 . ? -3.801  9.119   -10.867 1.00 0.65 ? 2  DDA C H4     2 
HETATM 1094 H  H5     . DDA C 2 . ? -2.348  6.510   -10.185 1.00 0.69 ? 2  DDA C H5     2 
HETATM 1095 H  H61    . DDA C 2 . ? -3.119  6.536   -12.518 1.00 0.93 ? 2  DDA C H61    2 
HETATM 1096 H  H62    . DDA C 2 . ? -1.340  6.682   -12.390 1.00 0.92 ? 2  DDA C H62    2 
HETATM 1097 H  H63    . DDA C 2 . ? -2.328  8.129   -12.767 1.00 0.94 ? 2  DDA C H63    2 
HETATM 1098 H  HO3    . DDA C 2 . ? -4.911  10.009  -8.953  1.00 0.60 ? 2  DDA C HO3    2 
HETATM 1099 H  HO4    . DDA C 2 . ? -5.638  7.763   -10.349 1.00 0.88 ? 2  DDA C HO4    2 
HETATM 1100 C  C1     . DDA D 3 . ? 6.897   -1.632  -1.655  1.00 0.29 ? 1  DDA D C1     2 
HETATM 1101 C  C2     . DDA D 3 . ? 6.400   -3.063  -1.648  1.00 0.35 ? 1  DDA D C2     2 
HETATM 1102 C  C3     . DDA D 3 . ? 6.806   -3.805  -0.412  1.00 0.32 ? 1  DDA D C3     2 
HETATM 1103 C  C4     . DDA D 3 . ? 8.296   -3.602  -0.093  1.00 0.26 ? 1  DDA D C4     2 
HETATM 1104 C  C5     . DDA D 3 . ? 8.694   -2.123  -0.105  1.00 0.26 ? 1  DDA D C5     2 
HETATM 1105 C  C6     . DDA D 3 . ? 10.296  -1.810  0.101   1.00 0.30 ? 1  DDA D C6     2 
HETATM 1106 O  O5     . DDA D 3 . ? 8.302   -1.569  -1.365  1.00 0.25 ? 1  DDA D O5     2 
HETATM 1107 O  O1     . DDA D 3 . ? 6.601   -1.024  -2.919  1.00 0.26 ? 1  DDA D O1     2 
HETATM 1108 O  O3     . DDA D 3 . ? 6.513   -5.184  -0.643  1.00 0.31 ? 1  DDA D O3     2 
HETATM 1109 O  O4     . DDA D 3 . ? 8.621   -4.176  1.154   1.00 0.34 ? 1  DDA D O4     2 
HETATM 1110 H  H1     . DDA D 3 . ? 6.353   -1.108  -0.857  1.00 0.33 ? 1  DDA D H1     2 
HETATM 1111 H  H21    . DDA D 3 . ? 6.704   -3.611  -2.551  1.00 0.38 ? 1  DDA D H21    2 
HETATM 1112 H  H22    . DDA D 3 . ? 5.301   -3.066  -1.629  1.00 0.50 ? 1  DDA D H22    2 
HETATM 1113 H  H3     . DDA D 3 . ? 6.170   -3.391  0.384   1.00 0.41 ? 1  DDA D H3     2 
HETATM 1114 H  H4     . DDA D 3 . ? 8.835   -4.124  -0.896  1.00 0.29 ? 1  DDA D H4     2 
HETATM 1115 H  H5     . DDA D 3 . ? 7.954   -1.751  0.618   1.00 0.31 ? 1  DDA D H5     2 
HETATM 1116 H  H61    . DDA D 3 . ? 10.788  -2.276  0.968   1.00 0.34 ? 1  DDA D H61    2 
HETATM 1117 H  H62    . DDA D 3 . ? 10.590  -0.750  0.124   1.00 0.37 ? 1  DDA D H62    2 
HETATM 1118 H  H63    . DDA D 3 . ? 10.901  -2.149  -0.752  1.00 0.31 ? 1  DDA D H63    2 
HETATM 1119 H  HO4    . DDA D 3 . ? 8.122   -3.735  1.846   1.00 0.39 ? 1  DDA D HO4    2 
HETATM 1120 C  C1     . DDL D 3 . ? 6.080   -5.981  0.455   1.00 0.29 ? 2  DDL D C1     2 
HETATM 1121 C  C2     . DDL D 3 . ? 5.264   -7.137  -0.140  1.00 0.27 ? 2  DDL D C2     2 
HETATM 1122 C  C3     . DDL D 3 . ? 4.862   -8.103  1.024   1.00 0.28 ? 2  DDL D C3     2 
HETATM 1123 C  C4     . DDL D 3 . ? 6.129   -8.554  1.746   1.00 0.32 ? 2  DDL D C4     2 
HETATM 1124 C  C5     . DDL D 3 . ? 6.921   -7.374  2.260   1.00 0.35 ? 2  DDL D C5     2 
HETATM 1125 C  C6     . DDL D 3 . ? 8.250   -7.771  2.946   1.00 0.46 ? 2  DDL D C6     2 
HETATM 1126 O  O5     . DDL D 3 . ? 7.210   -6.486  1.177   1.00 0.37 ? 2  DDL D O5     2 
HETATM 1127 O  O3     . DDL D 3 . ? 4.173   -9.260  0.532   1.00 0.32 ? 2  DDL D O3     2 
HETATM 1128 O  O4     . DDL D 3 . ? 6.930   -9.364  0.907   1.00 0.37 ? 2  DDL D O4     2 
HETATM 1129 H  H1     . DDL D 3 . ? 5.470   -5.376  1.139   1.00 0.27 ? 2  DDL D H1     2 
HETATM 1130 H  H2     . DDL D 3 . ? 5.936   -7.641  -0.847  1.00 0.31 ? 2  DDL D H2     2 
HETATM 1131 H  H22    . DDL D 3 . ? 4.369   -6.692  -0.596  1.00 0.28 ? 2  DDL D H22    2 
HETATM 1132 H  H3     . DDL D 3 . ? 4.221   -7.639  1.786   1.00 0.28 ? 2  DDL D H3     2 
HETATM 1133 H  H4     . DDL D 3 . ? 5.825   -9.099  2.650   1.00 0.35 ? 2  DDL D H4     2 
HETATM 1134 H  H5     . DDL D 3 . ? 6.246   -6.873  2.968   1.00 0.35 ? 2  DDL D H5     2 
HETATM 1135 H  H61    . DDL D 3 . ? 8.093   -8.468  3.780   1.00 0.49 ? 2  DDL D H61    2 
HETATM 1136 H  H62    . DDL D 3 . ? 8.780   -6.889  3.328   1.00 0.52 ? 2  DDL D H62    2 
HETATM 1137 H  H63    . DDL D 3 . ? 8.915   -8.264  2.220   1.00 0.49 ? 2  DDL D H63    2 
HETATM 1138 H  HO4    . DDL D 3 . ? 6.583   -9.332  0.011   1.00 0.68 ? 2  DDL D HO4    2 
HETATM 1139 C  C1     . MDA D 3 . ? 2.746   -9.173  0.531   1.00 0.29 ? 3  MDA D C1     2 
HETATM 1140 C  C2     . MDA D 3 . ? 2.181   -10.145 -0.500  1.00 0.33 ? 3  MDA D C2     2 
HETATM 1141 C  C3     . MDA D 3 . ? 0.639   -10.116 -0.526  1.00 0.35 ? 3  MDA D C3     2 
HETATM 1142 C  C4     . MDA D 3 . ? 0.135   -10.401 0.904   1.00 0.31 ? 3  MDA D C4     2 
HETATM 1143 C  C5     . MDA D 3 . ? 0.770   -9.406  1.892   1.00 0.27 ? 3  MDA D C5     2 
HETATM 1144 C  C6     . MDA D 3 . ? 0.345   -9.735  3.361   1.00 0.27 ? 3  MDA D C6     2 
HETATM 1145 C  "C3'"  . MDA D 3 . ? 0.062   -11.171 -1.492  1.00 0.42 ? 3  MDA D "C3'"  2 
HETATM 1146 O  O5     . MDA D 3 . ? 2.197   -9.484  1.814   1.00 0.28 ? 3  MDA D O5     2 
HETATM 1147 O  O3     . MDA D 3 . ? 0.209   -8.832  -0.932  1.00 0.37 ? 3  MDA D O3     2 
HETATM 1148 O  O4     . MDA D 3 . ? -1.275  -10.282 0.952   1.00 0.36 ? 3  MDA D O4     2 
HETATM 1149 H  H1     . MDA D 3 . ? 2.484   -8.142  0.256   1.00 0.29 ? 3  MDA D H1     2 
HETATM 1150 H  H2     . MDA D 3 . ? 2.507   -11.160 -0.236  1.00 0.34 ? 3  MDA D H2     2 
HETATM 1151 H  H22    . MDA D 3 . ? 2.592   -9.839  -1.472  1.00 0.35 ? 3  MDA D H22    2 
HETATM 1152 H  H4     . MDA D 3 . ? 0.403   -11.426 1.194   1.00 0.33 ? 3  MDA D H4     2 
HETATM 1153 H  H5     . MDA D 3 . ? 0.500   -8.397  1.551   1.00 0.28 ? 3  MDA D H5     2 
HETATM 1154 H  H61    . MDA D 3 . ? -0.744  -9.696  3.501   1.00 0.30 ? 3  MDA D H61    2 
HETATM 1155 H  H62    . MDA D 3 . ? 0.820   -9.076  4.101   1.00 0.30 ? 3  MDA D H62    2 
HETATM 1156 H  H63    . MDA D 3 . ? 0.662   -10.757 3.609   1.00 0.31 ? 3  MDA D H63    2 
HETATM 1157 H  "H3'1" . MDA D 3 . ? 0.353   -10.979 -2.534  1.00 0.48 ? 3  MDA D "H3'1" 2 
HETATM 1158 H  "H3'2" . MDA D 3 . ? -1.036  -11.159 -1.449  1.00 0.44 ? 3  MDA D "H3'2" 2 
HETATM 1159 H  "H3'3" . MDA D 3 . ? 0.406   -12.173 -1.201  1.00 0.42 ? 3  MDA D "H3'3" 2 
HETATM 1160 H  HO3    . MDA D 3 . ? 0.555   -8.169  -0.331  1.00 0.34 ? 3  MDA D HO3    2 
HETATM 1161 H  HO4    . MDA D 3 . ? -1.544  -9.413  0.648   1.00 0.40 ? 3  MDA D HO4    2 
HETATM 1162 C  C1     . DDA E 2 . ? 4.647   -6.707  5.426   1.00 0.35 ? 1  DDA E C1     2 
HETATM 1163 C  C2     . DDA E 2 . ? 3.743   -7.602  6.268   1.00 0.36 ? 1  DDA E C2     2 
HETATM 1164 C  C3     . DDA E 2 . ? 4.339   -7.828  7.665   1.00 0.43 ? 1  DDA E C3     2 
HETATM 1165 C  C4     . DDA E 2 . ? 5.771   -8.337  7.549   1.00 0.47 ? 1  DDA E C4     2 
HETATM 1166 C  C5     . DDA E 2 . ? 6.529   -7.282  6.752   1.00 0.44 ? 1  DDA E C5     2 
HETATM 1167 C  C6     . DDA E 2 . ? 8.054   -7.552  6.696   1.00 0.48 ? 1  DDA E C6     2 
HETATM 1168 O  O5     . DDA E 2 . ? 5.975   -7.235  5.436   1.00 0.37 ? 1  DDA E O5     2 
HETATM 1169 O  O1     . DDA E 2 . ? 4.099   -6.599  4.102   1.00 0.34 ? 1  DDA E O1     2 
HETATM 1170 O  O3     . DDA E 2 . ? 3.566   -8.780  8.409   1.00 0.47 ? 1  DDA E O3     2 
HETATM 1171 O  O4     . DDA E 2 . ? 6.335   -8.499  8.836   1.00 0.55 ? 1  DDA E O4     2 
HETATM 1172 H  H1     . DDA E 2 . ? 4.722   -5.710  5.881   1.00 0.38 ? 1  DDA E H1     2 
HETATM 1173 H  H21    . DDA E 2 . ? 3.608   -8.558  5.745   1.00 0.36 ? 1  DDA E H21    2 
HETATM 1174 H  H22    . DDA E 2 . ? 2.749   -7.139  6.340   1.00 0.35 ? 1  DDA E H22    2 
HETATM 1175 H  H3     . DDA E 2 . ? 4.382   -6.878  8.217   1.00 0.44 ? 1  DDA E H3     2 
HETATM 1176 H  H4     . DDA E 2 . ? 5.786   -9.296  7.013   1.00 0.48 ? 1  DDA E H4     2 
HETATM 1177 H  H5     . DDA E 2 . ? 6.275   -6.309  7.197   1.00 0.44 ? 1  DDA E H5     2 
HETATM 1178 H  H61    . DDA E 2 . ? 8.492   -7.573  7.704   1.00 0.52 ? 1  DDA E H61    2 
HETATM 1179 H  H62    . DDA E 2 . ? 8.581   -6.787  6.108   1.00 0.51 ? 1  DDA E H62    2 
HETATM 1180 H  H63    . DDA E 2 . ? 8.241   -8.531  6.234   1.00 0.50 ? 1  DDA E H63    2 
HETATM 1181 H  HO4    . DDA E 2 . ? 7.226   -8.845  8.753   1.00 0.66 ? 1  DDA E HO4    2 
HETATM 1182 C  C1     . DDA E 2 . ? 2.272   -8.352  8.846   1.00 0.41 ? 2  DDA E C1     2 
HETATM 1183 C  C2     . DDA E 2 . ? 1.235   -9.416  8.501   1.00 0.40 ? 2  DDA E C2     2 
HETATM 1184 C  C3     . DDA E 2 . ? -0.134  -9.032  9.031   1.00 0.39 ? 2  DDA E C3     2 
HETATM 1185 C  C4     . DDA E 2 . ? -0.056  -8.733  10.527  1.00 0.45 ? 2  DDA E C4     2 
HETATM 1186 C  C5     . DDA E 2 . ? 1.023   -7.676  10.788  1.00 0.56 ? 2  DDA E C5     2 
HETATM 1187 C  C6     . DDA E 2 . ? 1.206   -7.345  12.261  1.00 0.75 ? 2  DDA E C6     2 
HETATM 1188 O  O5     . DDA E 2 . ? 2.270   -8.127  10.256  1.00 0.54 ? 2  DDA E O5     2 
HETATM 1189 O  O3     . DDA E 2 . ? -1.054  -10.075 8.786   1.00 0.45 ? 2  DDA E O3     2 
HETATM 1190 O  O4     . DDA E 2 . ? -1.311  -8.275  10.986  1.00 0.51 ? 2  DDA E O4     2 
HETATM 1191 H  H1     . DDA E 2 . ? 2.012   -7.401  8.361   1.00 0.41 ? 2  DDA E H1     2 
HETATM 1192 H  H21    . DDA E 2 . ? 1.547   -10.379 8.933   1.00 0.52 ? 2  DDA E H21    2 
HETATM 1193 H  H22    . DDA E 2 . ? 1.142   -9.501  7.409   1.00 0.42 ? 2  DDA E H22    2 
HETATM 1194 H  H3     . DDA E 2 . ? -0.446  -8.131  8.483   1.00 0.41 ? 2  DDA E H3     2 
HETATM 1195 H  H4     . DDA E 2 . ? 0.214   -9.657  11.060  1.00 0.52 ? 2  DDA E H4     2 
HETATM 1196 H  H5     . DDA E 2 . ? 0.748   -6.744  10.274  1.00 0.61 ? 2  DDA E H5     2 
HETATM 1197 H  H61    . DDA E 2 . ? 0.263   -6.961  12.673  1.00 0.81 ? 2  DDA E H61    2 
HETATM 1198 H  H62    . DDA E 2 . ? 1.982   -6.573  12.360  1.00 0.85 ? 2  DDA E H62    2 
HETATM 1199 H  H63    . DDA E 2 . ? 1.513   -8.243  12.816  1.00 0.82 ? 2  DDA E H63    2 
HETATM 1200 H  HO3    . DDA E 2 . ? -0.773  -10.864 9.255   1.00 0.49 ? 2  DDA E HO3    2 
HETATM 1201 H  HO4    . DDA E 2 . ? -1.986  -8.917  10.755  1.00 0.78 ? 2  DDA E HO4    2 
HETATM 1202 C  C1     . DDA F 3 . ? 6.235   3.644   0.973   1.00 0.30 ? 1  DDA F C1     2 
HETATM 1203 C  C2     . DDA F 3 . ? 5.337   4.862   1.039   1.00 0.35 ? 1  DDA F C2     2 
HETATM 1204 C  C3     . DDA F 3 . ? 5.375   5.672   -0.220  1.00 0.31 ? 1  DDA F C3     2 
HETATM 1205 C  C4     . DDA F 3 . ? 6.816   5.917   -0.693  1.00 0.28 ? 1  DDA F C4     2 
HETATM 1206 C  C5     . DDA F 3 . ? 7.635   4.624   -0.745  1.00 0.27 ? 1  DDA F C5     2 
HETATM 1207 C  C6     . DDA F 3 . ? 9.230   4.798   -1.120  1.00 0.32 ? 1  DDA F C6     2 
HETATM 1208 O  O5     . DDA F 3 . ? 7.556   3.998   0.540   1.00 0.26 ? 1  DDA F O5     2 
HETATM 1209 O  O1     . DDA F 3 . ? 6.263   2.997   2.250   1.00 0.28 ? 1  DDA F O1     2 
HETATM 1210 O  O3     . DDA F 3 . ? 4.709   6.905   0.061   1.00 0.31 ? 1  DDA F O3     2 
HETATM 1211 O  O4     . DDA F 3 . ? 6.827   6.542   -1.958  1.00 0.35 ? 1  DDA F O4     2 
HETATM 1212 H  H1     . DDA F 3 . ? 5.792   2.970   0.227   1.00 0.34 ? 1  DDA F H1     2 
HETATM 1213 H  H21    . DDA F 3 . ? 5.553   5.490   1.915   1.00 0.38 ? 1  DDA F H21    2 
HETATM 1214 H  H22    . DDA F 3 . ? 4.290   4.538   1.133   1.00 0.45 ? 1  DDA F H22    2 
HETATM 1215 H  H3     . DDA F 3 . ? 4.812   5.078   -0.953  1.00 0.39 ? 1  DDA F H3     2 
HETATM 1216 H  H4     . DDA F 3 . ? 7.256   6.587   0.058   1.00 0.31 ? 1  DDA F H4     2 
HETATM 1217 H  H5     . DDA F 3 . ? 6.970   4.037   -1.395  1.00 0.30 ? 1  DDA F H5     2 
HETATM 1218 H  H61    . DDA F 3 . ? 9.468   5.376   -2.023  1.00 0.35 ? 1  DDA F H61    2 
HETATM 1219 H  H62    . DDA F 3 . ? 9.820   3.874   -1.189  1.00 0.37 ? 1  DDA F H62    2 
HETATM 1220 H  H63    . DDA F 3 . ? 9.790   5.316   -0.327  1.00 0.35 ? 1  DDA F H63    2 
HETATM 1221 H  HO4    . DDA F 3 . ? 6.415   5.962   -2.602  1.00 0.41 ? 1  DDA F HO4    2 
HETATM 1222 C  C1     . DDL F 3 . ? 3.950   7.520   -0.975  1.00 0.28 ? 2  DDL F C1     2 
HETATM 1223 C  C2     . DDL F 3 . ? 2.893   8.391   -0.282  1.00 0.25 ? 2  DDL F C2     2 
HETATM 1224 C  C3     . DDL F 3 . ? 2.107   9.175   -1.384  1.00 0.25 ? 2  DDL F C3     2 
HETATM 1225 C  C4     . DDL F 3 . ? 3.100   9.972   -2.224  1.00 0.27 ? 2  DDL F C4     2 
HETATM 1226 C  C5     . DDL F 3 . ? 4.150   9.073   -2.833  1.00 0.32 ? 2  DDL F C5     2 
HETATM 1227 C  C6     . DDL F 3 . ? 5.225   9.838   -3.645  1.00 0.41 ? 2  DDL F C6     2 
HETATM 1228 O  O5     . DDL F 3 . ? 4.799   8.329   -1.800  1.00 0.35 ? 2  DDL F O5     2 
HETATM 1229 O  O3     . DDL F 3 . ? 1.157   10.083  -0.806  1.00 0.28 ? 2  DDL F O3     2 
HETATM 1230 O  O4     . DDL F 3 . ? 3.706   10.997  -1.456  1.00 0.35 ? 2  DDL F O4     2 
HETATM 1231 H  H1     . DDL F 3 . ? 3.481   6.751   -1.604  1.00 0.29 ? 2  DDL F H1     2 
HETATM 1232 H  H2     . DDL F 3 . ? 3.454   9.084   0.360   1.00 0.29 ? 2  DDL F H2     2 
HETATM 1233 H  H22    . DDL F 3 . ? 2.222   7.706   0.254   1.00 0.27 ? 2  DDL F H22    2 
HETATM 1234 H  H3     . DDL F 3 . ? 1.556   8.530   -2.083  1.00 0.25 ? 2  DDL F H3     2 
HETATM 1235 H  H4     . DDL F 3 . ? 2.556   10.390  -3.082  1.00 0.28 ? 2  DDL F H4     2 
HETATM 1236 H  H5     . DDL F 3 . ? 3.586   8.383   -3.477  1.00 0.31 ? 2  DDL F H5     2 
HETATM 1237 H  H61    . DDL F 3 . ? 4.783   10.443  -4.450  1.00 0.43 ? 2  DDL F H61    2 
HETATM 1238 H  H62    . DDL F 3 . ? 5.949   9.146   -4.094  1.00 0.45 ? 2  DDL F H62    2 
HETATM 1239 H  H63    . DDL F 3 . ? 5.782   10.517  -2.985  1.00 0.45 ? 2  DDL F H63    2 
HETATM 1240 H  HO4    . DDL F 3 . ? 3.476   10.877  -0.532  1.00 0.63 ? 2  DDL F HO4    2 
HETATM 1241 C  C1     . MDA F 3 . ? -0.170  9.577   -0.660  1.00 0.25 ? 3  MDA F C1     2 
HETATM 1242 C  C2     . MDA F 3 . ? -0.892  10.352  0.438   1.00 0.29 ? 3  MDA F C2     2 
HETATM 1243 C  C3     . MDA F 3 . ? -2.344  9.867   0.620   1.00 0.32 ? 3  MDA F C3     2 
HETATM 1244 C  C4     . MDA F 3 . ? -3.054  9.966   -0.747  1.00 0.26 ? 3  MDA F C4     2 
HETATM 1245 C  C5     . MDA F 3 . ? -2.256  9.190   -1.811  1.00 0.25 ? 3  MDA F C5     2 
HETATM 1246 C  C6     . MDA F 3 . ? -2.906  9.354   -3.221  1.00 0.30 ? 3  MDA F C6     2 
HETATM 1247 C  "C3'"  . MDA F 3 . ? -3.106  10.718  1.656   1.00 0.40 ? 3  MDA F "C3'"  2 
HETATM 1248 O  O5     . MDA F 3 . ? -0.916  9.689   -1.876  1.00 0.23 ? 3  MDA F O5     2 
HETATM 1249 O  O3     . MDA F 3 . ? -2.330  8.520   1.048   1.00 0.40 ? 3  MDA F O3     2 
HETATM 1250 O  O4     . MDA F 3 . ? -4.361  9.433   -0.653  1.00 0.32 ? 3  MDA F O4     2 
HETATM 1251 H  H1     . MDA F 3 . ? -0.085  8.519   -0.377  1.00 0.27 ? 3  MDA F H1     2 
HETATM 1252 H  H2     . MDA F 3 . ? -0.909  11.415  0.157   1.00 0.31 ? 3  MDA F H2     2 
HETATM 1253 H  H22    . MDA F 3 . ? -0.312  10.197  1.359   1.00 0.34 ? 3  MDA F H22    2 
HETATM 1254 H  H4     . MDA F 3 . ? -3.132  11.021  -1.046  1.00 0.25 ? 3  MDA F H4     2 
HETATM 1255 H  H5     . MDA F 3 . ? -2.178  8.152   -1.459  1.00 0.30 ? 3  MDA F H5     2 
HETATM 1256 H  H61    . MDA F 3 . ? -3.942  8.991   -3.252  1.00 0.41 ? 3  MDA F H61    2 
HETATM 1257 H  H62    . MDA F 3 . ? -2.336  8.855   -4.019  1.00 0.33 ? 3  MDA F H62    2 
HETATM 1258 H  H63    . MDA F 3 . ? -2.935  10.421  -3.485  1.00 0.31 ? 3  MDA F H63    2 
HETATM 1259 H  "H3'1" . MDA F 3 . ? -2.667  10.636  2.661   1.00 0.42 ? 3  MDA F "H3'1" 2 
HETATM 1260 H  "H3'2" . MDA F 3 . ? -4.149  10.379  1.726   1.00 0.43 ? 3  MDA F "H3'2" 2 
HETATM 1261 H  "H3'3" . MDA F 3 . ? -3.106  11.774  1.346   1.00 0.39 ? 3  MDA F "H3'3" 2 
HETATM 1262 H  HO3    . MDA F 3 . ? -1.865  7.979   0.406   1.00 0.38 ? 3  MDA F HO3    2 
HETATM 1263 H  HO4    . MDA F 3 . ? -4.328  8.527   -0.335  1.00 0.45 ? 3  MDA F HO4    2 
HETATM 1264 MG MG     . MG  G 4 . ? 2.783   0.431   -0.141  1.00 0.23 ? 13 MG  A MG     2 
HETATM 1265 C  C1     . CRH H 5 . ? 5.164   0.846   -2.472  1.00 0.22 ? 9  CRH A C1     2 
HETATM 1266 C  C2     . CRH H 5 . ? 6.555   0.402   -2.935  1.00 0.21 ? 9  CRH A C2     2 
HETATM 1267 C  C3     . CRH H 5 . ? 6.932   1.067   -4.257  1.00 0.15 ? 9  CRH A C3     2 
HETATM 1268 C  C4     . CRH H 5 . ? 6.752   2.562   -4.097  1.00 0.18 ? 9  CRH A C4     2 
HETATM 1269 C  C5     . CRH H 5 . ? 3.178   5.756   -4.213  1.00 0.28 ? 9  CRH A C5     2 
HETATM 1270 C  C6     . CRH H 5 . ? 1.960   6.267   -3.849  1.00 0.29 ? 9  CRH A C6     2 
HETATM 1271 C  C7     . CRH H 5 . ? 1.167   5.534   -2.990  1.00 0.24 ? 9  CRH A C7     2 
HETATM 1272 C  C8     . CRH H 5 . ? 1.602   4.307   -2.519  1.00 0.23 ? 9  CRH A C8     2 
HETATM 1273 C  C9     . CRH H 5 . ? 3.336   2.522   -2.459  1.00 0.19 ? 9  CRH A C9     2 
HETATM 1274 C  C10    . CRH H 5 . ? 4.839   4.083   -4.147  1.00 0.22 ? 9  CRH A C10    2 
HETATM 1275 C  C11    . CRH H 5 . ? 3.615   4.536   -3.742  1.00 0.22 ? 9  CRH A C11    2 
HETATM 1276 C  C12    . CRH H 5 . ? 2.841   3.769   -2.889  1.00 0.20 ? 9  CRH A C12    2 
HETATM 1277 C  C13    . CRH H 5 . ? 4.599   2.063   -2.869  1.00 0.17 ? 9  CRH A C13    2 
HETATM 1278 C  C14    . CRH H 5 . ? 5.322   2.877   -3.723  1.00 0.17 ? 9  CRH A C14    2 
HETATM 1279 C  C15    . CRH H 5 . ? -0.251  6.024   -2.718  1.00 0.32 ? 9  CRH A C15    2 
HETATM 1280 O  O1     . CRH H 5 . ? 4.535   0.108   -1.721  1.00 0.29 ? 9  CRH A O1     2 
HETATM 1281 O  O8     . CRH H 5 . ? 0.732   3.681   -1.645  1.00 0.30 ? 9  CRH A O8     2 
HETATM 1282 O  O9     . CRH H 5 . ? 2.474   1.723   -1.709  1.00 0.28 ? 9  CRH A O9     2 
HETATM 1283 C  "C1'"  . CRH H 5 . ? 8.346   0.641   -4.669  1.00 0.18 ? 9  CRH A "C1'"  2 
HETATM 1284 C  "C2'"  . CRH H 5 . ? 8.538   0.878   -6.163  1.00 0.19 ? 9  CRH A "C2'"  2 
HETATM 1285 C  "C3'"  . CRH H 5 . ? 7.987   -0.148  -7.155  1.00 0.37 ? 9  CRH A "C3'"  2 
HETATM 1286 C  "C4'"  . CRH H 5 . ? 6.662   0.330   -7.790  1.00 0.53 ? 9  CRH A "C4'"  2 
HETATM 1287 C  C1M    . CRH H 5 . ? 10.567  0.340   -3.693  1.00 0.36 ? 9  CRH A C1M    2 
HETATM 1288 C  C4M    . CRH H 5 . ? 6.737   1.598   -8.647  1.00 0.61 ? 9  CRH A C4M    2 
HETATM 1289 O  "O1'"  . CRH H 5 . ? 9.421   1.160   -3.887  1.00 0.29 ? 9  CRH A "O1'"  2 
HETATM 1290 O  "O2'"  . CRH H 5 . ? 9.093   1.901   -6.566  1.00 0.33 ? 9  CRH A "O2'"  2 
HETATM 1291 O  "O3'"  . CRH H 5 . ? 7.628   -1.375  -6.519  1.00 0.57 ? 9  CRH A "O3'"  2 
HETATM 1292 O  "O4'"  . CRH H 5 . ? 6.238   -0.674  -8.704  1.00 0.76 ? 9  CRH A "O4'"  2 
HETATM 1293 H  H21    . CRH H 5 . ? 7.271   0.737   -2.201  1.00 0.25 ? 9  CRH A H21    2 
HETATM 1294 H  H3     . CRH H 5 . ? 6.254   0.671   -4.998  1.00 0.22 ? 9  CRH A H3     2 
HETATM 1295 H  H41    . CRH H 5 . ? 6.991   3.110   -4.998  1.00 0.25 ? 9  CRH A H41    2 
HETATM 1296 H  H42    . CRH H 5 . ? 7.407   2.957   -3.335  1.00 0.23 ? 9  CRH A H42    2 
HETATM 1297 H  H5     . CRH H 5 . ? 3.788   6.330   -4.894  1.00 0.34 ? 9  CRH A H5     2 
HETATM 1298 H  H10    . CRH H 5 . ? 5.442   4.685   -4.810  1.00 0.29 ? 9  CRH A H10    2 
HETATM 1299 H  H151   . CRH H 5 . ? -0.552  5.687   -1.739  1.00 0.43 ? 9  CRH A H151   2 
HETATM 1300 H  H152   . CRH H 5 . ? -0.903  5.619   -3.478  1.00 0.38 ? 9  CRH A H152   2 
HETATM 1301 H  H153   . CRH H 5 . ? -0.222  7.103   -2.755  1.00 0.32 ? 9  CRH A H153   2 
HETATM 1302 H  HO8    . CRH H 5 . ? 1.088   2.885   -1.261  1.00 0.40 ? 9  CRH A HO8    2 
HETATM 1303 H  "H1'"  . CRH H 5 . ? 8.352   -0.433  -4.553  1.00 0.24 ? 9  CRH A "H1'"  2 
HETATM 1304 H  "H3'"  . CRH H 5 . ? 8.747   -0.335  -7.898  1.00 0.42 ? 9  CRH A "H3'"  2 
HETATM 1305 H  "H4'"  . CRH H 5 . ? 5.932   0.464   -7.005  1.00 0.58 ? 9  CRH A "H4'"  2 
HETATM 1306 H  "H1'1" . CRH H 5 . ? 10.848  -0.161  -4.607  1.00 0.94 ? 9  CRH A "H1'1" 2 
HETATM 1307 H  "H1'2" . CRH H 5 . ? 10.376  -0.375  -2.906  1.00 0.81 ? 9  CRH A "H1'2" 2 
HETATM 1308 H  "H1'3" . CRH H 5 . ? 11.391  0.981   -3.416  1.00 0.99 ? 9  CRH A "H1'3" 2 
HETATM 1309 H  "H4'1" . CRH H 5 . ? 7.450   1.451   -9.446  1.00 0.61 ? 9  CRH A "H4'1" 2 
HETATM 1310 H  "H4'2" . CRH H 5 . ? 7.044   2.436   -8.038  1.00 0.61 ? 9  CRH A "H4'2" 2 
HETATM 1311 H  "H4'3" . CRH H 5 . ? 5.764   1.800   -9.067  1.00 0.77 ? 9  CRH A "H4'3" 2 
HETATM 1312 H  HO3    . CRH H 5 . ? 7.007   -1.188  -5.814  1.00 0.56 ? 9  CRH A HO3    2 
HETATM 1313 H  HO4    . CRH H 5 . ? 5.326   -0.456  -8.902  1.00 0.84 ? 9  CRH A HO4    2 
HETATM 1314 C  C1     . CRH I 5 . ? 5.409   0.776   1.924   1.00 0.20 ? 3  CRH B C1     2 
HETATM 1315 C  C2     . CRH I 5 . ? 6.643   1.621   2.250   1.00 0.22 ? 3  CRH B C2     2 
HETATM 1316 C  C3     . CRH I 5 . ? 7.334   1.119   3.514   1.00 0.19 ? 3  CRH B C3     2 
HETATM 1317 C  C4     . CRH I 5 . ? 7.592   -0.365  3.352   1.00 0.18 ? 3  CRH B C4     2 
HETATM 1318 C  C5     . CRH I 5 . ? 5.161   -4.474  3.783   1.00 0.29 ? 3  CRH B C5     2 
HETATM 1319 C  C6     . CRH I 5 . ? 4.118   -5.330  3.536   1.00 0.32 ? 3  CRH B C6     2 
HETATM 1320 C  C7     . CRH I 5 . ? 3.061   -4.879  2.775   1.00 0.25 ? 3  CRH B C7     2 
HETATM 1321 C  C8     . CRH I 5 . ? 3.061   -3.585  2.279   1.00 0.20 ? 3  CRH B C8     2 
HETATM 1322 C  C9     . CRH I 5 . ? 4.170   -1.368  2.071   1.00 0.17 ? 3  CRH B C9     2 
HETATM 1323 C  C10    . CRH I 5 . ? 6.233   -2.384  3.574   1.00 0.22 ? 3  CRH B C10    2 
HETATM 1324 C  C11    . CRH I 5 . ? 5.164   -3.188  3.288   1.00 0.21 ? 3  CRH B C11    2 
HETATM 1325 C  C12    . CRH I 5 . ? 4.116   -2.697  2.530   1.00 0.17 ? 3  CRH B C12    2 
HETATM 1326 C  C13    . CRH I 5 . ? 5.274   -0.546  2.357   1.00 0.17 ? 3  CRH B C13    2 
HETATM 1327 C  C14    . CRH I 5 . ? 6.289   -1.097  3.120   1.00 0.18 ? 3  CRH B C14    2 
HETATM 1328 C  C15    . CRH I 5 . ? 1.832   -5.772  2.641   1.00 0.29 ? 3  CRH B C15    2 
HETATM 1329 O  O1     . CRH I 5 . ? 4.517   1.282   1.251   1.00 0.25 ? 3  CRH B O1     2 
HETATM 1330 O  O8     . CRH I 5 . ? 1.960   -3.260  1.509   1.00 0.25 ? 3  CRH B O8     2 
HETATM 1331 O  O9     . CRH I 5 . ? 3.037   -0.872  1.426   1.00 0.24 ? 3  CRH B O9     2 
HETATM 1332 C  "C1'"  . CRH I 5 . ? 8.592   1.954   3.788   1.00 0.24 ? 3  CRH B "C1'"  2 
HETATM 1333 C  "C2'"  . CRH I 5 . ? 8.997   1.807   5.250   1.00 0.28 ? 3  CRH B "C2'"  2 
HETATM 1334 C  "C3'"  . CRH I 5 . ? 8.270   2.638   6.307   1.00 0.44 ? 3  CRH B "C3'"  2 
HETATM 1335 C  "C4'"  . CRH I 5 . ? 7.219   1.797   7.069   1.00 0.57 ? 3  CRH B "C4'"  2 
HETATM 1336 C  C1M    . CRH I 5 . ? 10.512  2.885   2.594   1.00 0.40 ? 3  CRH B C1M    2 
HETATM 1337 C  C4M    . CRH I 5 . ? 7.756   0.623   7.893   1.00 0.67 ? 3  CRH B C4M    2 
HETATM 1338 O  "O1'"  . CRH I 5 . ? 9.688   1.765   2.893   1.00 0.32 ? 3  CRH B "O1'"  2 
HETATM 1339 O  "O2'"  . CRH I 5 . ? 9.869   1.001   5.579   1.00 0.36 ? 3  CRH B "O2'"  2 
HETATM 1340 O  "O3'"  . CRH I 5 . ? 7.501   3.693   5.733   1.00 0.61 ? 3  CRH B "O3'"  2 
HETATM 1341 O  "O4'"  . CRH I 5 . ? 6.614   2.645   8.036   1.00 0.79 ? 3  CRH B "O4'"  2 
HETATM 1342 H  H21    . CRH I 5 . ? 7.348   1.504   1.440   1.00 0.25 ? 3  CRH B H21    2 
HETATM 1343 H  H3     . CRH I 5 . ? 6.649   1.309   4.327   1.00 0.24 ? 3  CRH B H3     2 
HETATM 1344 H  H41    . CRH I 5 . ? 8.073   -0.804  4.213   1.00 0.25 ? 3  CRH B H41    2 
HETATM 1345 H  H42    . CRH I 5 . ? 8.254   -0.559  2.520   1.00 0.23 ? 3  CRH B H42    2 
HETATM 1346 H  H5     . CRH I 5 . ? 5.977   -4.834  4.392   1.00 0.34 ? 3  CRH B H5     2 
HETATM 1347 H  H10    . CRH I 5 . ? 7.052   -2.771  4.163   1.00 0.28 ? 3  CRH B H10    2 
HETATM 1348 H  H151   . CRH I 5 . ? 1.346   -5.557  1.701   1.00 0.35 ? 3  CRH B H151   2 
HETATM 1349 H  H152   . CRH I 5 . ? 1.171   -5.568  3.469   1.00 0.31 ? 3  CRH B H152   2 
HETATM 1350 H  H153   . CRH I 5 . ? 2.184   -6.794  2.658   1.00 0.32 ? 3  CRH B H153   2 
HETATM 1351 H  HO8    . CRH I 5 . ? 2.022   -2.401  1.103   1.00 0.35 ? 3  CRH B HO8    2 
HETATM 1352 H  "H1'"  . CRH I 5 . ? 8.263   2.977   3.690   1.00 0.31 ? 3  CRH B "H1'"  2 
HETATM 1353 H  "H3'"  . CRH I 5 . ? 9.012   3.054   6.973   1.00 0.51 ? 3  CRH B "H3'"  2 
HETATM 1354 H  "H4'"  . CRH I 5 . ? 6.485   1.440   6.361   1.00 0.59 ? 3  CRH B "H4'"  2 
HETATM 1355 H  "H1'1" . CRH I 5 . ? 10.723  3.461   3.483   1.00 0.91 ? 3  CRH B "H1'1" 2 
HETATM 1356 H  "H1'2" . CRH I 5 . ? 10.037  3.498   1.842   1.00 0.87 ? 3  CRH B "H1'2" 2 
HETATM 1357 H  "H1'3" . CRH I 5 . ? 11.456  2.513   2.224   1.00 1.06 ? 3  CRH B "H1'3" 2 
HETATM 1358 H  "H4'1" . CRH I 5 . ? 8.471   0.987   8.616   1.00 0.72 ? 3  CRH B "H4'1" 2 
HETATM 1359 H  "H4'2" . CRH I 5 . ? 8.235   -0.095  7.244   1.00 0.65 ? 3  CRH B "H4'2" 2 
HETATM 1360 H  "H4'3" . CRH I 5 . ? 6.935   0.146   8.408   1.00 0.83 ? 3  CRH B "H4'3" 2 
HETATM 1361 H  HO3    . CRH I 5 . ? 6.893   3.318   5.092   1.00 0.59 ? 3  CRH B HO3    2 
HETATM 1362 H  HO4    . CRH I 5 . ? 5.833   2.168   8.324   1.00 0.88 ? 3  CRH B HO4    2 
# 
